data_8D4R
#
_entry.id   8D4R
#
_cell.length_a   125.474
_cell.length_b   125.474
_cell.length_c   315.834
_cell.angle_alpha   90.000
_cell.angle_beta   90.000
_cell.angle_gamma   120.000
#
_symmetry.space_group_name_H-M   'P 63'
#
loop_
_entity.id
_entity.type
_entity.pdbx_description
1 polymer 'Envelope glycoprotein gp120'
2 polymer 'Envelope glycoprotein gp41'
3 polymer '35O22 Fab heavy chain'
4 polymer '35O22 Fab light chain'
5 polymer 'PGT124 Fab light chain'
6 polymer 'PGT124 Fab heavy chain'
7 branched alpha-D-mannopyranose-(1-2)-alpha-D-mannopyranose-(1-2)-alpha-D-mannopyranose
8 branched alpha-D-mannopyranose-(1-3)-[alpha-D-mannopyranose-(1-6)]alpha-D-mannopyranose-(1-6)-beta-D-mannopyranose-(1-4)-2-acetamido-2-deoxy-beta-D-glucopyranose-(1-4)-2-acetamido-2-deoxy-beta-D-glucopyranose
9 branched alpha-D-mannopyranose-(1-3)-[alpha-D-mannopyranose-(1-6)]alpha-D-mannopyranose-(1-6)-[alpha-D-mannopyranose-(1-3)]beta-D-mannopyranose-(1-4)-2-acetamido-2-deoxy-beta-D-glucopyranose-(1-4)-2-acetamido-2-deoxy-beta-D-glucopyranose
10 branched 2-acetamido-2-deoxy-beta-D-glucopyranose-(1-4)-2-acetamido-2-deoxy-beta-D-glucopyranose
11 branched alpha-D-mannopyranose-(1-3)-[alpha-D-mannopyranose-(1-6)]beta-D-mannopyranose-(1-4)-2-acetamido-2-deoxy-beta-D-glucopyranose-(1-4)-2-acetamido-2-deoxy-beta-D-glucopyranose
12 branched alpha-D-mannopyranose-(1-3)-beta-D-mannopyranose-(1-4)-2-acetamido-2-deoxy-beta-D-glucopyranose-(1-4)-2-acetamido-2-deoxy-beta-D-glucopyranose
13 branched alpha-D-mannopyranose-(1-6)-beta-D-mannopyranose-(1-4)-2-acetamido-2-deoxy-beta-D-glucopyranose-(1-4)-2-acetamido-2-deoxy-beta-D-glucopyranose
14 non-polymer 2-acetamido-2-deoxy-beta-D-glucopyranose
#
loop_
_entity_poly.entity_id
_entity_poly.type
_entity_poly.pdbx_seq_one_letter_code
_entity_poly.pdbx_strand_id
1 'polypeptide(L)'
;VGNLWVTIYYGVPVWKDAETTLFCASDAVWATHCCVPTDPNPQEMVLENVTENFNMWKNDMVDQMHTDIISLWDQSLKPC
VKLTPLCVTLNCSNVQGEMKNCSFNITTELRDKKQKVYALFYKLDILPLNGSNEYRLINCNTSAITQACPFDPIPIHYCA
PAGYAILKCNNKTFNGTGPCNNVSTVQCTHGIKPVVSTQLLLNGSLAEEDIIIRSENLTNNVKTIIVHLNESVEINCTRP
NNNTRKSIRIGPGQWFYATGEIIGDIRQAHCNISEYKWNKTLQRVSEKLAEYFPNDTIKFAPSSGGDLEITTHSFNCRGE
FFYCNTSGLFNGTYNSTTESNATITIPCRIKQIINMWQRVGQAMYAPPIAGNITCKSNITGLLLTRDGKETFRPGGGDMR
DNWRSELYKYKVVEIKPLGIAPTRCKR
;
G
2 'polypeptide(L)'
;FLGFLGAAGSTMGAASMTLTVQARNLLSGIVQLQLTVWGIKQLQTRVLAIERYLRDQQLLGIWGCSGKLICCTNVPWNSS
WSNKSYDEIWDNMTWMQWDREISNYSDTIYRLLEESQNQQEKNEQDLLALD
;
B
3 'polypeptide(L)'
;EGQLVQSGAELKKPGASVKISCKTSGYRFNFYHINWIRQTAGRGPEWMGWISPYSGDKNLAPAFQDRVIMTTDTEVPVTS
FTSTGAAYMEIRNLKFDDTGTYFCAKGLLRDGSSTWLPYLWGQGTLLTVSSASTKGPSVFPLGCLVKDYFPEPVTVHTFP
AVLQSSGLYSLSSCNVNHKPSNTKVDK
;
D
4 'polypeptide(L)'
;SVLTQSASVSGSLGQSVTISCTGPNSVCCSHKSISWYQWPPGRAPTLIIYEDNERAPGISPRFSGYKSYWSAYLTISDLR
PEDETTYYCCSYTHNSGCVFGTGTKVSVLGQSKANPSVTLFPPSSEELQANKATLVCLISDFYPGAVTETTTPSKQSNNK
YAASSYLSLTPEQWKSHRSYSCQVTSTVEKTV
;
E
5 'polypeptide(L)'
;YVSPLSVALGETARISCGRQALGSRAVQWYQHKPGQAPILLIYNNQDRPSGIPERFSGTPDINFGTTATLTISGVEVGDE
ADYYCHMWDSRSGFSWSFGGATRLTVLSQPKAAPSVTLFPPSSEELQANKATLVCLISDFYPGAVTVAWKADSSPVKAGV
ETTTPSKQSNNKYAASSYLSLTPEQWKSHKSYSCQVTHEGSTVEKTVAPT
;
L
6 'polypeptide(L)'
;VQLQESGPGLVRPSETLSVTCIVSGGSISNYYWTWIRQSPGKGLEWIGYISDRETTTYNPSLNSRAVISRDTSKNQLSLQ
LRSVTTADTAIYFCATARRGQRIYGVVSFGEFFYYYYMDVWGKGTAVTVSSASTKGPSVFPLAPSGGTAALGCLVKDYFP
EPVTVSWNSGALTSGVHTFPAVLQSSGLYSLSSVVTVPSSSLGTQTYICNVNHKPSNTKVDKKVEP
;
H
#
# COMPACT_ATOMS: atom_id res chain seq x y z
N VAL A 1 -44.41 -47.16 27.69
CA VAL A 1 -43.29 -47.82 27.05
C VAL A 1 -42.37 -46.79 26.41
N GLY A 2 -42.73 -45.52 26.52
CA GLY A 2 -41.95 -44.44 25.95
C GLY A 2 -41.96 -44.43 24.44
N ASN A 3 -43.15 -44.52 23.85
CA ASN A 3 -43.27 -44.53 22.40
C ASN A 3 -43.00 -43.14 21.84
N LEU A 4 -42.16 -43.07 20.81
CA LEU A 4 -41.75 -41.81 20.22
C LEU A 4 -42.59 -41.50 18.99
N TRP A 5 -43.07 -40.26 18.89
CA TRP A 5 -43.83 -39.79 17.74
C TRP A 5 -43.14 -38.57 17.15
N VAL A 6 -43.27 -38.41 15.83
CA VAL A 6 -42.68 -37.27 15.15
C VAL A 6 -43.41 -35.99 15.55
N THR A 7 -42.65 -34.90 15.65
CA THR A 7 -43.21 -33.59 15.94
C THR A 7 -42.63 -32.56 14.99
N ILE A 8 -43.37 -31.47 14.79
CA ILE A 8 -43.04 -30.44 13.83
C ILE A 8 -42.49 -29.22 14.56
N TYR A 9 -41.42 -28.64 14.02
CA TYR A 9 -40.81 -27.43 14.56
C TYR A 9 -40.51 -26.48 13.40
N TYR A 10 -41.22 -25.37 13.35
CA TYR A 10 -41.03 -24.37 12.30
C TYR A 10 -40.22 -23.20 12.87
N GLY A 11 -39.04 -22.99 12.31
CA GLY A 11 -38.17 -21.92 12.77
C GLY A 11 -36.92 -22.41 13.47
N VAL A 12 -36.43 -23.58 13.05
CA VAL A 12 -35.25 -24.18 13.66
C VAL A 12 -34.00 -23.54 13.04
N PRO A 13 -32.95 -23.29 13.84
CA PRO A 13 -31.73 -22.71 13.26
C PRO A 13 -30.98 -23.70 12.39
N VAL A 14 -31.37 -23.81 11.12
CA VAL A 14 -30.73 -24.69 10.16
C VAL A 14 -30.51 -23.91 8.87
N TRP A 15 -29.29 -23.96 8.33
CA TRP A 15 -28.97 -23.29 7.08
C TRP A 15 -28.23 -24.23 6.16
N LYS A 16 -28.24 -23.89 4.87
CA LYS A 16 -27.52 -24.63 3.85
C LYS A 16 -26.90 -23.64 2.87
N ASP A 17 -25.79 -24.04 2.27
CA ASP A 17 -25.06 -23.17 1.35
C ASP A 17 -25.84 -23.01 0.05
N ALA A 18 -26.15 -21.77 -0.29
CA ALA A 18 -26.89 -21.47 -1.52
C ALA A 18 -26.40 -20.14 -2.07
N GLU A 19 -26.82 -19.86 -3.31
CA GLU A 19 -26.45 -18.64 -4.02
C GLU A 19 -27.71 -17.91 -4.44
N THR A 20 -27.91 -16.70 -3.93
CA THR A 20 -29.05 -15.88 -4.28
C THR A 20 -28.58 -14.49 -4.67
N THR A 21 -29.48 -13.72 -5.28
CA THR A 21 -29.16 -12.37 -5.74
C THR A 21 -29.34 -11.40 -4.58
N LEU A 22 -28.24 -10.83 -4.11
CA LEU A 22 -28.28 -9.82 -3.06
C LEU A 22 -28.72 -8.48 -3.63
N PHE A 23 -28.89 -7.49 -2.75
CA PHE A 23 -29.23 -6.13 -3.17
C PHE A 23 -28.36 -5.15 -2.40
N CYS A 24 -28.22 -3.96 -2.96
CA CYS A 24 -27.35 -2.94 -2.37
C CYS A 24 -28.09 -2.14 -1.30
N ALA A 25 -27.30 -1.41 -0.50
CA ALA A 25 -27.81 -0.53 0.53
C ALA A 25 -26.66 0.35 1.05
N SER A 26 -26.67 1.62 0.68
CA SER A 26 -25.56 2.51 0.95
C SER A 26 -25.76 3.31 2.24
N ASP A 27 -24.66 3.84 2.75
CA ASP A 27 -24.71 4.64 3.97
C ASP A 27 -25.32 6.01 3.67
N ALA A 28 -26.10 6.51 4.62
CA ALA A 28 -26.77 7.80 4.47
C ALA A 28 -25.76 8.94 4.58
N VAL A 29 -24.93 11.63 -8.12
CA VAL A 29 -23.71 12.28 -7.69
C VAL A 29 -22.53 11.33 -7.77
N TRP A 30 -22.65 10.18 -7.11
CA TRP A 30 -21.62 9.15 -7.13
C TRP A 30 -22.02 7.95 -7.98
N ALA A 31 -23.11 8.05 -8.73
CA ALA A 31 -23.60 7.01 -9.65
C ALA A 31 -23.94 5.71 -8.95
N THR A 32 -24.05 5.70 -7.62
CA THR A 32 -24.43 4.52 -6.85
C THR A 32 -25.52 4.87 -5.85
N HIS A 33 -26.42 5.77 -6.24
CA HIS A 33 -27.52 6.20 -5.39
C HIS A 33 -28.74 5.31 -5.49
N CYS A 34 -28.68 4.24 -6.30
CA CYS A 34 -29.79 3.29 -6.41
C CYS A 34 -30.02 2.53 -5.11
N CYS A 35 -29.05 2.54 -4.20
CA CYS A 35 -29.14 1.77 -2.97
C CYS A 35 -30.10 2.45 -1.99
N VAL A 36 -30.55 1.68 -1.00
CA VAL A 36 -31.56 2.14 -0.05
C VAL A 36 -30.89 2.58 1.26
N PRO A 37 -31.51 3.47 2.03
CA PRO A 37 -30.94 3.83 3.33
C PRO A 37 -30.93 2.64 4.27
N THR A 38 -29.77 2.37 4.86
CA THR A 38 -29.59 1.20 5.70
C THR A 38 -28.71 1.55 6.90
N ASP A 39 -28.60 0.58 7.79
CA ASP A 39 -27.71 0.65 8.95
C ASP A 39 -27.88 1.94 9.78
N PRO A 40 -29.07 2.19 10.33
CA PRO A 40 -29.15 3.23 11.36
C PRO A 40 -28.39 2.86 12.61
N ASN A 41 -28.43 1.58 12.98
CA ASN A 41 -27.61 0.99 14.03
C ASN A 41 -27.16 -0.39 13.55
N PRO A 42 -25.86 -0.61 13.38
CA PRO A 42 -25.39 -1.92 12.90
C PRO A 42 -25.72 -3.02 13.89
N GLN A 43 -26.38 -4.06 13.39
CA GLN A 43 -26.78 -5.20 14.20
C GLN A 43 -26.00 -6.43 13.76
N GLU A 44 -25.19 -6.98 14.68
CA GLU A 44 -24.40 -8.17 14.43
C GLU A 44 -24.36 -8.98 15.72
N MET A 45 -24.73 -10.26 15.64
CA MET A 45 -24.78 -11.13 16.80
C MET A 45 -23.92 -12.36 16.57
N VAL A 46 -23.07 -12.68 17.54
CA VAL A 46 -22.21 -13.85 17.45
C VAL A 46 -23.04 -15.11 17.70
N LEU A 47 -22.81 -16.13 16.88
CA LEU A 47 -23.48 -17.42 17.03
C LEU A 47 -22.55 -18.33 17.83
N GLU A 48 -22.86 -18.51 19.12
CA GLU A 48 -22.04 -19.34 19.97
C GLU A 48 -22.09 -20.79 19.53
N ASN A 49 -20.99 -21.50 19.76
CA ASN A 49 -20.86 -22.94 19.47
C ASN A 49 -21.02 -23.26 17.99
N VAL A 50 -20.81 -22.28 17.12
CA VAL A 50 -21.02 -22.45 15.68
C VAL A 50 -19.67 -22.43 14.98
N THR A 51 -19.42 -23.43 14.13
CA THR A 51 -18.21 -23.51 13.32
C THR A 51 -18.63 -23.86 11.90
N GLU A 52 -18.42 -22.92 10.97
CA GLU A 52 -18.78 -23.12 9.57
C GLU A 52 -17.54 -22.92 8.70
N ASN A 53 -17.50 -23.66 7.59
CA ASN A 53 -16.38 -23.60 6.67
C ASN A 53 -16.59 -22.48 5.66
N PHE A 54 -15.54 -21.70 5.42
CA PHE A 54 -15.58 -20.59 4.48
C PHE A 54 -14.64 -20.87 3.30
N ASN A 55 -14.95 -20.26 2.16
CA ASN A 55 -14.11 -20.36 0.98
C ASN A 55 -14.25 -19.05 0.21
N MET A 56 -13.25 -18.17 0.36
CA MET A 56 -13.32 -16.87 -0.29
C MET A 56 -13.22 -16.97 -1.80
N TRP A 57 -12.50 -17.97 -2.31
CA TRP A 57 -12.28 -18.09 -3.75
C TRP A 57 -13.50 -18.65 -4.47
N LYS A 58 -14.29 -19.49 -3.80
CA LYS A 58 -15.50 -20.05 -4.38
C LYS A 58 -16.75 -19.28 -3.94
N ASN A 59 -16.58 -18.09 -3.38
CA ASN A 59 -17.71 -17.30 -2.93
C ASN A 59 -18.42 -16.66 -4.12
N ASP A 60 -19.74 -16.87 -4.21
CA ASP A 60 -20.52 -16.31 -5.29
C ASP A 60 -20.67 -14.79 -5.19
N MET A 61 -20.49 -14.24 -3.99
CA MET A 61 -20.66 -12.79 -3.81
C MET A 61 -19.67 -12.01 -4.65
N VAL A 62 -18.45 -12.53 -4.82
CA VAL A 62 -17.43 -11.82 -5.58
C VAL A 62 -17.80 -11.77 -7.06
N ASP A 63 -18.23 -12.91 -7.61
CA ASP A 63 -18.67 -12.94 -9.00
C ASP A 63 -19.88 -12.04 -9.21
N GLN A 64 -20.82 -12.06 -8.25
CA GLN A 64 -21.98 -11.18 -8.34
C GLN A 64 -21.57 -9.72 -8.35
N MET A 65 -20.63 -9.34 -7.47
CA MET A 65 -20.18 -7.95 -7.43
C MET A 65 -19.47 -7.55 -8.71
N HIS A 66 -18.67 -8.46 -9.28
CA HIS A 66 -17.99 -8.17 -10.54
C HIS A 66 -18.99 -7.93 -11.66
N THR A 67 -19.98 -8.83 -11.78
CA THR A 67 -21.01 -8.67 -12.81
C THR A 67 -21.81 -7.40 -12.58
N ASP A 68 -22.08 -7.06 -11.32
CA ASP A 68 -22.86 -5.86 -11.03
C ASP A 68 -22.08 -4.59 -11.36
N ILE A 69 -20.77 -4.59 -11.11
CA ILE A 69 -19.95 -3.45 -11.48
C ILE A 69 -19.91 -3.29 -13.00
N ILE A 70 -19.76 -4.39 -13.72
CA ILE A 70 -19.76 -4.33 -15.18
C ILE A 70 -21.10 -3.80 -15.70
N SER A 71 -22.20 -4.27 -15.09
CA SER A 71 -23.52 -3.80 -15.52
C SER A 71 -23.73 -2.34 -15.18
N LEU A 72 -23.21 -1.89 -14.03
CA LEU A 72 -23.32 -0.48 -13.67
C LEU A 72 -22.56 0.40 -14.66
N TRP A 73 -21.36 -0.02 -15.05
CA TRP A 73 -20.62 0.74 -16.04
C TRP A 73 -21.29 0.72 -17.41
N ASP A 74 -21.92 -0.41 -17.77
CA ASP A 74 -22.65 -0.47 -19.04
C ASP A 74 -23.87 0.44 -19.02
N GLN A 75 -24.55 0.52 -17.88
CA GLN A 75 -25.76 1.33 -17.78
C GLN A 75 -25.46 2.80 -17.56
N SER A 76 -24.23 3.13 -17.14
CA SER A 76 -23.90 4.52 -16.89
C SER A 76 -23.43 5.22 -18.16
N LEU A 77 -22.72 4.50 -19.02
CA LEU A 77 -22.20 5.06 -20.25
C LEU A 77 -23.16 4.90 -21.43
N LYS A 78 -24.42 4.57 -21.17
CA LYS A 78 -25.41 4.43 -22.24
C LYS A 78 -25.94 5.78 -22.69
N PRO A 79 -26.41 6.66 -21.78
CA PRO A 79 -26.94 7.95 -22.24
C PRO A 79 -25.88 9.00 -22.52
N CYS A 80 -24.63 8.78 -22.15
CA CYS A 80 -23.59 9.78 -22.36
C CYS A 80 -23.23 9.86 -23.84
N VAL A 81 -22.53 10.93 -24.20
CA VAL A 81 -22.28 11.23 -25.60
C VAL A 81 -21.27 10.25 -26.19
N LYS A 82 -21.56 9.77 -27.40
CA LYS A 82 -20.65 8.91 -28.12
C LYS A 82 -19.60 9.74 -28.86
N LEU A 83 -18.42 9.15 -29.02
CA LEU A 83 -17.31 9.85 -29.69
C LEU A 83 -16.93 9.15 -30.98
N THR A 84 -17.94 8.80 -31.78
CA THR A 84 -17.66 8.15 -33.06
C THR A 84 -16.98 9.06 -34.07
N PRO A 85 -17.41 10.32 -34.29
CA PRO A 85 -16.79 11.11 -35.39
C PRO A 85 -15.43 11.68 -35.03
N LEU A 86 -14.84 11.20 -33.95
CA LEU A 86 -13.55 11.71 -33.50
C LEU A 86 -12.38 10.89 -34.02
N CYS A 87 -12.62 9.97 -34.96
CA CYS A 87 -11.56 9.13 -35.51
C CYS A 87 -10.83 9.76 -36.69
N VAL A 88 -11.09 11.04 -36.97
CA VAL A 88 -10.61 11.64 -38.22
C VAL A 88 -9.09 11.71 -38.22
N THR A 89 -8.54 11.91 -39.43
CA THR A 89 -7.11 12.12 -39.59
C THR A 89 -6.66 13.29 -38.72
N LEU A 90 -5.55 13.10 -38.02
CA LEU A 90 -5.19 13.97 -36.90
C LEU A 90 -3.71 14.31 -36.98
N ASN A 91 -3.41 15.57 -37.32
CA ASN A 91 -2.08 16.10 -37.09
C ASN A 91 -1.74 16.02 -35.61
N CYS A 92 -0.44 15.95 -35.31
CA CYS A 92 0.03 16.02 -33.93
C CYS A 92 1.46 16.57 -33.92
N SER A 93 1.68 17.61 -33.12
CA SER A 93 3.00 18.21 -32.98
C SER A 93 3.33 18.37 -31.51
N ASN A 94 4.62 18.26 -31.19
CA ASN A 94 5.06 18.43 -29.81
C ASN A 94 4.89 19.88 -29.38
N VAL A 95 4.22 20.08 -28.25
CA VAL A 95 3.96 21.41 -27.73
C VAL A 95 5.25 22.06 -27.23
N GLN A 96 9.93 16.31 -26.82
CA GLN A 96 9.50 14.98 -26.41
C GLN A 96 8.50 15.06 -25.26
N GLY A 97 7.95 13.91 -24.88
CA GLY A 97 6.98 13.81 -23.80
C GLY A 97 5.75 13.05 -24.23
N GLU A 98 4.78 13.00 -23.31
CA GLU A 98 3.52 12.30 -23.55
C GLU A 98 2.49 13.17 -24.25
N MET A 99 2.49 14.47 -23.97
CA MET A 99 1.49 15.36 -24.54
C MET A 99 1.78 15.66 -26.00
N LYS A 100 0.71 15.97 -26.74
CA LYS A 100 0.82 16.23 -28.18
C LYS A 100 -0.27 17.21 -28.57
N ASN A 101 0.13 18.37 -29.11
CA ASN A 101 -0.83 19.33 -29.62
C ASN A 101 -1.34 18.84 -30.98
N CYS A 102 -2.61 18.49 -31.04
CA CYS A 102 -3.18 17.82 -32.20
C CYS A 102 -4.42 18.59 -32.68
N SER A 103 -4.44 18.93 -33.97
CA SER A 103 -5.55 19.66 -34.58
C SER A 103 -6.31 18.73 -35.52
N PHE A 104 -7.64 18.88 -35.53
CA PHE A 104 -8.49 18.04 -36.36
C PHE A 104 -9.72 18.85 -36.79
N ASN A 105 -10.53 18.24 -37.64
CA ASN A 105 -11.78 18.82 -38.10
C ASN A 105 -12.96 18.10 -37.49
N ILE A 106 -14.10 18.78 -37.47
CA ILE A 106 -15.33 18.23 -36.89
C ILE A 106 -16.52 18.99 -37.41
N THR A 107 -17.72 18.45 -37.21
CA THR A 107 -18.97 19.11 -37.59
C THR A 107 -19.47 19.94 -36.41
N THR A 108 -19.59 21.26 -36.62
CA THR A 108 -19.98 22.18 -35.55
C THR A 108 -21.49 22.34 -35.56
N GLU A 109 -22.17 21.46 -34.82
CA GLU A 109 -23.63 21.45 -34.68
C GLU A 109 -24.33 21.42 -36.03
N LEU A 110 -23.66 20.90 -37.06
CA LEU A 110 -24.16 21.02 -38.42
C LEU A 110 -23.43 20.03 -39.32
N ARG A 111 -24.20 19.26 -40.09
CA ARG A 111 -23.62 18.23 -40.93
C ARG A 111 -22.98 18.77 -42.21
N ASP A 112 -23.11 20.06 -42.49
CA ASP A 112 -22.41 20.69 -43.61
C ASP A 112 -21.24 21.56 -43.18
N LYS A 113 -21.37 22.25 -42.05
CA LYS A 113 -20.28 23.06 -41.54
C LYS A 113 -19.12 22.19 -41.07
N LYS A 114 -17.91 22.71 -41.21
CA LYS A 114 -16.69 22.03 -40.77
C LYS A 114 -15.89 22.99 -39.92
N GLN A 115 -15.53 22.55 -38.71
CA GLN A 115 -14.79 23.37 -37.75
C GLN A 115 -13.47 22.69 -37.43
N LYS A 116 -12.38 23.44 -37.55
CA LYS A 116 -11.04 22.94 -37.24
C LYS A 116 -10.68 23.39 -35.83
N VAL A 117 -10.62 22.43 -34.91
CA VAL A 117 -10.29 22.69 -33.52
C VAL A 117 -9.08 21.85 -33.15
N TYR A 118 -8.34 22.32 -32.14
CA TYR A 118 -7.15 21.64 -31.66
C TYR A 118 -7.35 21.17 -30.23
N ALA A 119 -6.71 20.05 -29.89
CA ALA A 119 -6.78 19.49 -28.56
C ALA A 119 -5.43 18.87 -28.21
N LEU A 120 -5.22 18.62 -26.92
CA LEU A 120 -3.98 18.07 -26.41
C LEU A 120 -4.25 16.65 -25.93
N PHE A 121 -3.70 15.67 -26.64
CA PHE A 121 -3.86 14.26 -26.31
C PHE A 121 -2.56 13.68 -25.79
N TYR A 122 -2.68 12.55 -25.08
CA TYR A 122 -1.52 11.83 -24.61
C TYR A 122 -0.97 10.92 -25.72
N LYS A 123 0.27 10.46 -25.51
CA LYS A 123 0.91 9.63 -26.54
C LYS A 123 0.24 8.27 -26.66
N LEU A 124 -0.36 7.76 -25.58
CA LEU A 124 -0.99 6.45 -25.64
C LEU A 124 -2.37 6.49 -26.27
N ASP A 125 -3.11 7.59 -26.09
CA ASP A 125 -4.45 7.69 -26.65
C ASP A 125 -4.44 7.80 -28.16
N ILE A 126 -3.30 8.09 -28.77
CA ILE A 126 -3.19 8.25 -30.21
C ILE A 126 -2.17 7.25 -30.75
N LEU A 127 -2.26 7.01 -32.05
CA LEU A 127 -1.38 6.09 -32.76
C LEU A 127 -1.10 6.69 -34.13
N PRO A 128 0.14 6.62 -34.61
CA PRO A 128 0.45 7.18 -35.93
C PRO A 128 -0.35 6.51 -37.03
N LEU A 129 -1.06 7.31 -37.82
CA LEU A 129 -1.89 6.78 -38.89
C LEU A 129 -1.04 6.08 -39.95
N ASN A 130 0.09 6.68 -40.32
CA ASN A 130 1.03 6.09 -41.26
C ASN A 130 2.31 5.72 -40.51
N GLY A 131 2.67 4.45 -40.58
CA GLY A 131 3.86 3.96 -39.90
C GLY A 131 3.98 2.44 -39.92
N SER A 132 4.56 10.28 -40.27
CA SER A 132 4.75 10.33 -38.83
C SER A 132 3.97 11.50 -38.21
N ASN A 133 3.45 12.37 -39.07
CA ASN A 133 2.71 13.53 -38.61
C ASN A 133 1.22 13.27 -38.44
N GLU A 134 0.66 12.34 -39.22
CA GLU A 134 -0.75 12.00 -39.10
C GLU A 134 -0.95 10.98 -37.99
N TYR A 135 -2.08 11.10 -37.28
CA TYR A 135 -2.38 10.24 -36.14
C TYR A 135 -3.83 9.79 -36.21
N ARG A 136 -4.21 8.98 -35.23
CA ARG A 136 -5.55 8.41 -35.13
C ARG A 136 -5.71 7.84 -33.72
N LEU A 137 -6.89 8.01 -33.15
CA LEU A 137 -7.15 7.45 -31.82
C LEU A 137 -6.97 5.95 -31.84
N ILE A 138 -6.30 5.43 -30.79
CA ILE A 138 -5.86 4.04 -30.78
C ILE A 138 -7.03 3.07 -30.83
N ASN A 139 -8.18 3.47 -30.28
CA ASN A 139 -9.33 2.57 -30.19
C ASN A 139 -10.15 2.52 -31.46
N CYS A 140 -9.88 3.39 -32.44
CA CYS A 140 -10.80 3.55 -33.57
C CYS A 140 -10.83 2.31 -34.47
N ASN A 141 -9.72 1.61 -34.61
CA ASN A 141 -9.71 0.40 -35.43
C ASN A 141 -10.25 -0.81 -34.68
N THR A 142 -10.38 -0.74 -33.36
CA THR A 142 -10.84 -1.89 -32.57
C THR A 142 -12.36 -1.84 -32.39
N SER A 143 -12.85 -0.85 -31.65
CA SER A 143 -14.27 -0.75 -31.34
C SER A 143 -14.64 0.73 -31.23
N ALA A 144 -15.89 0.97 -30.82
CA ALA A 144 -16.38 2.33 -30.66
C ALA A 144 -15.86 2.93 -29.35
N ILE A 145 -16.10 4.23 -29.19
CA ILE A 145 -15.66 4.97 -28.01
C ILE A 145 -16.79 5.89 -27.56
N THR A 146 -17.07 5.89 -26.25
CA THR A 146 -18.07 6.77 -25.68
C THR A 146 -17.44 7.55 -24.53
N GLN A 147 -17.75 8.83 -24.45
CA GLN A 147 -17.22 9.68 -23.40
C GLN A 147 -18.06 9.54 -22.14
N ALA A 148 -17.39 9.38 -21.00
CA ALA A 148 -18.10 9.31 -19.73
C ALA A 148 -18.77 10.64 -19.41
N CYS A 149 -19.95 10.58 -18.82
CA CYS A 149 -20.67 11.78 -18.44
C CYS A 149 -19.84 12.58 -17.45
N PRO A 150 -19.75 13.91 -17.61
CA PRO A 150 -18.96 14.77 -16.71
C PRO A 150 -19.56 14.88 -15.32
N PHE A 151 -18.42 11.37 -7.75
CA PHE A 151 -17.99 10.30 -8.64
C PHE A 151 -16.75 9.60 -8.11
N ASP A 152 -16.85 9.08 -6.89
CA ASP A 152 -15.80 8.33 -6.25
C ASP A 152 -16.38 7.07 -5.61
N PRO A 153 -15.56 6.02 -5.44
CA PRO A 153 -16.06 4.81 -4.78
C PRO A 153 -16.52 5.07 -3.35
N ILE A 154 -17.83 4.95 -3.11
CA ILE A 154 -18.38 5.17 -1.78
C ILE A 154 -18.65 3.81 -1.13
N PRO A 155 -18.64 3.72 0.20
CA PRO A 155 -18.90 2.42 0.84
C PRO A 155 -20.32 1.94 0.59
N ILE A 156 -20.44 0.68 0.17
CA ILE A 156 -21.73 0.06 -0.08
C ILE A 156 -21.85 -1.18 0.79
N HIS A 157 -23.08 -1.46 1.22
CA HIS A 157 -23.38 -2.62 2.04
C HIS A 157 -24.26 -3.59 1.26
N TYR A 158 -23.83 -4.84 1.17
CA TYR A 158 -24.60 -5.88 0.50
C TYR A 158 -25.46 -6.60 1.54
N CYS A 159 -26.77 -6.45 1.43
CA CYS A 159 -27.71 -7.05 2.37
C CYS A 159 -28.28 -8.34 1.80
N ALA A 160 -28.89 -9.13 2.68
CA ALA A 160 -29.50 -10.39 2.32
C ALA A 160 -31.02 -10.26 2.28
N PRO A 161 -31.69 -10.95 1.34
CA PRO A 161 -33.15 -10.86 1.26
C PRO A 161 -33.84 -11.69 2.34
N ALA A 162 -35.16 -11.80 2.25
CA ALA A 162 -35.90 -12.61 3.20
C ALA A 162 -35.64 -14.09 2.96
N GLY A 163 -35.43 -14.83 4.04
CA GLY A 163 -35.14 -16.25 3.97
C GLY A 163 -33.68 -16.60 3.86
N TYR A 164 -32.79 -15.62 3.79
CA TYR A 164 -31.36 -15.86 3.69
C TYR A 164 -30.64 -15.13 4.83
N ALA A 165 -29.39 -15.51 5.06
CA ALA A 165 -28.58 -14.92 6.11
C ALA A 165 -27.14 -14.80 5.64
N ILE A 166 -26.42 -13.85 6.21
CA ILE A 166 -25.02 -13.61 5.90
C ILE A 166 -24.19 -13.96 7.13
N LEU A 167 -23.28 -14.92 6.98
CA LEU A 167 -22.41 -15.35 8.06
C LEU A 167 -21.06 -14.66 7.96
N LYS A 168 -20.60 -14.10 9.07
CA LYS A 168 -19.35 -13.35 9.12
C LYS A 168 -18.36 -14.09 10.02
N CYS A 169 -17.15 -14.31 9.51
CA CYS A 169 -16.09 -14.96 10.27
C CYS A 169 -15.29 -13.89 11.01
N ASN A 170 -15.51 -13.80 12.32
CA ASN A 170 -14.82 -12.82 13.15
C ASN A 170 -13.41 -13.24 13.53
N ASN A 171 -12.95 -14.40 13.07
CA ASN A 171 -11.60 -14.85 13.35
C ASN A 171 -10.60 -13.92 12.67
N LYS A 172 -9.67 -13.38 13.46
CA LYS A 172 -8.69 -12.42 12.97
C LYS A 172 -7.69 -13.08 12.03
N THR A 173 -6.83 -13.93 12.59
CA THR A 173 -5.83 -14.66 11.79
C THR A 173 -6.50 -15.89 11.20
N PHE A 174 -7.21 -15.68 10.10
CA PHE A 174 -8.02 -16.71 9.47
C PHE A 174 -7.65 -16.79 7.99
N ASN A 175 -7.07 -17.93 7.58
CA ASN A 175 -6.83 -18.17 6.17
C ASN A 175 -8.16 -18.29 5.43
N GLY A 176 -8.15 -17.94 4.14
CA GLY A 176 -9.38 -17.81 3.39
C GLY A 176 -10.22 -19.08 3.38
N THR A 177 -9.57 -20.23 3.32
CA THR A 177 -10.26 -21.52 3.28
C THR A 177 -10.10 -22.22 4.63
N GLY A 178 -11.20 -22.75 5.15
CA GLY A 178 -11.17 -23.49 6.40
C GLY A 178 -12.35 -23.20 7.29
N PRO A 179 -12.47 -23.95 8.38
CA PRO A 179 -13.57 -23.73 9.33
C PRO A 179 -13.27 -22.56 10.26
N CYS A 180 -14.30 -21.74 10.50
CA CYS A 180 -14.17 -20.54 11.31
C CYS A 180 -14.60 -20.84 12.74
N ASN A 181 -13.81 -20.36 13.70
CA ASN A 181 -14.15 -20.53 15.11
C ASN A 181 -15.21 -19.52 15.56
N ASN A 182 -15.02 -18.26 15.21
CA ASN A 182 -15.87 -17.16 15.67
C ASN A 182 -16.76 -16.72 14.51
N VAL A 183 -17.98 -17.25 14.47
CA VAL A 183 -18.95 -16.96 13.42
C VAL A 183 -20.08 -16.12 14.00
N SER A 184 -20.49 -15.10 13.26
CA SER A 184 -21.62 -14.25 13.62
C SER A 184 -22.55 -14.13 12.43
N THR A 185 -23.73 -13.55 12.67
CA THR A 185 -24.71 -13.30 11.63
C THR A 185 -24.93 -11.80 11.50
N VAL A 186 -24.87 -11.29 10.28
CA VAL A 186 -25.09 -9.89 9.99
C VAL A 186 -26.09 -9.79 8.84
N GLN A 187 -26.91 -8.75 8.87
CA GLN A 187 -27.88 -8.54 7.79
C GLN A 187 -27.21 -7.92 6.56
N CYS A 188 -26.37 -6.91 6.76
CA CYS A 188 -25.69 -6.23 5.68
C CYS A 188 -24.20 -6.15 5.98
N THR A 189 -23.38 -6.40 4.95
CA THR A 189 -21.94 -6.33 5.12
C THR A 189 -21.49 -4.91 5.43
N HIS A 190 -20.23 -4.78 5.85
CA HIS A 190 -19.68 -3.48 6.17
C HIS A 190 -19.49 -2.65 4.91
N GLY A 191 -19.17 -1.37 5.10
CA GLY A 191 -18.95 -0.46 3.99
C GLY A 191 -17.74 -0.83 3.16
N ILE A 192 -17.97 -1.23 1.91
CA ILE A 192 -16.91 -1.64 1.00
C ILE A 192 -16.86 -0.64 -0.14
N LYS A 193 -15.69 -0.05 -0.35
CA LYS A 193 -15.50 0.92 -1.43
C LYS A 193 -15.01 0.20 -2.69
N PRO A 194 -15.77 0.19 -3.78
CA PRO A 194 -15.32 -0.51 -4.98
C PRO A 194 -14.17 0.19 -5.68
N VAL A 195 -12.95 0.03 -5.16
CA VAL A 195 -11.77 0.67 -5.71
C VAL A 195 -11.18 -0.25 -6.77
N VAL A 196 -11.05 0.26 -7.99
CA VAL A 196 -10.49 -0.49 -9.10
C VAL A 196 -8.98 -0.22 -9.12
N SER A 197 -8.20 -1.21 -8.69
CA SER A 197 -6.75 -1.11 -8.68
C SER A 197 -6.17 -2.48 -9.00
N THR A 198 -5.34 -2.55 -10.04
CA THR A 198 -4.89 -3.85 -10.54
C THR A 198 -3.73 -4.40 -9.72
N GLN A 199 -2.69 -3.60 -9.52
CA GLN A 199 -1.46 -4.12 -8.93
C GLN A 199 -1.44 -4.01 -7.41
N LEU A 200 -1.93 -2.91 -6.84
CA LEU A 200 -1.86 -2.66 -5.41
C LEU A 200 -3.23 -2.26 -4.90
N LEU A 201 -3.74 -2.98 -3.91
CA LEU A 201 -5.02 -2.66 -3.29
C LEU A 201 -4.91 -1.32 -2.58
N LEU A 202 -5.57 -0.30 -3.11
CA LEU A 202 -5.42 1.07 -2.63
C LEU A 202 -6.43 1.44 -1.55
N ASN A 203 -7.33 0.54 -1.18
CA ASN A 203 -8.31 0.81 -0.13
C ASN A 203 -8.88 -0.52 0.36
N GLY A 204 -9.58 -0.44 1.48
CA GLY A 204 -10.22 -1.61 2.07
C GLY A 204 -9.87 -1.71 3.54
N SER A 205 -10.26 -2.83 4.13
CA SER A 205 -10.05 -3.06 5.55
C SER A 205 -8.63 -3.54 5.83
N LEU A 206 -8.14 -3.22 7.03
CA LEU A 206 -6.83 -3.66 7.48
C LEU A 206 -6.95 -4.98 8.21
N ALA A 207 -6.01 -5.88 7.95
CA ALA A 207 -5.97 -7.15 8.66
C ALA A 207 -5.60 -6.93 10.11
N GLU A 208 -6.34 -7.55 11.03
CA GLU A 208 -6.07 -7.40 12.45
C GLU A 208 -4.92 -8.31 12.87
N GLU A 209 -4.17 -7.86 13.88
CA GLU A 209 -3.03 -8.59 14.44
C GLU A 209 -1.99 -8.74 13.33
N ASP A 210 -1.52 -9.95 13.03
CA ASP A 210 -0.46 -10.13 12.06
C ASP A 210 -1.01 -10.09 10.63
N ILE A 211 -0.09 -9.96 9.67
CA ILE A 211 -0.47 -9.93 8.26
C ILE A 211 -0.87 -11.34 7.82
N ILE A 212 -1.94 -11.42 7.02
CA ILE A 212 -2.49 -12.68 6.56
C ILE A 212 -2.21 -12.84 5.08
N ILE A 213 -1.70 -14.01 4.70
CA ILE A 213 -1.44 -14.35 3.30
C ILE A 213 -2.49 -15.36 2.87
N ARG A 214 -3.09 -15.14 1.71
CA ARG A 214 -4.15 -15.99 1.19
C ARG A 214 -3.89 -16.32 -0.27
N SER A 215 -4.18 -17.56 -0.65
CA SER A 215 -4.02 -18.02 -2.03
C SER A 215 -4.99 -19.16 -2.27
N GLU A 216 -5.29 -19.40 -3.55
CA GLU A 216 -6.04 -20.60 -3.90
C GLU A 216 -5.25 -21.85 -3.61
N ASN A 217 -3.95 -21.82 -3.91
CA ASN A 217 -3.05 -22.95 -3.67
C ASN A 217 -1.61 -22.52 -3.86
N LEU A 218 -0.76 -22.78 -2.87
CA LEU A 218 0.66 -22.45 -2.99
C LEU A 218 1.44 -23.48 -3.79
N THR A 219 0.80 -24.59 -4.20
CA THR A 219 1.47 -25.55 -5.07
C THR A 219 1.55 -25.04 -6.51
N ASN A 220 0.64 -24.16 -6.90
CA ASN A 220 0.62 -23.58 -8.24
C ASN A 220 0.99 -22.10 -8.15
N ASN A 221 1.93 -21.68 -9.02
CA ASN A 221 2.31 -20.27 -9.05
C ASN A 221 1.26 -19.41 -9.73
N VAL A 222 0.39 -20.01 -10.56
CA VAL A 222 -0.62 -19.23 -11.26
C VAL A 222 -1.69 -18.71 -10.33
N LYS A 223 -1.87 -19.33 -9.17
CA LYS A 223 -2.88 -18.88 -8.22
C LYS A 223 -2.48 -17.54 -7.62
N THR A 224 -3.39 -16.58 -7.65
CA THR A 224 -3.10 -15.25 -7.14
C THR A 224 -2.89 -15.30 -5.62
N ILE A 225 -1.96 -14.48 -5.15
CA ILE A 225 -1.55 -14.47 -3.74
C ILE A 225 -1.94 -13.11 -3.17
N ILE A 226 -3.10 -13.04 -2.54
CA ILE A 226 -3.59 -11.80 -1.93
C ILE A 226 -3.00 -11.68 -0.53
N VAL A 227 -2.47 -10.49 -0.23
CA VAL A 227 -1.85 -10.20 1.07
C VAL A 227 -2.62 -9.05 1.69
N HIS A 228 -3.11 -9.26 2.91
CA HIS A 228 -3.83 -8.23 3.66
C HIS A 228 -2.85 -7.57 4.62
N LEU A 229 -2.31 -6.42 4.22
CA LEU A 229 -1.36 -5.71 5.05
C LEU A 229 -2.04 -5.19 6.31
N ASN A 230 -1.40 -5.39 7.46
CA ASN A 230 -1.94 -4.91 8.72
C ASN A 230 -1.46 -3.49 9.05
N GLU A 231 -0.48 -2.98 8.32
CA GLU A 231 -0.03 -1.60 8.44
C GLU A 231 -0.50 -0.82 7.21
N SER A 232 -1.09 0.35 7.44
CA SER A 232 -1.65 1.15 6.36
C SER A 232 -0.58 2.11 5.84
N VAL A 233 0.10 1.72 4.77
CA VAL A 233 1.12 2.56 4.15
C VAL A 233 0.44 3.66 3.37
N GLU A 234 0.97 4.88 3.48
CA GLU A 234 0.37 6.05 2.85
C GLU A 234 0.98 6.26 1.47
N ILE A 235 0.13 6.50 0.48
CA ILE A 235 0.55 6.76 -0.90
C ILE A 235 -0.05 8.10 -1.32
N ASN A 236 0.79 8.97 -1.89
CA ASN A 236 0.37 10.28 -2.35
C ASN A 236 0.71 10.42 -3.82
N CYS A 237 -0.31 10.43 -4.67
CA CYS A 237 -0.16 10.56 -6.11
C CYS A 237 -0.61 11.94 -6.56
N THR A 238 0.10 12.50 -7.54
CA THR A 238 -0.19 13.85 -8.01
C THR A 238 -0.07 13.93 -9.52
N ARG A 239 -0.85 14.84 -10.10
CA ARG A 239 -0.69 15.26 -11.50
C ARG A 239 -0.51 16.77 -11.51
N PRO A 240 0.73 17.26 -11.57
CA PRO A 240 0.96 18.70 -11.40
C PRO A 240 0.55 19.56 -12.58
N ASN A 241 0.24 18.97 -13.74
CA ASN A 241 -0.07 19.76 -14.92
C ASN A 241 -1.37 20.52 -14.74
N ASN A 242 -1.31 21.84 -14.89
CA ASN A 242 -2.47 22.71 -14.76
C ASN A 242 -3.25 22.73 -16.09
N ASN A 243 -3.81 21.57 -16.42
CA ASN A 243 -4.58 21.44 -17.64
C ASN A 243 -5.90 22.20 -17.53
N THR A 244 -6.47 22.50 -18.69
CA THR A 244 -7.75 23.19 -18.78
C THR A 244 -8.73 22.36 -19.59
N ARG A 245 -10.01 22.73 -19.49
CA ARG A 245 -11.09 22.03 -20.16
C ARG A 245 -11.64 22.88 -21.28
N LYS A 246 -11.75 22.30 -22.47
CA LYS A 246 -12.29 22.98 -23.65
C LYS A 246 -13.53 22.23 -24.10
N SER A 247 -14.70 22.87 -23.98
CA SER A 247 -15.96 22.27 -24.36
C SER A 247 -16.30 22.68 -25.78
N ILE A 248 -16.15 21.75 -26.73
CA ILE A 248 -16.45 21.98 -28.14
C ILE A 248 -17.70 21.19 -28.51
N ARG A 249 -18.69 21.89 -29.06
CA ARG A 249 -19.94 21.25 -29.45
C ARG A 249 -19.76 20.47 -30.74
N ILE A 250 -20.12 19.19 -30.72
CA ILE A 250 -19.92 18.32 -31.87
C ILE A 250 -21.27 17.86 -32.43
N GLY A 251 -22.28 18.71 -32.29
CA GLY A 251 -23.60 18.39 -32.81
C GLY A 251 -24.70 19.01 -31.99
N PRO A 252 -25.95 18.69 -32.34
CA PRO A 252 -27.10 19.22 -31.57
C PRO A 252 -27.12 18.66 -30.15
N GLY A 253 -26.65 19.46 -29.19
CA GLY A 253 -26.55 19.03 -27.81
C GLY A 253 -25.34 18.20 -27.48
N GLN A 254 -24.71 17.57 -28.48
CA GLN A 254 -23.53 16.76 -28.24
C GLN A 254 -22.32 17.66 -27.97
N TRP A 255 -21.78 17.58 -26.76
CA TRP A 255 -20.60 18.35 -26.37
C TRP A 255 -19.46 17.40 -26.03
N PHE A 256 -18.29 17.68 -26.59
CA PHE A 256 -17.07 16.92 -26.32
C PHE A 256 -16.12 17.79 -25.51
N TYR A 257 -15.59 17.23 -24.42
CA TYR A 257 -14.68 17.95 -23.54
C TYR A 257 -13.26 17.46 -23.78
N ALA A 258 -12.39 18.37 -24.20
CA ALA A 258 -11.01 18.05 -24.51
C ALA A 258 -10.07 18.79 -23.58
N THR A 259 -8.78 18.46 -23.68
CA THR A 259 -7.75 19.08 -22.86
C THR A 259 -7.26 20.35 -23.55
N GLY A 260 -7.43 21.49 -22.89
CA GLY A 260 -6.98 22.75 -23.41
C GLY A 260 -5.47 22.92 -23.31
N GLU A 261 -5.02 24.14 -23.56
CA GLU A 261 -3.59 24.43 -23.49
C GLU A 261 -3.11 24.41 -22.06
N ILE A 262 -1.95 23.80 -21.84
CA ILE A 262 -1.38 23.70 -20.50
C ILE A 262 -0.85 25.07 -20.07
N ILE A 263 -1.16 25.45 -18.83
CA ILE A 263 -0.78 26.74 -18.28
C ILE A 263 0.16 26.47 -17.10
N GLY A 264 1.47 26.61 -17.33
CA GLY A 264 2.46 26.43 -16.29
C GLY A 264 3.54 25.48 -16.75
N ASP A 265 4.23 24.89 -15.77
CA ASP A 265 5.31 23.95 -16.06
C ASP A 265 4.76 22.65 -16.64
N ILE A 266 5.68 21.82 -17.14
CA ILE A 266 5.36 20.52 -17.70
C ILE A 266 5.99 19.47 -16.80
N ARG A 267 5.16 18.80 -16.01
CA ARG A 267 5.61 17.78 -15.07
C ARG A 267 4.74 16.53 -15.21
N GLN A 268 5.36 15.36 -15.11
CA GLN A 268 4.66 14.11 -15.23
C GLN A 268 4.08 13.67 -13.90
N ALA A 269 3.01 12.89 -13.95
CA ALA A 269 2.37 12.39 -12.75
C ALA A 269 3.28 11.40 -12.03
N HIS A 270 3.20 11.41 -10.70
CA HIS A 270 4.05 10.56 -9.88
C HIS A 270 3.36 10.28 -8.55
N CYS A 271 3.68 9.11 -7.98
CA CYS A 271 3.21 8.72 -6.66
C CYS A 271 4.40 8.61 -5.71
N ASN A 272 4.19 9.06 -4.47
CA ASN A 272 5.20 8.95 -3.43
C ASN A 272 4.75 7.94 -2.38
N ILE A 273 5.70 7.17 -1.88
CA ILE A 273 5.46 6.18 -0.83
C ILE A 273 6.48 6.41 0.26
N SER A 274 6.06 6.24 1.51
CA SER A 274 6.98 6.34 2.64
C SER A 274 7.93 5.15 2.62
N GLU A 275 9.23 5.44 2.53
CA GLU A 275 10.21 4.37 2.37
C GLU A 275 10.36 3.53 3.63
N TYR A 276 10.25 4.16 4.81
CA TYR A 276 10.41 3.41 6.06
C TYR A 276 9.27 2.43 6.25
N LYS A 277 8.02 2.91 6.15
CA LYS A 277 6.87 2.02 6.32
C LYS A 277 6.81 0.96 5.23
N TRP A 278 7.21 1.30 4.01
CA TRP A 278 7.22 0.30 2.94
C TRP A 278 8.29 -0.76 3.18
N ASN A 279 9.48 -0.34 3.60
CA ASN A 279 10.52 -1.32 3.97
C ASN A 279 10.02 -2.24 5.07
N LYS A 280 9.37 -1.69 6.10
CA LYS A 280 8.89 -2.52 7.20
C LYS A 280 7.79 -3.47 6.73
N THR A 281 6.85 -2.98 5.91
CA THR A 281 5.76 -3.84 5.44
C THR A 281 6.29 -4.96 4.56
N LEU A 282 7.25 -4.65 3.68
CA LEU A 282 7.83 -5.69 2.83
C LEU A 282 8.65 -6.67 3.65
N GLN A 283 9.30 -6.20 4.72
CA GLN A 283 9.99 -7.12 5.62
C GLN A 283 9.01 -8.07 6.28
N ARG A 284 7.85 -7.57 6.70
CA ARG A 284 6.85 -8.44 7.32
C ARG A 284 6.29 -9.44 6.32
N VAL A 285 6.00 -8.99 5.10
CA VAL A 285 5.51 -9.91 4.07
C VAL A 285 6.56 -10.97 3.76
N SER A 286 7.84 -10.57 3.76
CA SER A 286 8.90 -11.54 3.53
C SER A 286 9.03 -12.53 4.69
N GLU A 287 8.81 -12.06 5.92
CA GLU A 287 8.81 -12.98 7.05
C GLU A 287 7.69 -14.00 6.92
N LYS A 288 6.52 -13.56 6.50
CA LYS A 288 5.41 -14.49 6.29
C LYS A 288 5.75 -15.50 5.19
N LEU A 289 6.24 -15.02 4.04
CA LEU A 289 6.57 -15.91 2.94
C LEU A 289 7.74 -16.83 3.26
N ALA A 290 8.60 -16.45 4.21
CA ALA A 290 9.67 -17.33 4.66
C ALA A 290 9.16 -18.36 5.64
N GLU A 291 8.17 -17.99 6.46
CA GLU A 291 7.44 -19.01 7.21
C GLU A 291 6.79 -20.01 6.26
N TYR A 292 6.37 -19.54 5.08
CA TYR A 292 5.85 -20.45 4.06
C TYR A 292 6.96 -21.12 3.27
N PHE A 293 8.09 -20.45 3.05
CA PHE A 293 9.21 -20.99 2.27
C PHE A 293 10.49 -20.87 3.10
N PRO A 294 10.69 -21.76 4.07
CA PRO A 294 11.95 -21.72 4.84
C PRO A 294 13.15 -22.28 4.08
N ASN A 295 12.93 -23.09 3.03
CA ASN A 295 14.01 -23.69 2.28
C ASN A 295 14.58 -22.78 1.19
N ASP A 296 13.77 -21.92 0.61
CA ASP A 296 14.19 -21.04 -0.47
C ASP A 296 14.27 -19.60 0.01
N THR A 297 15.35 -18.92 -0.36
CA THR A 297 15.46 -17.49 -0.07
C THR A 297 14.46 -16.71 -0.91
N ILE A 298 14.03 -15.57 -0.39
CA ILE A 298 12.96 -14.79 -0.99
C ILE A 298 13.55 -13.64 -1.80
N LYS A 299 12.95 -13.38 -2.96
CA LYS A 299 13.36 -12.29 -3.82
C LYS A 299 12.11 -11.65 -4.41
N PHE A 300 12.20 -10.34 -4.66
CA PHE A 300 11.10 -9.59 -5.25
C PHE A 300 11.56 -8.97 -6.57
N ALA A 301 10.77 -9.17 -7.62
CA ALA A 301 11.06 -8.66 -8.94
C ALA A 301 9.86 -7.91 -9.49
N PRO A 302 10.08 -6.88 -10.29
CA PRO A 302 8.96 -6.11 -10.84
C PRO A 302 8.14 -6.93 -11.81
N SER A 303 6.99 -6.38 -12.20
CA SER A 303 6.11 -7.05 -13.13
C SER A 303 6.70 -7.05 -14.53
N SER A 304 6.40 -8.10 -15.29
CA SER A 304 6.90 -8.25 -16.66
C SER A 304 5.72 -8.60 -17.56
N GLY A 305 5.35 -7.67 -18.44
CA GLY A 305 4.24 -7.90 -19.35
C GLY A 305 4.34 -6.97 -20.55
N GLY A 306 3.44 -7.21 -21.50
CA GLY A 306 3.40 -6.41 -22.71
C GLY A 306 2.29 -5.37 -22.69
N ASP A 307 1.22 -5.67 -21.96
CA ASP A 307 0.09 -4.76 -21.86
C ASP A 307 0.28 -3.82 -20.67
N LEU A 308 -0.06 -2.54 -20.87
CA LEU A 308 0.16 -1.54 -19.83
C LEU A 308 -0.78 -1.75 -18.65
N GLU A 309 -2.03 -2.15 -18.91
CA GLU A 309 -3.00 -2.30 -17.84
C GLU A 309 -2.61 -3.41 -16.88
N ILE A 310 -2.01 -4.49 -17.39
CA ILE A 310 -1.65 -5.63 -16.54
C ILE A 310 -0.25 -5.51 -15.95
N THR A 311 0.56 -4.57 -16.42
CA THR A 311 1.94 -4.42 -15.95
C THR A 311 2.10 -3.31 -14.91
N THR A 312 1.44 -2.17 -15.12
CA THR A 312 1.59 -1.03 -14.22
C THR A 312 0.51 -1.02 -13.16
N HIS A 313 0.75 -0.25 -12.10
CA HIS A 313 -0.22 -0.04 -11.03
C HIS A 313 -1.27 0.93 -11.56
N SER A 314 -2.34 0.38 -12.12
CA SER A 314 -3.41 1.18 -12.71
C SER A 314 -4.49 1.45 -11.67
N PHE A 315 -5.00 2.69 -11.66
CA PHE A 315 -6.10 3.06 -10.79
C PHE A 315 -6.69 4.37 -11.31
N ASN A 316 -7.66 4.89 -10.56
CA ASN A 316 -8.37 6.11 -10.92
C ASN A 316 -8.37 7.08 -9.75
N CYS A 317 -8.32 8.37 -10.06
CA CYS A 317 -8.43 9.40 -9.04
C CYS A 317 -8.91 10.69 -9.70
N ARG A 318 -9.99 11.25 -9.17
CA ARG A 318 -10.55 12.54 -9.61
C ARG A 318 -10.97 12.51 -11.07
N GLY A 319 -11.08 11.33 -11.67
CA GLY A 319 -11.53 11.17 -13.04
C GLY A 319 -10.45 10.69 -14.00
N GLU A 320 -9.19 11.00 -13.70
CA GLU A 320 -8.08 10.57 -14.55
C GLU A 320 -7.59 9.20 -14.14
N PHE A 321 -7.17 8.42 -15.14
CA PHE A 321 -6.74 7.04 -14.94
C PHE A 321 -5.22 6.98 -15.02
N PHE A 322 -4.58 6.71 -13.88
CA PHE A 322 -3.13 6.67 -13.78
C PHE A 322 -2.60 5.26 -14.00
N TYR A 323 -1.40 5.18 -14.56
CA TYR A 323 -0.70 3.91 -14.78
C TYR A 323 0.74 4.13 -14.31
N CYS A 324 1.06 3.64 -13.12
CA CYS A 324 2.32 3.93 -12.46
C CYS A 324 3.31 2.79 -12.61
N ASN A 325 4.56 3.15 -12.88
CA ASN A 325 5.64 2.16 -13.03
C ASN A 325 6.18 1.81 -11.65
N THR A 326 6.04 0.54 -11.26
CA THR A 326 6.40 0.08 -9.92
C THR A 326 7.66 -0.76 -9.92
N SER A 327 8.67 -0.36 -10.70
CA SER A 327 9.94 -1.07 -10.70
C SER A 327 10.77 -0.74 -9.45
N GLY A 328 10.54 0.42 -8.86
CA GLY A 328 11.26 0.82 -7.66
C GLY A 328 10.67 0.33 -6.35
N LEU A 329 9.54 -0.37 -6.40
CA LEU A 329 8.91 -0.92 -5.21
C LEU A 329 9.26 -2.38 -4.98
N PHE A 330 9.55 -3.13 -6.04
CA PHE A 330 9.91 -4.54 -5.92
C PHE A 330 11.25 -4.79 -6.58
N ASN A 331 12.28 -4.08 -6.14
CA ASN A 331 13.60 -4.09 -6.76
C ASN A 331 14.56 -4.83 -5.82
N GLY A 332 14.73 -6.13 -6.06
CA GLY A 332 15.62 -6.93 -5.25
C GLY A 332 14.95 -7.54 -4.04
N THR A 333 15.78 -7.88 -3.06
CA THR A 333 15.32 -8.52 -1.83
C THR A 333 15.25 -7.47 -0.72
N TYR A 334 14.09 -7.38 -0.06
CA TYR A 334 13.88 -6.47 1.05
C TYR A 334 13.81 -7.20 2.39
N ASN A 335 14.20 -8.47 2.44
CA ASN A 335 13.99 -9.27 3.64
C ASN A 335 14.86 -8.81 4.79
N SER A 336 16.10 -8.39 4.49
CA SER A 336 17.05 -8.02 5.53
C SER A 336 16.53 -6.86 6.36
N THR A 337 16.41 -7.08 7.67
CA THR A 337 15.91 -6.05 8.57
C THR A 337 17.04 -5.14 9.04
N THR A 338 15.44 5.15 12.83
CA THR A 338 14.84 6.41 13.26
C THR A 338 14.06 7.05 12.13
N GLU A 339 14.41 8.29 11.80
CA GLU A 339 13.78 9.04 10.72
C GLU A 339 14.61 8.88 9.46
N SER A 340 14.10 8.14 8.48
CA SER A 340 14.79 7.91 7.22
C SER A 340 14.23 8.76 6.08
N ASN A 341 12.90 8.96 6.06
CA ASN A 341 12.22 9.73 5.02
C ASN A 341 12.54 9.08 3.68
N ALA A 342 13.20 9.77 2.74
CA ALA A 342 13.63 9.19 1.47
C ALA A 342 12.44 8.59 0.71
N THR A 343 11.40 9.39 0.53
CA THR A 343 10.17 8.91 -0.10
C THR A 343 10.44 8.42 -1.52
N ILE A 344 10.14 7.15 -1.76
CA ILE A 344 10.34 6.59 -3.09
C ILE A 344 9.31 7.16 -4.04
N THR A 345 9.78 7.71 -5.17
CA THR A 345 8.92 8.32 -6.18
C THR A 345 8.88 7.42 -7.41
N ILE A 346 7.68 7.18 -7.91
CA ILE A 346 7.51 6.35 -9.11
C ILE A 346 6.81 7.18 -10.20
N PRO A 347 7.24 7.07 -11.45
CA PRO A 347 6.55 7.80 -12.52
C PRO A 347 5.19 7.19 -12.82
N CYS A 348 4.26 8.05 -13.24
CA CYS A 348 2.91 7.63 -13.56
C CYS A 348 2.46 8.28 -14.86
N ARG A 349 2.03 7.45 -15.81
CA ARG A 349 1.44 7.93 -17.05
C ARG A 349 -0.07 8.03 -16.90
N ILE A 350 -0.70 8.75 -17.84
CA ILE A 350 -2.14 8.96 -17.83
C ILE A 350 -2.70 8.55 -19.18
N LYS A 351 -3.82 7.84 -19.16
CA LYS A 351 -4.47 7.37 -20.38
C LYS A 351 -5.96 7.70 -20.28
N GLN A 352 -6.44 8.55 -21.18
CA GLN A 352 -7.85 8.93 -21.18
C GLN A 352 -8.74 7.92 -21.89
N ILE A 353 -8.17 7.13 -22.80
CA ILE A 353 -8.91 6.10 -23.53
C ILE A 353 -8.57 4.77 -22.88
N ILE A 354 -9.48 4.25 -22.07
CA ILE A 354 -9.26 3.01 -21.34
C ILE A 354 -10.18 1.93 -21.90
N ASN A 355 -9.76 0.67 -21.75
CA ASN A 355 -10.57 -0.47 -22.14
C ASN A 355 -10.24 -1.69 -21.28
N MET A 356 -9.81 -1.46 -20.03
CA MET A 356 -9.39 -2.55 -19.15
C MET A 356 -10.57 -3.44 -18.75
N TRP A 357 -11.53 -2.88 -17.99
CA TRP A 357 -12.66 -3.65 -17.50
C TRP A 357 -13.97 -2.92 -17.85
N GLN A 358 -14.24 -2.84 -19.15
CA GLN A 358 -15.54 -2.42 -19.67
C GLN A 358 -15.80 -3.26 -20.91
N ARG A 359 -17.07 -3.27 -21.35
CA ARG A 359 -17.40 -3.96 -22.59
C ARG A 359 -16.53 -3.43 -23.72
N VAL A 360 -15.95 -4.35 -24.49
CA VAL A 360 -14.95 -3.98 -25.49
C VAL A 360 -15.53 -3.01 -26.52
N GLY A 361 -16.82 -3.15 -26.84
CA GLY A 361 -17.41 -2.30 -27.86
C GLY A 361 -17.43 -0.84 -27.50
N GLN A 362 -17.51 -0.52 -26.20
CA GLN A 362 -17.59 0.86 -25.73
C GLN A 362 -16.32 1.20 -24.96
N ALA A 363 -15.47 2.02 -25.55
CA ALA A 363 -14.26 2.52 -24.89
C ALA A 363 -14.59 3.82 -24.17
N MET A 364 -14.18 3.91 -22.91
CA MET A 364 -14.49 5.06 -22.07
C MET A 364 -13.41 6.11 -22.23
N TYR A 365 -13.81 7.31 -22.67
CA TYR A 365 -12.92 8.46 -22.73
C TYR A 365 -13.17 9.31 -21.50
N ALA A 366 -12.25 9.23 -20.54
CA ALA A 366 -12.37 10.02 -19.32
C ALA A 366 -12.20 11.50 -19.64
N PRO A 367 -13.15 12.35 -19.28
CA PRO A 367 -13.01 13.77 -19.59
C PRO A 367 -11.88 14.39 -18.80
N PRO A 368 -11.22 15.42 -19.34
CA PRO A 368 -10.11 16.05 -18.62
C PRO A 368 -10.58 16.76 -17.36
N ILE A 369 -9.64 16.96 -16.44
CA ILE A 369 -9.90 17.60 -15.16
C ILE A 369 -9.04 18.85 -15.06
N ALA A 370 -9.66 19.96 -14.69
CA ALA A 370 -8.96 21.23 -14.56
C ALA A 370 -8.13 21.26 -13.29
N GLY A 371 -7.14 22.15 -13.26
CA GLY A 371 -6.23 22.23 -12.14
C GLY A 371 -5.37 20.98 -12.03
N ASN A 372 -4.66 20.90 -10.91
CA ASN A 372 -3.88 19.69 -10.63
C ASN A 372 -4.70 18.71 -9.81
N ILE A 373 -4.20 17.48 -9.72
CA ILE A 373 -4.90 16.40 -9.04
C ILE A 373 -3.99 15.85 -7.94
N THR A 374 -4.53 15.75 -6.73
CA THR A 374 -3.81 15.22 -5.59
C THR A 374 -4.65 14.12 -4.94
N CYS A 375 -4.01 13.00 -4.63
CA CYS A 375 -4.70 11.82 -4.14
C CYS A 375 -3.94 11.24 -2.95
N LYS A 376 -4.57 11.27 -1.77
CA LYS A 376 -4.05 10.59 -0.59
C LYS A 376 -4.77 9.26 -0.43
N SER A 377 -4.01 8.18 -0.35
CA SER A 377 -4.59 6.85 -0.29
C SER A 377 -3.81 5.97 0.69
N ASN A 378 -4.44 4.88 1.10
CA ASN A 378 -3.88 3.91 2.03
C ASN A 378 -3.78 2.56 1.34
N ILE A 379 -2.57 2.11 1.04
CA ILE A 379 -2.39 0.74 0.54
C ILE A 379 -2.64 -0.22 1.69
N THR A 380 -3.67 -1.06 1.54
CA THR A 380 -4.03 -2.03 2.56
C THR A 380 -3.85 -3.47 2.11
N GLY A 381 -3.45 -3.69 0.86
CA GLY A 381 -3.31 -5.03 0.33
C GLY A 381 -2.26 -5.11 -0.76
N LEU A 382 -2.08 -6.32 -1.27
CA LEU A 382 -1.11 -6.58 -2.33
C LEU A 382 -1.64 -7.69 -3.23
N LEU A 383 -1.09 -7.75 -4.44
CA LEU A 383 -1.36 -8.83 -5.39
C LEU A 383 -0.03 -9.33 -5.91
N LEU A 384 0.33 -10.55 -5.56
CA LEU A 384 1.61 -11.13 -5.92
C LEU A 384 1.42 -12.36 -6.81
N THR A 385 2.52 -12.83 -7.39
CA THR A 385 2.51 -14.00 -8.24
C THR A 385 3.92 -14.57 -8.32
N ARG A 386 4.04 -15.88 -8.13
CA ARG A 386 5.34 -16.53 -8.23
C ARG A 386 5.72 -16.74 -9.69
N ASP A 387 7.00 -17.07 -9.90
CA ASP A 387 7.52 -17.31 -11.25
C ASP A 387 7.47 -18.78 -11.65
N GLY A 388 7.25 -19.69 -10.71
CA GLY A 388 7.19 -21.10 -11.02
C GLY A 388 8.55 -21.71 -11.29
N LYS A 389 16.04 -20.50 -4.36
CA LYS A 389 15.46 -19.21 -4.04
C LYS A 389 14.00 -19.13 -4.48
N GLU A 390 13.33 -18.03 -4.14
CA GLU A 390 11.94 -17.81 -4.51
C GLU A 390 11.75 -16.37 -4.90
N THR A 391 11.08 -16.15 -6.04
CA THR A 391 10.84 -14.81 -6.57
C THR A 391 9.35 -14.56 -6.67
N PHE A 392 8.94 -13.33 -6.30
CA PHE A 392 7.55 -12.92 -6.34
C PHE A 392 7.41 -11.68 -7.20
N ARG A 393 6.44 -11.69 -8.11
CA ARG A 393 6.20 -10.58 -9.01
C ARG A 393 4.75 -10.10 -8.86
N PRO A 394 4.53 -8.83 -8.59
CA PRO A 394 3.14 -8.31 -8.55
C PRO A 394 2.52 -8.25 -9.93
N GLY A 395 1.91 -9.35 -10.37
CA GLY A 395 1.33 -9.41 -11.69
C GLY A 395 -0.18 -9.29 -11.72
N GLY A 396 -0.82 -9.49 -10.58
CA GLY A 396 -2.27 -9.44 -10.50
C GLY A 396 -2.92 -10.65 -11.15
N GLY A 397 -3.68 -10.43 -12.21
CA GLY A 397 -4.29 -11.53 -12.93
C GLY A 397 -5.77 -11.35 -13.20
N ASP A 398 -6.50 -10.76 -12.27
CA ASP A 398 -7.95 -10.61 -12.41
C ASP A 398 -8.44 -9.49 -11.50
N MET A 399 -9.60 -8.94 -11.86
CA MET A 399 -10.20 -7.89 -11.06
C MET A 399 -11.05 -8.42 -9.92
N ARG A 400 -11.51 -9.67 -10.01
CA ARG A 400 -12.28 -10.28 -8.93
C ARG A 400 -11.46 -10.46 -7.67
N ASP A 401 -10.13 -10.53 -7.79
CA ASP A 401 -9.27 -10.58 -6.62
C ASP A 401 -9.34 -9.29 -5.81
N ASN A 402 -9.80 -8.19 -6.41
CA ASN A 402 -10.00 -6.95 -5.67
C ASN A 402 -11.24 -7.01 -4.80
N TRP A 403 -12.28 -7.73 -5.23
CA TRP A 403 -13.46 -7.91 -4.39
C TRP A 403 -13.27 -9.03 -3.39
N ARG A 404 -12.44 -10.03 -3.71
CA ARG A 404 -12.16 -11.11 -2.76
C ARG A 404 -11.43 -10.61 -1.53
N SER A 405 -10.76 -9.46 -1.62
CA SER A 405 -10.06 -8.92 -0.46
C SER A 405 -11.03 -8.42 0.62
N GLU A 406 -12.22 -7.98 0.22
CA GLU A 406 -13.21 -7.47 1.16
C GLU A 406 -14.35 -8.43 1.41
N LEU A 407 -14.52 -9.45 0.58
CA LEU A 407 -15.57 -10.45 0.75
C LEU A 407 -15.02 -11.80 1.19
N TYR A 408 -13.87 -11.80 1.86
CA TYR A 408 -13.28 -13.05 2.32
C TYR A 408 -13.99 -13.58 3.56
N LYS A 409 -14.63 -12.71 4.34
CA LYS A 409 -15.19 -13.08 5.62
C LYS A 409 -16.71 -13.28 5.59
N TYR A 410 -17.34 -13.13 4.44
CA TYR A 410 -18.79 -13.21 4.34
C TYR A 410 -19.22 -14.42 3.53
N LYS A 411 -20.42 -14.91 3.83
CA LYS A 411 -20.98 -16.08 3.19
C LYS A 411 -22.49 -15.98 3.20
N VAL A 412 -23.12 -16.40 2.11
CA VAL A 412 -24.57 -16.36 1.94
C VAL A 412 -25.13 -17.76 2.11
N VAL A 413 -26.12 -17.91 3.00
CA VAL A 413 -26.74 -19.20 3.26
C VAL A 413 -28.25 -19.03 3.27
N GLU A 414 -28.96 -20.10 2.94
CA GLU A 414 -30.42 -20.13 2.96
C GLU A 414 -30.90 -20.81 4.24
N ILE A 415 -32.02 -20.32 4.76
CA ILE A 415 -32.57 -20.79 6.03
C ILE A 415 -33.65 -21.82 5.74
N LYS A 416 -33.46 -23.04 6.26
CA LYS A 416 -34.47 -24.09 6.16
C LYS A 416 -35.18 -24.21 7.51
N PRO A 417 -36.37 -23.64 7.66
CA PRO A 417 -36.99 -23.61 9.00
C PRO A 417 -37.71 -24.89 9.39
N LEU A 418 -38.03 -25.76 8.45
CA LEU A 418 -38.77 -26.98 8.75
C LEU A 418 -37.84 -28.01 9.38
N GLY A 419 -38.04 -28.28 10.67
CA GLY A 419 -37.25 -29.28 11.37
C GLY A 419 -38.13 -30.27 12.11
N ILE A 420 -38.00 -31.55 11.78
CA ILE A 420 -38.78 -32.60 12.41
C ILE A 420 -37.90 -33.37 13.37
N ALA A 421 -38.50 -33.89 14.43
CA ALA A 421 -37.77 -34.62 15.46
C ALA A 421 -38.77 -35.43 16.27
N PRO A 422 -38.38 -36.61 16.75
CA PRO A 422 -39.30 -37.44 17.54
C PRO A 422 -39.31 -37.03 19.01
N THR A 423 -40.51 -36.92 19.58
CA THR A 423 -40.70 -36.75 21.01
C THR A 423 -41.66 -37.81 21.51
N ARG A 424 -41.82 -37.88 22.82
CA ARG A 424 -42.79 -38.78 23.44
C ARG A 424 -44.17 -38.14 23.56
N CYS A 425 -44.58 -37.36 22.55
CA CYS A 425 -45.85 -36.65 22.59
C CYS A 425 -46.66 -36.99 21.35
N LYS A 426 -47.96 -37.19 21.54
CA LYS A 426 -48.87 -37.55 20.47
C LYS A 426 -50.03 -36.57 20.45
N ARG A 427 -50.67 -36.46 19.28
CA ARG A 427 -51.80 -35.57 19.12
C ARG A 427 -53.07 -36.18 19.71
N PHE B 1 -30.29 -7.76 13.49
CA PHE B 1 -31.38 -8.32 14.27
C PHE B 1 -30.88 -9.41 15.20
N LEU B 2 -31.26 -9.31 16.46
CA LEU B 2 -30.53 -9.91 17.58
C LEU B 2 -31.36 -11.10 18.03
N GLY B 3 -30.73 -12.27 18.06
CA GLY B 3 -31.34 -13.50 18.51
C GLY B 3 -31.50 -14.49 17.37
N PHE B 4 -31.68 -13.98 16.16
CA PHE B 4 -31.84 -14.81 14.96
C PHE B 4 -30.70 -15.79 14.82
N LEU B 5 -31.05 -17.07 14.70
CA LEU B 5 -30.09 -18.16 14.59
C LEU B 5 -29.14 -18.23 15.78
N GLY B 6 -29.55 -17.66 16.91
CA GLY B 6 -28.69 -17.63 18.08
C GLY B 6 -28.36 -19.02 18.61
N ALA B 7 -29.33 -19.91 18.59
CA ALA B 7 -29.17 -21.27 19.11
C ALA B 7 -28.75 -22.26 18.04
N ALA B 8 -28.06 -21.80 16.98
CA ALA B 8 -27.66 -22.71 15.91
C ALA B 8 -26.63 -23.71 16.40
N GLY B 9 -25.82 -23.34 17.39
CA GLY B 9 -24.91 -24.26 18.02
C GLY B 9 -25.39 -24.83 19.34
N SER B 10 -26.61 -24.52 19.74
CA SER B 10 -27.17 -25.04 20.98
C SER B 10 -27.86 -26.37 20.73
N THR B 11 -28.22 -27.04 21.84
CA THR B 11 -28.96 -28.28 21.75
C THR B 11 -30.35 -28.03 21.16
N MET B 12 -30.90 -29.08 20.53
CA MET B 12 -32.20 -28.97 19.87
C MET B 12 -33.29 -28.53 20.84
N GLY B 13 -33.20 -28.98 22.10
CA GLY B 13 -34.20 -28.58 23.08
C GLY B 13 -34.15 -27.10 23.40
N ALA B 14 -32.95 -26.55 23.54
CA ALA B 14 -32.82 -25.12 23.82
C ALA B 14 -33.28 -24.30 22.61
N ALA B 15 -32.93 -24.74 21.40
CA ALA B 15 -33.31 -24.00 20.21
C ALA B 15 -34.82 -24.04 19.99
N SER B 16 -35.47 -25.14 20.35
CA SER B 16 -36.92 -25.27 20.13
C SER B 16 -37.74 -24.26 20.92
N MET B 17 -37.15 -23.58 21.90
CA MET B 17 -37.89 -22.60 22.69
C MET B 17 -38.02 -21.25 21.99
N THR B 18 -37.03 -20.87 21.18
CA THR B 18 -37.06 -19.58 20.49
C THR B 18 -37.22 -19.73 18.98
N LEU B 19 -38.24 -20.48 18.55
CA LEU B 19 -38.57 -20.60 17.13
C LEU B 19 -39.28 -19.38 16.56
N THR B 20 -39.92 -18.58 17.42
CA THR B 20 -40.55 -17.34 16.96
C THR B 20 -39.55 -16.39 16.32
N VAL B 21 -38.30 -16.38 16.78
CA VAL B 21 -37.32 -15.44 16.24
C VAL B 21 -37.05 -15.74 14.77
N GLN B 22 -36.83 -17.02 14.44
CA GLN B 22 -36.61 -17.37 13.05
C GLN B 22 -37.90 -17.26 12.25
N ALA B 23 -39.07 -17.41 12.91
CA ALA B 23 -40.30 -17.34 12.14
C ALA B 23 -40.54 -15.90 11.74
N ARG B 24 -40.21 -14.97 12.64
CA ARG B 24 -40.36 -13.55 12.38
C ARG B 24 -39.41 -13.16 11.26
N ASN B 25 -38.11 -13.45 11.45
CA ASN B 25 -37.09 -13.05 10.49
C ASN B 25 -37.11 -13.86 9.22
N LEU B 26 -38.11 -14.71 8.95
CA LEU B 26 -38.06 -15.47 7.71
C LEU B 26 -38.57 -14.58 6.58
N LEU B 27 -39.40 -13.61 6.94
CA LEU B 27 -40.05 -12.69 6.03
C LEU B 27 -39.46 -11.32 6.33
N SER B 28 -39.30 -10.48 5.30
CA SER B 28 -38.64 -9.20 5.53
C SER B 28 -39.60 -8.08 5.89
N GLY B 29 -40.83 -8.09 5.38
CA GLY B 29 -41.78 -7.06 5.74
C GLY B 29 -42.04 -6.07 4.63
N ILE B 30 -42.33 -4.82 5.00
CA ILE B 30 -42.75 -3.82 4.03
C ILE B 30 -41.56 -3.02 3.53
N VAL B 31 -41.08 -2.08 4.36
CA VAL B 31 -39.75 -1.49 4.17
C VAL B 31 -38.68 -2.53 4.44
N GLN B 32 -37.64 -2.52 3.62
CA GLN B 32 -36.56 -3.48 3.73
C GLN B 32 -35.22 -2.83 3.48
N LEU B 33 -35.36 8.27 -17.06
CA LEU B 33 -35.65 7.03 -16.34
C LEU B 33 -35.08 5.83 -17.07
N GLN B 34 -34.32 5.01 -16.36
CA GLN B 34 -33.76 3.78 -16.90
C GLN B 34 -33.97 2.65 -15.92
N LEU B 35 -34.17 1.45 -16.46
CA LEU B 35 -34.23 0.25 -15.64
C LEU B 35 -32.85 -0.07 -15.09
N THR B 36 -32.81 -0.73 -13.94
CA THR B 36 -31.54 -1.10 -13.34
C THR B 36 -31.58 -2.57 -12.94
N VAL B 37 -30.39 -3.17 -12.90
CA VAL B 37 -30.22 -4.56 -12.46
C VAL B 37 -30.81 -4.78 -11.08
N TRP B 38 -30.69 -3.78 -10.20
CA TRP B 38 -31.15 -3.93 -8.83
C TRP B 38 -32.66 -4.03 -8.70
N GLY B 39 -33.42 -3.34 -9.56
CA GLY B 39 -34.87 -3.43 -9.43
C GLY B 39 -35.40 -4.82 -9.77
N ILE B 40 -34.92 -5.39 -10.87
CA ILE B 40 -35.34 -6.73 -11.26
C ILE B 40 -34.82 -7.77 -10.28
N LYS B 41 -33.55 -7.66 -9.88
CA LYS B 41 -32.99 -8.60 -8.91
C LYS B 41 -33.77 -8.57 -7.60
N GLN B 42 -34.05 -7.38 -7.08
CA GLN B 42 -34.82 -7.27 -5.84
C GLN B 42 -36.21 -7.87 -5.99
N LEU B 43 -36.93 -7.49 -7.05
CA LEU B 43 -38.30 -7.96 -7.20
C LEU B 43 -38.34 -9.48 -7.33
N GLN B 44 -37.43 -10.05 -8.13
CA GLN B 44 -37.38 -11.50 -8.28
C GLN B 44 -37.03 -12.20 -6.97
N THR B 45 -36.11 -11.62 -6.18
CA THR B 45 -35.75 -12.30 -4.94
C THR B 45 -36.87 -12.21 -3.90
N ARG B 46 -37.62 -11.10 -3.90
CA ARG B 46 -38.80 -11.03 -3.03
C ARG B 46 -39.86 -12.05 -3.44
N VAL B 47 -40.06 -12.21 -4.75
CA VAL B 47 -41.02 -13.21 -5.20
C VAL B 47 -40.57 -14.60 -4.79
N LEU B 48 -39.27 -14.90 -4.93
CA LEU B 48 -38.78 -16.22 -4.56
C LEU B 48 -38.93 -16.45 -3.07
N ALA B 49 -38.76 -15.40 -2.27
CA ALA B 49 -38.84 -15.55 -0.82
C ALA B 49 -40.27 -15.82 -0.40
N ILE B 50 -41.22 -15.07 -0.98
CA ILE B 50 -42.64 -15.34 -0.74
C ILE B 50 -43.00 -16.75 -1.17
N GLU B 51 -42.42 -17.21 -2.29
CA GLU B 51 -42.69 -18.55 -2.79
C GLU B 51 -42.21 -19.62 -1.80
N ARG B 52 -41.04 -19.42 -1.21
CA ARG B 52 -40.54 -20.37 -0.22
C ARG B 52 -41.38 -20.34 1.05
N TYR B 53 -41.76 -19.14 1.50
CA TYR B 53 -42.58 -19.05 2.70
C TYR B 53 -43.91 -19.74 2.48
N LEU B 54 -44.54 -19.51 1.32
CA LEU B 54 -45.84 -20.10 1.04
C LEU B 54 -45.74 -21.60 0.86
N ARG B 55 -44.58 -22.09 0.41
CA ARG B 55 -44.42 -23.54 0.28
C ARG B 55 -44.35 -24.19 1.65
N ASP B 56 -43.59 -23.58 2.57
CA ASP B 56 -43.52 -24.13 3.92
C ASP B 56 -44.87 -24.02 4.64
N GLN B 57 -45.56 -22.90 4.50
CA GLN B 57 -46.91 -22.79 5.06
C GLN B 57 -47.88 -23.77 4.41
N GLN B 58 -47.67 -24.11 3.13
CA GLN B 58 -48.47 -25.14 2.49
C GLN B 58 -48.24 -26.50 3.13
N LEU B 59 -46.98 -26.82 3.41
CA LEU B 59 -46.68 -28.09 4.06
C LEU B 59 -47.29 -28.13 5.45
N LEU B 60 -47.18 -27.03 6.21
CA LEU B 60 -47.83 -26.99 7.52
C LEU B 60 -49.34 -27.12 7.38
N GLY B 61 -49.90 -26.61 6.28
CA GLY B 61 -51.34 -26.70 6.07
C GLY B 61 -51.81 -28.12 5.84
N ILE B 62 -51.14 -28.84 4.94
CA ILE B 62 -51.56 -30.22 4.67
C ILE B 62 -51.22 -31.18 5.81
N TRP B 63 -50.47 -30.72 6.81
CA TRP B 63 -50.24 -31.49 8.03
C TRP B 63 -51.13 -31.03 9.18
N GLY B 64 -52.07 -30.13 8.92
CA GLY B 64 -52.95 -29.65 9.96
C GLY B 64 -52.26 -28.89 11.07
N CYS B 65 -51.19 -28.16 10.75
CA CYS B 65 -50.40 -27.45 11.75
C CYS B 65 -50.25 -25.97 11.39
N SER B 66 -51.26 -25.41 10.73
CA SER B 66 -51.12 -24.08 10.13
C SER B 66 -50.83 -23.02 11.19
N GLY B 67 -51.64 -23.00 12.27
CA GLY B 67 -51.55 -21.92 13.23
C GLY B 67 -50.40 -22.01 14.21
N LYS B 68 -49.76 -23.17 14.33
CA LYS B 68 -48.81 -23.42 15.40
C LYS B 68 -47.41 -23.61 14.84
N LEU B 69 -46.41 -23.25 15.65
CA LEU B 69 -45.02 -23.56 15.32
C LEU B 69 -44.61 -24.94 15.82
N ILE B 70 -45.24 -25.42 16.90
CA ILE B 70 -45.02 -26.76 17.43
C ILE B 70 -46.35 -27.50 17.44
N CYS B 71 -46.42 -28.59 16.68
CA CYS B 71 -47.59 -29.46 16.66
C CYS B 71 -47.13 -30.89 16.79
N CYS B 72 -47.92 -31.69 17.50
CA CYS B 72 -47.66 -33.11 17.65
C CYS B 72 -48.53 -33.88 16.67
N THR B 73 -48.04 -35.04 16.23
CA THR B 73 -48.70 -35.79 15.18
C THR B 73 -49.02 -37.21 15.65
N ASN B 74 -49.49 -38.03 14.72
CA ASN B 74 -49.77 -39.43 14.97
C ASN B 74 -48.72 -40.37 14.41
N VAL B 75 -47.79 -39.86 13.59
CA VAL B 75 -46.79 -40.70 12.94
C VAL B 75 -45.80 -41.19 13.99
N PRO B 76 -45.66 -42.50 14.15
CA PRO B 76 -44.65 -43.04 15.07
C PRO B 76 -43.26 -42.93 14.48
N TRP B 77 -42.27 -42.87 15.38
CA TRP B 77 -40.89 -42.67 14.95
C TRP B 77 -40.32 -44.03 14.58
N ASN B 78 -40.21 -44.24 13.28
CA ASN B 78 -39.58 -45.44 12.73
C ASN B 78 -38.09 -45.43 12.99
N SER B 79 -37.59 -46.54 13.55
CA SER B 79 -36.22 -46.59 14.04
C SER B 79 -35.18 -46.55 12.92
N SER B 80 -35.55 -46.92 11.69
CA SER B 80 -34.57 -46.87 10.60
C SER B 80 -34.12 -45.44 10.34
N TRP B 81 -34.95 -44.46 10.68
CA TRP B 81 -34.61 -43.06 10.47
C TRP B 81 -33.48 -42.64 11.40
N SER B 82 -33.68 -42.82 12.70
CA SER B 82 -32.65 -42.59 13.69
C SER B 82 -32.84 -43.58 14.85
N ASN B 83 -31.74 -44.10 15.36
CA ASN B 83 -31.76 -45.05 16.46
C ASN B 83 -31.54 -44.39 17.81
N LYS B 84 -31.32 -43.08 17.84
CA LYS B 84 -30.95 -42.39 19.07
C LYS B 84 -32.15 -42.20 19.99
N SER B 85 -31.85 -41.98 21.26
CA SER B 85 -32.88 -41.81 22.28
C SER B 85 -33.29 -40.34 22.38
N TYR B 86 -34.20 -40.06 23.32
CA TYR B 86 -34.67 -38.69 23.54
C TYR B 86 -33.56 -37.83 24.12
N ASP B 87 -32.84 -38.36 25.11
CA ASP B 87 -31.78 -37.59 25.75
C ASP B 87 -30.65 -37.26 24.79
N GLU B 88 -30.28 -38.20 23.92
CA GLU B 88 -29.20 -37.94 22.98
C GLU B 88 -29.64 -36.96 21.90
N ILE B 89 -30.92 -36.96 21.54
CA ILE B 89 -31.37 -36.07 20.48
C ILE B 89 -31.51 -34.64 21.00
N TRP B 90 -32.23 -34.48 22.11
CA TRP B 90 -32.59 -33.15 22.57
C TRP B 90 -31.56 -32.53 23.51
N ASP B 91 -30.62 -33.31 24.04
CA ASP B 91 -29.64 -32.78 24.97
C ASP B 91 -28.20 -33.11 24.56
N ASN B 92 -27.98 -33.46 23.30
CA ASN B 92 -26.63 -33.82 22.86
C ASN B 92 -26.38 -33.46 21.40
N MET B 93 -27.44 -33.09 20.68
CA MET B 93 -27.33 -32.79 19.25
C MET B 93 -27.89 -31.42 18.95
N THR B 94 -27.35 -30.80 17.90
CA THR B 94 -27.85 -29.56 17.34
C THR B 94 -28.75 -29.84 16.13
N TRP B 95 -29.62 -28.87 15.85
CA TRP B 95 -30.56 -29.02 14.73
C TRP B 95 -29.85 -29.24 13.40
N MET B 96 -28.65 -28.69 13.22
CA MET B 96 -27.99 -28.80 11.91
C MET B 96 -27.52 -30.22 11.65
N GLN B 97 -26.79 -30.82 12.59
CA GLN B 97 -26.36 -32.20 12.41
C GLN B 97 -27.54 -33.17 12.47
N TRP B 98 -28.64 -32.78 13.09
CA TRP B 98 -29.85 -33.58 13.03
C TRP B 98 -30.44 -33.56 11.62
N ASP B 99 -30.57 -32.36 11.04
CA ASP B 99 -31.08 -32.25 9.69
C ASP B 99 -30.19 -33.01 8.72
N ARG B 100 -28.87 -32.99 8.96
CA ARG B 100 -27.96 -33.77 8.13
C ARG B 100 -28.18 -35.27 8.31
N GLU B 101 -28.49 -35.70 9.53
CA GLU B 101 -28.69 -37.12 9.79
C GLU B 101 -30.01 -37.64 9.23
N ILE B 102 -31.02 -36.78 9.13
CA ILE B 102 -32.36 -37.22 8.71
C ILE B 102 -32.72 -36.75 7.30
N SER B 103 -31.87 -35.96 6.64
CA SER B 103 -32.11 -35.55 5.26
C SER B 103 -32.36 -36.72 4.32
N ASN B 104 -31.96 -37.94 4.71
CA ASN B 104 -32.13 -39.09 3.81
C ASN B 104 -33.60 -39.49 3.68
N TYR B 105 -34.37 -39.42 4.76
CA TYR B 105 -35.74 -39.93 4.76
C TYR B 105 -36.76 -38.81 4.87
N SER B 106 -36.38 -37.59 4.48
CA SER B 106 -37.27 -36.44 4.65
C SER B 106 -38.52 -36.56 3.77
N ASP B 107 -38.34 -36.96 2.50
CA ASP B 107 -39.50 -37.07 1.61
C ASP B 107 -40.42 -38.20 2.06
N THR B 108 -39.86 -39.32 2.52
CA THR B 108 -40.69 -40.41 3.02
C THR B 108 -41.45 -39.98 4.26
N ILE B 109 -40.80 -39.26 5.18
CA ILE B 109 -41.48 -38.79 6.37
C ILE B 109 -42.58 -37.80 6.00
N TYR B 110 -42.33 -36.93 5.03
CA TYR B 110 -43.34 -35.98 4.60
C TYR B 110 -44.54 -36.70 3.99
N ARG B 111 -44.27 -37.73 3.18
CA ARG B 111 -45.34 -38.52 2.59
C ARG B 111 -46.19 -39.18 3.67
N LEU B 112 -45.55 -39.83 4.64
CA LEU B 112 -46.33 -40.42 5.72
C LEU B 112 -47.03 -39.36 6.55
N LEU B 113 -46.46 -38.16 6.63
CA LEU B 113 -47.03 -37.14 7.49
C LEU B 113 -48.30 -36.56 6.87
N GLU B 114 -48.33 -36.48 5.55
CA GLU B 114 -49.52 -35.97 4.89
C GLU B 114 -50.56 -37.05 4.64
N GLU B 115 -50.14 -38.31 4.44
CA GLU B 115 -51.10 -39.36 4.13
C GLU B 115 -51.61 -40.05 5.38
N SER B 116 -50.68 -40.57 6.20
CA SER B 116 -51.04 -41.49 7.28
C SER B 116 -51.99 -40.85 8.27
N GLN B 117 -51.72 -39.60 8.64
CA GLN B 117 -52.60 -38.97 9.62
C GLN B 117 -53.61 -38.00 9.01
N ASN B 118 -53.21 -36.85 8.46
CA ASN B 118 -54.20 -35.78 8.23
C ASN B 118 -55.21 -36.10 7.14
N GLN B 119 -54.86 -36.99 6.21
CA GLN B 119 -55.83 -37.44 5.22
C GLN B 119 -56.77 -38.49 5.79
N GLN B 120 -56.33 -39.23 6.80
CA GLN B 120 -57.24 -40.12 7.51
C GLN B 120 -58.05 -39.34 8.54
N GLU B 121 -57.40 -38.39 9.21
CA GLU B 121 -58.04 -37.60 10.25
C GLU B 121 -59.21 -36.82 9.70
N LYS B 122 -59.10 -36.29 8.48
CA LYS B 122 -60.21 -35.49 7.97
C LYS B 122 -61.38 -36.38 7.55
N ASN B 123 -61.08 -37.52 6.93
CA ASN B 123 -62.14 -38.47 6.58
C ASN B 123 -62.81 -39.05 7.82
N GLU B 124 -62.02 -39.45 8.83
CA GLU B 124 -62.62 -39.93 10.07
C GLU B 124 -63.37 -38.82 10.82
N GLN B 125 -62.95 -37.56 10.67
CA GLN B 125 -63.68 -36.47 11.29
C GLN B 125 -65.02 -36.27 10.61
N ASP B 126 -65.06 -36.47 9.29
CA ASP B 126 -66.33 -36.38 8.57
C ASP B 126 -67.23 -37.56 8.90
N LEU B 127 -66.65 -38.77 8.97
CA LEU B 127 -67.43 -39.96 9.30
C LEU B 127 -67.85 -39.99 10.77
N LEU B 128 -67.19 -39.21 11.63
CA LEU B 128 -67.53 -39.18 13.04
C LEU B 128 -68.65 -38.19 13.32
N ALA B 129 -68.53 -36.97 12.82
CA ALA B 129 -69.63 -36.02 12.90
C ALA B 129 -70.74 -36.30 11.89
N LEU B 130 -70.69 -37.47 11.24
CA LEU B 130 -71.75 -37.86 10.31
C LEU B 130 -73.03 -38.23 11.04
N ASP B 131 -72.96 -38.49 12.34
CA ASP B 131 -74.11 -38.93 13.12
C ASP B 131 -74.34 -38.03 14.33
N GLU C 1 -18.32 -41.58 19.17
CA GLU C 1 -17.52 -41.94 18.01
C GLU C 1 -16.17 -41.22 18.03
N GLY C 2 -15.88 -40.57 19.16
CA GLY C 2 -14.62 -39.86 19.30
C GLY C 2 -13.54 -40.69 19.96
N GLN C 3 -12.33 -40.13 20.00
CA GLN C 3 -11.18 -40.78 20.58
C GLN C 3 -10.51 -39.85 21.59
N LEU C 4 -10.06 -40.42 22.71
CA LEU C 4 -9.33 -39.67 23.73
C LEU C 4 -8.05 -40.44 24.04
N VAL C 5 -6.91 -39.86 23.68
CA VAL C 5 -5.60 -40.46 23.90
C VAL C 5 -4.90 -39.71 25.01
N GLN C 6 -4.45 -40.45 26.02
CA GLN C 6 -3.76 -39.88 27.17
C GLN C 6 -2.25 -40.00 27.01
N SER C 7 -1.52 -39.36 27.91
CA SER C 7 -0.06 -39.41 27.87
C SER C 7 0.44 -40.77 28.33
N GLY C 8 1.71 -41.03 28.04
CA GLY C 8 2.32 -42.30 28.40
C GLY C 8 2.51 -42.44 29.89
N ALA C 9 2.82 -43.68 30.29
CA ALA C 9 3.04 -43.98 31.70
C ALA C 9 4.30 -43.28 32.20
N GLU C 10 4.26 -42.85 33.45
CA GLU C 10 5.36 -42.09 34.04
C GLU C 10 5.71 -42.67 35.42
N LEU C 11 6.97 -42.47 35.80
CA LEU C 11 7.47 -42.83 37.12
C LEU C 11 8.07 -41.58 37.75
N LYS C 12 7.44 -41.09 38.82
CA LYS C 12 7.87 -39.88 39.50
C LYS C 12 8.25 -40.20 40.93
N LYS C 13 9.27 -39.50 41.43
CA LYS C 13 9.66 -39.65 42.82
C LYS C 13 8.63 -38.99 43.72
N PRO C 14 8.40 -39.53 44.92
CA PRO C 14 7.41 -38.95 45.82
C PRO C 14 7.82 -37.56 46.28
N GLY C 15 6.87 -36.63 46.25
CA GLY C 15 7.11 -35.25 46.58
C GLY C 15 7.17 -34.31 45.39
N ALA C 16 7.24 -34.85 44.18
CA ALA C 16 7.31 -34.06 42.96
C ALA C 16 5.91 -33.94 42.36
N SER C 17 5.85 -33.46 41.12
CA SER C 17 4.59 -33.27 40.41
C SER C 17 4.65 -33.96 39.05
N VAL C 18 3.48 -34.13 38.45
CA VAL C 18 3.36 -34.75 37.13
C VAL C 18 2.12 -34.18 36.45
N LYS C 19 2.25 -33.84 35.17
CA LYS C 19 1.18 -33.24 34.39
C LYS C 19 0.78 -34.21 33.29
N ILE C 20 -0.43 -34.76 33.41
CA ILE C 20 -0.94 -35.75 32.46
C ILE C 20 -1.78 -35.03 31.39
N SER C 21 -1.54 -35.36 30.13
CA SER C 21 -2.24 -34.75 29.02
C SER C 21 -3.31 -35.69 28.48
N CYS C 22 -4.28 -35.10 27.77
CA CYS C 22 -5.42 -35.85 27.24
C CYS C 22 -5.85 -35.17 25.94
N LYS C 23 -5.48 -35.76 24.81
CA LYS C 23 -5.80 -35.22 23.50
C LYS C 23 -7.05 -35.91 22.95
N THR C 24 -8.04 -35.10 22.58
CA THR C 24 -9.31 -35.60 22.09
C THR C 24 -9.47 -35.29 20.61
N SER C 25 -10.18 -36.16 19.91
CA SER C 25 -10.46 -35.98 18.49
C SER C 25 -11.77 -36.68 18.15
N GLY C 26 -12.35 -36.28 17.02
CA GLY C 26 -13.57 -36.88 16.53
C GLY C 26 -14.85 -36.22 17.01
N TYR C 27 -14.76 -35.24 17.91
CA TYR C 27 -15.95 -34.55 18.39
C TYR C 27 -15.59 -33.12 18.73
N ARG C 28 -16.62 -32.33 19.03
CA ARG C 28 -16.43 -30.94 19.42
C ARG C 28 -15.92 -30.87 20.85
N PHE C 29 -14.64 -30.53 21.00
CA PHE C 29 -14.01 -30.54 22.33
C PHE C 29 -14.63 -29.50 23.25
N ASN C 30 -15.18 -28.42 22.70
CA ASN C 30 -15.78 -27.36 23.51
C ASN C 30 -17.25 -27.61 23.81
N PHE C 31 -17.75 -28.84 23.61
CA PHE C 31 -19.14 -29.15 23.89
C PHE C 31 -19.33 -30.04 25.12
N TYR C 32 -18.31 -30.77 25.55
CA TYR C 32 -18.45 -31.73 26.62
C TYR C 32 -17.38 -31.51 27.69
N HIS C 33 -17.74 -31.79 28.93
CA HIS C 33 -16.80 -31.69 30.03
C HIS C 33 -15.72 -32.76 29.90
N ILE C 34 -14.58 -32.51 30.53
CA ILE C 34 -13.47 -33.45 30.58
C ILE C 34 -13.29 -33.87 32.02
N ASN C 35 -13.67 -35.11 32.33
CA ASN C 35 -13.57 -35.64 33.68
C ASN C 35 -12.24 -36.36 33.87
N TRP C 36 -11.69 -36.25 35.09
CA TRP C 36 -10.49 -36.96 35.49
C TRP C 36 -10.85 -37.88 36.65
N ILE C 37 -10.62 -39.18 36.46
CA ILE C 37 -10.91 -40.19 37.47
C ILE C 37 -9.72 -41.13 37.57
N ARG C 38 -9.27 -41.40 38.79
CA ARG C 38 -8.16 -42.31 39.05
C ARG C 38 -8.67 -43.58 39.72
N GLN C 39 -7.80 -44.57 39.79
CA GLN C 39 -8.11 -45.83 40.46
C GLN C 39 -6.83 -46.41 41.02
N THR C 40 -6.78 -46.61 42.33
CA THR C 40 -5.66 -47.23 43.00
C THR C 40 -6.11 -48.56 43.60
N ALA C 41 -5.16 -49.27 44.23
CA ALA C 41 -5.46 -50.54 44.89
C ALA C 41 -6.03 -50.38 46.29
N GLY C 42 -5.73 -49.28 46.97
CA GLY C 42 -6.21 -49.10 48.34
C GLY C 42 -7.64 -48.62 48.45
N ARG C 43 -8.02 -47.64 47.64
CA ARG C 43 -9.35 -47.04 47.72
C ARG C 43 -10.21 -47.33 46.49
N GLY C 44 -9.72 -48.11 45.54
CA GLY C 44 -10.46 -48.41 44.34
C GLY C 44 -10.65 -47.19 43.46
N PRO C 45 -11.73 -47.17 42.68
CA PRO C 45 -11.99 -46.02 41.81
C PRO C 45 -12.40 -44.80 42.62
N GLU C 46 -11.93 -43.63 42.19
CA GLU C 46 -12.20 -42.39 42.90
C GLU C 46 -12.26 -41.25 41.89
N TRP C 47 -13.41 -40.60 41.79
CA TRP C 47 -13.57 -39.47 40.90
C TRP C 47 -12.78 -38.27 41.43
N MET C 48 -11.94 -37.70 40.56
CA MET C 48 -11.08 -36.59 40.97
C MET C 48 -11.73 -35.24 40.68
N GLY C 49 -12.10 -35.00 39.43
CA GLY C 49 -12.72 -33.72 39.09
C GLY C 49 -13.08 -33.67 37.63
N TRP C 50 -13.55 -32.49 37.20
CA TRP C 50 -13.85 -32.25 35.80
C TRP C 50 -13.72 -30.76 35.52
N ILE C 51 -13.50 -30.44 34.24
CA ILE C 51 -13.34 -29.06 33.80
C ILE C 51 -14.05 -28.91 32.45
N SER C 52 -14.59 -27.71 32.22
CA SER C 52 -15.33 -27.42 31.01
C SER C 52 -14.43 -26.69 30.02
N PRO C 53 -14.18 -27.25 28.83
CA PRO C 53 -13.38 -26.52 27.84
C PRO C 53 -14.07 -25.30 27.28
N TYR C 54 -15.39 -25.17 27.44
CA TYR C 54 -16.14 -24.04 26.91
C TYR C 54 -16.15 -22.86 27.88
N SER C 55 -16.76 -23.04 29.05
CA SER C 55 -16.91 -21.97 30.03
C SER C 55 -15.75 -21.87 31.00
N GLY C 56 -14.79 -22.79 30.93
CA GLY C 56 -13.67 -22.79 31.86
C GLY C 56 -14.03 -23.14 33.29
N ASP C 57 -15.29 -23.45 33.57
CA ASP C 57 -15.69 -23.78 34.94
C ASP C 57 -15.18 -25.17 35.31
N LYS C 58 -14.62 -25.28 36.51
CA LYS C 58 -14.06 -26.53 36.99
C LYS C 58 -14.69 -26.89 38.32
N ASN C 59 -14.72 -28.20 38.62
CA ASN C 59 -15.23 -28.71 39.88
C ASN C 59 -14.37 -29.89 40.31
N LEU C 60 -13.77 -29.77 41.49
CA LEU C 60 -12.88 -30.79 42.02
C LEU C 60 -13.47 -31.41 43.28
N ALA C 61 -12.99 -32.61 43.60
CA ALA C 61 -13.34 -33.23 44.86
C ALA C 61 -12.55 -32.60 45.99
N PRO C 62 -13.13 -32.53 47.20
CA PRO C 62 -12.41 -31.90 48.32
C PRO C 62 -11.09 -32.58 48.64
N ALA C 63 -10.95 -33.89 48.36
CA ALA C 63 -9.70 -34.58 48.63
C ALA C 63 -8.59 -34.12 47.69
N PHE C 64 -8.91 -33.90 46.41
CA PHE C 64 -7.95 -33.46 45.42
C PHE C 64 -8.02 -31.97 45.14
N GLN C 65 -8.80 -31.22 45.94
CA GLN C 65 -8.94 -29.79 45.74
C GLN C 65 -7.67 -29.02 46.13
N ASP C 66 -6.74 -29.66 46.84
CA ASP C 66 -5.51 -29.03 47.28
C ASP C 66 -4.28 -29.55 46.57
N ARG C 67 -4.45 -30.30 45.48
CA ARG C 67 -3.31 -30.90 44.82
C ARG C 67 -3.50 -31.12 43.32
N VAL C 68 -4.67 -30.84 42.75
CA VAL C 68 -4.94 -31.06 41.33
C VAL C 68 -5.31 -29.73 40.70
N ILE C 69 -4.69 -29.44 39.55
CA ILE C 69 -4.99 -28.24 38.76
C ILE C 69 -5.26 -28.69 37.34
N MET C 70 -6.46 -28.38 36.84
CA MET C 70 -6.90 -28.80 35.52
C MET C 70 -6.95 -27.61 34.57
N THR C 71 -6.45 -27.81 33.35
CA THR C 71 -6.48 -26.79 32.32
C THR C 71 -6.93 -27.41 31.01
N THR C 72 -7.36 -26.56 30.09
CA THR C 72 -7.81 -27.00 28.77
C THR C 72 -7.29 -26.04 27.71
N ASP C 73 -6.81 -26.60 26.60
CA ASP C 73 -6.40 -25.79 25.47
C ASP C 73 -7.60 -25.47 24.58
N THR C 74 -7.37 -24.57 23.62
CA THR C 74 -8.41 -24.22 22.66
C THR C 74 -8.52 -25.28 21.59
N GLU C 75 -9.73 -25.49 21.10
CA GLU C 75 -9.97 -26.54 20.11
C GLU C 75 -9.44 -26.12 18.74
N VAL C 76 -8.70 -27.03 18.10
CA VAL C 76 -8.23 -26.83 16.74
C VAL C 76 -9.26 -27.43 15.79
N PRO C 77 -10.02 -26.63 15.05
CA PRO C 77 -11.09 -27.19 14.22
C PRO C 77 -10.56 -28.02 13.07
N VAL C 78 -11.39 -28.95 12.62
CA VAL C 78 -11.09 -29.77 11.45
C VAL C 78 -12.25 -29.66 10.47
N THR C 79 -13.43 -30.05 10.91
CA THR C 79 -14.66 -29.91 10.14
C THR C 79 -15.62 -28.97 10.87
N SER C 80 -16.85 -28.88 10.37
CA SER C 80 -17.85 -28.04 11.00
C SER C 80 -18.39 -28.62 12.29
N PHE C 81 -18.30 -29.95 12.46
CA PHE C 81 -18.85 -30.61 13.64
C PHE C 81 -17.82 -31.41 14.42
N THR C 82 -16.55 -31.34 14.06
CA THR C 82 -15.49 -32.03 14.78
C THR C 82 -14.31 -31.08 15.00
N SER C 83 -13.44 -31.45 15.93
CA SER C 83 -12.27 -30.65 16.26
C SER C 83 -11.30 -31.52 17.05
N THR C 84 -10.16 -30.95 17.41
CA THR C 84 -9.15 -31.62 18.22
C THR C 84 -8.80 -30.72 19.40
N GLY C 85 -8.97 -31.23 20.62
CA GLY C 85 -8.69 -30.47 21.82
C GLY C 85 -7.67 -31.19 22.71
N ALA C 86 -7.24 -30.47 23.75
CA ALA C 86 -6.25 -30.99 24.68
C ALA C 86 -6.59 -30.52 26.09
N ALA C 87 -6.52 -31.45 27.04
CA ALA C 87 -6.73 -31.15 28.45
C ALA C 87 -5.54 -31.63 29.25
N TYR C 88 -5.36 -31.03 30.42
CA TYR C 88 -4.21 -31.34 31.27
C TYR C 88 -4.63 -31.40 32.73
N MET C 89 -4.08 -32.38 33.45
CA MET C 89 -4.30 -32.52 34.90
C MET C 89 -2.94 -32.57 35.57
N GLU C 90 -2.61 -31.53 36.33
CA GLU C 90 -1.34 -31.44 37.03
C GLU C 90 -1.58 -31.78 38.49
N ILE C 91 -1.00 -32.89 38.95
CA ILE C 91 -1.13 -33.35 40.33
C ILE C 91 0.22 -33.23 41.00
N ARG C 92 0.25 -32.59 42.17
CA ARG C 92 1.48 -32.31 42.90
C ARG C 92 1.44 -33.00 44.26
N ASN C 93 2.61 -33.01 44.91
CA ASN C 93 2.80 -33.66 46.21
C ASN C 93 2.38 -35.13 46.14
N LEU C 94 3.11 -35.88 45.31
CA LEU C 94 2.79 -37.28 45.08
C LEU C 94 3.21 -38.13 46.27
N LYS C 95 2.39 -39.13 46.59
CA LYS C 95 2.66 -40.08 47.65
C LYS C 95 2.54 -41.50 47.09
N PHE C 96 2.90 -42.48 47.93
CA PHE C 96 2.89 -43.87 47.48
C PHE C 96 1.48 -44.37 47.21
N ASP C 97 0.48 -43.85 47.93
CA ASP C 97 -0.89 -44.29 47.72
C ASP C 97 -1.50 -43.72 46.44
N ASP C 98 -0.82 -42.79 45.77
CA ASP C 98 -1.29 -42.24 44.51
C ASP C 98 -0.86 -43.06 43.30
N THR C 99 -0.10 -44.13 43.52
CA THR C 99 0.31 -45.01 42.42
C THR C 99 -0.89 -45.78 41.91
N GLY C 100 -1.29 -45.51 40.67
CA GLY C 100 -2.44 -46.18 40.10
C GLY C 100 -2.64 -45.80 38.66
N THR C 101 -3.84 -46.08 38.16
CA THR C 101 -4.20 -45.82 36.76
C THR C 101 -5.17 -44.65 36.70
N TYR C 102 -4.80 -43.62 35.95
CA TYR C 102 -5.63 -42.43 35.78
C TYR C 102 -6.34 -42.48 34.44
N PHE C 103 -7.45 -41.75 34.36
CA PHE C 103 -8.28 -41.73 33.16
C PHE C 103 -8.87 -40.34 32.94
N CYS C 104 -8.94 -39.93 31.67
CA CYS C 104 -9.73 -38.79 31.27
C CYS C 104 -10.91 -39.28 30.44
N ALA C 105 -12.08 -38.69 30.68
CA ALA C 105 -13.31 -39.16 30.06
C ALA C 105 -14.13 -38.00 29.55
N LYS C 106 -14.92 -38.27 28.51
CA LYS C 106 -15.79 -37.27 27.90
C LYS C 106 -17.15 -37.28 28.57
N GLY C 107 -17.71 -36.07 28.76
CA GLY C 107 -19.04 -35.97 29.33
C GLY C 107 -20.10 -36.64 28.47
N LEU C 108 -21.23 -36.94 29.10
CA LEU C 108 -22.30 -37.66 28.42
C LEU C 108 -23.05 -36.76 27.45
N LEU C 109 -23.85 -35.83 27.98
CA LEU C 109 -24.69 -34.95 27.18
C LEU C 109 -24.24 -33.51 27.33
N ARG C 110 -24.70 -32.66 26.41
CA ARG C 110 -24.39 -31.24 26.47
C ARG C 110 -25.32 -30.51 27.43
N ASP C 111 -26.52 -31.03 27.65
CA ASP C 111 -27.49 -30.42 28.55
C ASP C 111 -28.23 -31.52 29.28
N GLY C 112 -28.98 -31.14 30.31
CA GLY C 112 -29.76 -32.10 31.07
C GLY C 112 -29.34 -32.21 32.51
N SER C 113 -29.70 -33.33 33.16
CA SER C 113 -29.40 -33.54 34.57
C SER C 113 -28.11 -34.32 34.80
N SER C 114 -27.50 -34.87 33.73
CA SER C 114 -26.27 -35.65 33.84
C SER C 114 -25.38 -35.31 32.63
N THR C 115 -24.95 -34.05 32.59
CA THR C 115 -24.15 -33.57 31.46
C THR C 115 -22.69 -33.97 31.60
N TRP C 116 -22.11 -33.76 32.79
CA TRP C 116 -20.70 -34.01 33.03
C TRP C 116 -20.36 -35.49 33.14
N LEU C 117 -21.35 -36.37 33.13
CA LEU C 117 -21.13 -37.77 33.46
C LEU C 117 -20.10 -38.39 32.52
N PRO C 118 -19.07 -39.06 33.03
CA PRO C 118 -18.04 -39.65 32.17
C PRO C 118 -18.61 -40.74 31.28
N TYR C 119 -18.45 -40.58 29.97
CA TYR C 119 -18.99 -41.53 28.99
C TYR C 119 -17.89 -42.13 28.14
N LEU C 120 -17.18 -41.33 27.33
CA LEU C 120 -16.11 -41.83 26.48
C LEU C 120 -14.80 -41.74 27.26
N TRP C 121 -14.34 -42.87 27.77
CA TRP C 121 -13.11 -42.94 28.56
C TRP C 121 -11.91 -43.20 27.65
N GLY C 122 -10.75 -42.73 28.09
CA GLY C 122 -9.51 -42.94 27.37
C GLY C 122 -8.96 -44.34 27.61
N GLN C 123 -7.68 -44.51 27.28
CA GLN C 123 -7.02 -45.78 27.48
C GLN C 123 -6.34 -45.91 28.84
N GLY C 124 -6.05 -44.79 29.50
CA GLY C 124 -5.48 -44.80 30.82
C GLY C 124 -4.01 -44.44 30.83
N THR C 125 -3.54 -43.99 31.99
CA THR C 125 -2.15 -43.64 32.21
C THR C 125 -1.71 -44.23 33.54
N LEU C 126 -0.65 -45.03 33.51
CA LEU C 126 -0.14 -45.67 34.71
C LEU C 126 0.91 -44.76 35.35
N LEU C 127 0.63 -44.29 36.55
CA LEU C 127 1.51 -43.40 37.29
C LEU C 127 2.06 -44.13 38.50
N THR C 128 3.38 -44.32 38.54
CA THR C 128 4.06 -44.93 39.66
C THR C 128 4.80 -43.88 40.48
N VAL C 129 4.73 -44.00 41.80
CA VAL C 129 5.36 -43.08 42.72
C VAL C 129 6.29 -43.89 43.61
N SER C 130 7.58 -43.85 43.29
CA SER C 130 8.58 -44.61 44.06
C SER C 130 9.93 -43.93 43.91
N SER C 131 10.69 -43.90 45.01
CA SER C 131 12.03 -43.33 44.99
C SER C 131 13.06 -44.24 44.33
N ALA C 132 12.69 -45.48 44.01
CA ALA C 132 13.61 -46.39 43.36
C ALA C 132 13.90 -45.93 41.93
N SER C 133 15.10 -46.28 41.45
CA SER C 133 15.52 -45.86 40.12
C SER C 133 14.92 -46.77 39.05
N THR C 134 14.88 -46.24 37.83
CA THR C 134 14.37 -47.02 36.71
C THR C 134 15.38 -48.08 36.29
N LYS C 135 14.91 -49.31 36.13
CA LYS C 135 15.75 -50.44 35.77
C LYS C 135 15.32 -50.99 34.42
N GLY C 136 16.31 -51.28 33.56
CA GLY C 136 16.05 -51.82 32.25
C GLY C 136 15.73 -53.30 32.29
N PRO C 137 14.96 -53.77 31.30
CA PRO C 137 14.57 -55.17 31.25
C PRO C 137 15.69 -56.05 30.70
N SER C 138 15.46 -57.36 30.78
CA SER C 138 16.37 -58.36 30.21
C SER C 138 15.51 -59.41 29.52
N VAL C 139 15.60 -59.46 28.19
CA VAL C 139 14.76 -60.33 27.37
C VAL C 139 15.52 -61.61 27.07
N PHE C 140 14.83 -62.75 27.22
CA PHE C 140 15.39 -64.06 26.94
C PHE C 140 14.42 -64.85 26.08
N PRO C 141 14.94 -65.68 25.14
CA PRO C 141 14.09 -66.47 24.26
C PRO C 141 13.33 -67.56 25.00
N LEU C 142 6.42 -70.97 20.90
CA LEU C 142 7.57 -70.14 21.25
C LEU C 142 7.12 -68.80 21.81
N GLY C 143 8.02 -68.12 22.52
CA GLY C 143 7.71 -66.84 23.10
C GLY C 143 8.94 -66.21 23.70
N CYS C 144 8.78 -64.94 24.09
CA CYS C 144 9.85 -64.18 24.72
C CYS C 144 9.53 -63.93 26.18
N LEU C 145 10.55 -63.48 26.92
CA LEU C 145 10.49 -63.45 28.39
C LEU C 145 11.19 -62.20 28.89
N VAL C 146 10.44 -61.33 29.56
CA VAL C 146 10.96 -60.08 30.12
C VAL C 146 11.13 -60.25 31.62
N LYS C 147 12.23 -59.71 32.16
CA LYS C 147 12.57 -59.91 33.56
C LYS C 147 13.14 -58.64 34.16
N ASP C 148 12.71 -58.31 35.38
CA ASP C 148 13.27 -57.25 36.20
C ASP C 148 13.29 -55.92 35.44
N TYR C 149 12.09 -55.40 35.17
CA TYR C 149 11.95 -54.23 34.32
C TYR C 149 11.30 -53.04 35.01
N PHE C 150 11.15 -53.06 36.34
CA PHE C 150 10.53 -51.99 37.12
C PHE C 150 10.94 -50.62 36.60
N PRO C 151 9.98 -49.71 36.35
CA PRO C 151 8.54 -49.88 36.60
C PRO C 151 7.76 -50.50 35.46
N GLU C 152 6.44 -50.62 35.64
CA GLU C 152 5.49 -51.10 34.66
C GLU C 152 4.97 -49.96 33.80
N PRO C 153 4.47 -50.25 32.59
CA PRO C 153 4.44 -51.55 31.93
C PRO C 153 5.48 -51.67 30.82
N VAL C 154 5.48 -52.81 30.12
CA VAL C 154 6.36 -53.06 28.99
C VAL C 154 5.51 -53.29 27.76
N THR C 155 5.85 -52.61 26.66
CA THR C 155 5.12 -52.76 25.41
C THR C 155 5.93 -53.57 24.40
N VAL C 156 -0.82 -64.73 19.51
CA VAL C 156 -0.14 -63.97 20.53
C VAL C 156 -0.93 -63.98 21.83
N HIS C 157 -0.23 -64.25 22.93
CA HIS C 157 -0.86 -64.29 24.25
C HIS C 157 0.15 -63.81 25.27
N THR C 158 -0.12 -62.67 25.89
CA THR C 158 0.77 -62.06 26.88
C THR C 158 0.16 -62.20 28.27
N PHE C 159 1.00 -62.62 29.23
CA PHE C 159 0.60 -62.80 30.62
C PHE C 159 0.99 -61.58 31.44
N PRO C 160 0.19 -61.25 32.46
CA PRO C 160 0.56 -60.13 33.34
C PRO C 160 1.87 -60.40 34.07
N ALA C 161 2.47 -59.32 34.57
CA ALA C 161 3.79 -59.39 35.18
C ALA C 161 3.70 -59.66 36.67
N VAL C 162 4.64 -60.45 37.18
CA VAL C 162 4.72 -60.71 38.60
C VAL C 162 5.44 -59.55 39.30
N LEU C 163 5.20 -59.42 40.59
CA LEU C 163 5.87 -58.42 41.43
C LEU C 163 6.80 -59.16 42.38
N GLN C 164 8.09 -59.12 42.08
CA GLN C 164 9.08 -59.79 42.91
C GLN C 164 9.17 -59.12 44.28
N SER C 165 9.74 -59.85 45.24
CA SER C 165 9.93 -59.30 46.57
C SER C 165 10.91 -58.13 46.58
N SER C 166 11.76 -58.03 45.57
CA SER C 166 12.72 -56.93 45.47
C SER C 166 12.09 -55.65 44.93
N GLY C 167 10.89 -55.72 44.37
CA GLY C 167 10.25 -54.57 43.79
C GLY C 167 10.35 -54.47 42.28
N LEU C 168 10.72 -55.54 41.60
CA LEU C 168 10.86 -55.56 40.15
C LEU C 168 9.75 -56.40 39.53
N TYR C 169 9.54 -56.19 38.23
CA TYR C 169 8.47 -56.86 37.49
C TYR C 169 9.06 -57.81 36.45
N SER C 170 8.28 -58.83 36.11
CA SER C 170 8.70 -59.82 35.10
C SER C 170 7.45 -60.42 34.49
N LEU C 171 7.32 -60.32 33.17
CA LEU C 171 6.18 -60.84 32.43
C LEU C 171 6.65 -61.89 31.42
N SER C 172 5.68 -62.51 30.75
CA SER C 172 5.95 -63.51 29.74
C SER C 172 4.97 -63.32 28.58
N SER C 173 5.43 -63.67 27.38
CA SER C 173 4.61 -63.55 26.18
C SER C 173 4.73 -64.79 25.31
N CYS C 174 10.33 -61.01 18.36
CA CYS C 174 9.56 -60.23 19.32
C CYS C 174 10.22 -58.87 19.56
N ASN C 175 9.40 -57.84 19.71
CA ASN C 175 9.86 -56.48 19.94
C ASN C 175 9.40 -56.03 21.32
N VAL C 176 10.36 -55.79 22.22
CA VAL C 176 10.08 -55.42 23.60
C VAL C 176 10.57 -53.99 23.80
N ASN C 177 9.64 -53.10 24.18
CA ASN C 177 9.94 -51.69 24.39
C ASN C 177 9.56 -51.31 25.81
N HIS C 178 10.54 -50.83 26.57
CA HIS C 178 10.33 -50.31 27.92
C HIS C 178 10.60 -48.81 27.88
N LYS C 179 9.56 -48.04 27.57
CA LYS C 179 9.71 -46.60 27.41
C LYS C 179 10.13 -45.86 28.69
N PRO C 180 9.75 -46.28 29.91
CA PRO C 180 10.32 -45.61 31.10
C PRO C 180 11.83 -45.55 31.12
N SER C 181 12.50 -46.58 30.61
CA SER C 181 13.95 -46.58 30.50
C SER C 181 14.43 -46.23 29.09
N ASN C 182 13.50 -46.07 28.14
CA ASN C 182 13.82 -45.72 26.75
C ASN C 182 14.74 -46.78 26.13
N THR C 183 14.26 -48.01 26.11
CA THR C 183 15.01 -49.15 25.58
C THR C 183 14.15 -49.95 24.62
N LYS C 184 14.77 -50.45 23.57
CA LYS C 184 14.10 -51.30 22.58
C LYS C 184 14.94 -52.55 22.36
N VAL C 185 14.35 -53.72 22.60
CA VAL C 185 15.03 -55.00 22.46
C VAL C 185 14.32 -55.80 21.38
N ASP C 186 15.05 -56.15 20.33
CA ASP C 186 14.53 -56.94 19.22
C ASP C 186 15.22 -58.30 19.24
N LYS C 187 14.47 -59.35 19.59
CA LYS C 187 15.01 -60.69 19.66
C LYS C 187 14.52 -61.56 18.50
N SER D 1 -15.57 -46.66 51.24
CA SER D 1 -16.56 -45.73 50.69
C SER D 1 -17.90 -45.85 51.42
N VAL D 2 -18.60 -44.74 51.53
CA VAL D 2 -19.89 -44.73 52.23
C VAL D 2 -20.98 -45.37 51.39
N LEU D 3 -20.77 -45.50 50.08
CA LEU D 3 -21.76 -46.11 49.19
C LEU D 3 -21.41 -47.59 49.07
N THR D 4 -22.12 -48.42 49.82
CA THR D 4 -21.81 -49.85 49.88
C THR D 4 -22.67 -50.61 48.88
N GLN D 5 -22.03 -51.51 48.14
CA GLN D 5 -22.69 -52.39 47.19
C GLN D 5 -22.69 -53.82 47.73
N SER D 6 -23.09 -54.76 46.88
CA SER D 6 -22.99 -56.17 47.23
C SER D 6 -21.55 -56.63 47.01
N ALA D 7 -20.97 -57.29 48.02
CA ALA D 7 -19.59 -57.75 47.90
C ALA D 7 -19.45 -58.76 46.77
N SER D 8 -20.44 -59.62 46.59
CA SER D 8 -20.44 -60.59 45.50
C SER D 8 -21.86 -61.08 45.29
N VAL D 9 -22.12 -61.59 44.08
CA VAL D 9 -23.43 -62.13 43.74
C VAL D 9 -23.23 -63.09 42.57
N SER D 10 -24.07 -64.12 42.50
CA SER D 10 -23.97 -65.15 41.49
C SER D 10 -25.28 -65.26 40.72
N GLY D 11 -25.19 -65.86 39.54
CA GLY D 11 -26.36 -66.06 38.69
C GLY D 11 -26.08 -67.11 37.65
N SER D 12 -27.13 -67.87 37.31
CA SER D 12 -26.98 -68.94 36.35
C SER D 12 -26.89 -68.40 34.92
N LEU D 13 -26.37 -69.23 34.03
CA LEU D 13 -26.25 -68.86 32.62
C LEU D 13 -27.63 -68.76 31.98
N GLY D 14 -27.88 -67.65 31.29
CA GLY D 14 -29.18 -67.40 30.70
C GLY D 14 -30.22 -66.86 31.67
N GLN D 15 -29.86 -66.60 32.91
CA GLN D 15 -30.78 -66.11 33.92
C GLN D 15 -30.52 -64.62 34.16
N SER D 16 -31.00 -64.08 35.28
CA SER D 16 -30.80 -62.69 35.63
C SER D 16 -30.15 -62.60 37.01
N VAL D 17 -29.50 -61.45 37.26
CA VAL D 17 -28.84 -61.18 38.53
C VAL D 17 -29.16 -59.74 38.93
N THR D 18 -28.99 -59.46 40.22
CA THR D 18 -29.28 -58.14 40.77
C THR D 18 -28.14 -57.68 41.67
N ILE D 19 -27.75 -56.42 41.52
CA ILE D 19 -26.69 -55.81 42.32
C ILE D 19 -27.29 -54.65 43.10
N SER D 20 -26.98 -54.59 44.39
CA SER D 20 -27.48 -53.55 45.27
C SER D 20 -26.49 -52.40 45.39
N CYS D 21 -27.00 -51.24 45.82
CA CYS D 21 -26.19 -50.04 45.96
C CYS D 21 -26.91 -49.11 46.90
N THR D 22 -26.39 -48.95 48.12
CA THR D 22 -27.05 -48.13 49.13
C THR D 22 -26.01 -47.52 50.06
N GLY D 23 -26.44 -46.52 50.80
CA GLY D 23 -25.61 -45.84 51.76
C GLY D 23 -26.41 -44.98 52.70
N PRO D 24 -25.72 -44.12 53.47
CA PRO D 24 -26.44 -43.22 54.39
C PRO D 24 -27.20 -42.13 53.66
N ASN D 25 -27.75 -41.18 54.42
CA ASN D 25 -28.46 -40.06 53.80
C ASN D 25 -27.53 -39.10 53.08
N SER D 26 -26.22 -39.20 53.31
CA SER D 26 -25.28 -38.41 52.52
C SER D 26 -25.30 -38.83 51.05
N VAL D 27 -25.57 -40.10 50.78
CA VAL D 27 -25.73 -40.62 49.43
C VAL D 27 -27.07 -41.33 49.33
N CYS D 28 -28.11 -40.74 49.92
CA CYS D 28 -29.43 -41.33 49.88
C CYS D 28 -29.98 -41.36 48.46
N CYS D 29 -30.64 -42.45 48.11
CA CYS D 29 -31.15 -42.66 46.76
C CYS D 29 -32.41 -41.86 46.47
N SER D 30 -32.96 -41.13 47.45
CA SER D 30 -34.19 -40.40 47.22
C SER D 30 -33.94 -39.11 46.46
N HIS D 31 -32.81 -38.43 46.71
CA HIS D 31 -32.54 -37.12 46.14
C HIS D 31 -31.28 -37.10 45.28
N LYS D 32 -30.82 -38.27 44.83
CA LYS D 32 -29.62 -38.34 43.99
C LYS D 32 -29.82 -39.41 42.93
N SER D 33 -29.22 -39.17 41.76
CA SER D 33 -29.26 -40.13 40.67
C SER D 33 -28.17 -41.17 40.84
N ILE D 34 -28.49 -42.41 40.49
CA ILE D 34 -27.59 -43.54 40.67
C ILE D 34 -27.21 -44.06 39.29
N SER D 35 -25.94 -43.92 38.92
CA SER D 35 -25.41 -44.43 37.67
C SER D 35 -24.70 -45.76 37.91
N TRP D 36 -24.62 -46.55 36.85
CA TRP D 36 -24.00 -47.88 36.91
C TRP D 36 -22.97 -48.02 35.80
N TYR D 37 -21.79 -48.49 36.15
CA TYR D 37 -20.70 -48.72 35.20
C TYR D 37 -20.23 -50.15 35.28
N GLN D 38 -19.92 -50.74 34.13
CA GLN D 38 -19.23 -52.02 34.05
C GLN D 38 -17.75 -51.74 33.88
N TRP D 39 -16.96 -52.02 34.91
CA TRP D 39 -15.55 -51.64 34.97
C TRP D 39 -14.70 -52.89 35.08
N PRO D 40 -14.28 -53.48 33.95
CA PRO D 40 -13.34 -54.60 34.00
C PRO D 40 -11.99 -54.16 34.52
N PRO D 41 -11.34 -54.99 35.34
CA PRO D 41 -10.03 -54.61 35.88
C PRO D 41 -8.99 -54.51 34.78
N GLY D 42 -8.20 -53.43 34.80
CA GLY D 42 -7.15 -53.23 33.83
C GLY D 42 -7.59 -52.64 32.51
N ARG D 43 -8.87 -52.34 32.33
CA ARG D 43 -9.39 -51.78 31.10
C ARG D 43 -10.21 -50.54 31.42
N ALA D 44 -10.77 -49.93 30.38
CA ALA D 44 -11.60 -48.75 30.56
C ALA D 44 -13.03 -49.15 30.87
N PRO D 45 -13.70 -48.45 31.79
CA PRO D 45 -15.09 -48.79 32.13
C PRO D 45 -16.04 -48.45 30.99
N THR D 46 -17.29 -48.88 31.16
CA THR D 46 -18.33 -48.63 30.18
C THR D 46 -19.62 -48.27 30.91
N LEU D 47 -20.23 -47.16 30.51
CA LEU D 47 -21.48 -46.74 31.12
C LEU D 47 -22.63 -47.61 30.63
N ILE D 48 -23.47 -48.06 31.56
CA ILE D 48 -24.63 -48.87 31.20
C ILE D 48 -25.94 -48.30 31.75
N ILE D 49 -25.91 -47.50 32.80
CA ILE D 49 -27.12 -46.90 33.39
C ILE D 49 -26.77 -45.51 33.90
N TYR D 50 -27.57 -44.52 33.51
CA TYR D 50 -27.41 -43.16 34.00
C TYR D 50 -28.74 -42.62 34.47
N GLU D 51 -28.67 -41.55 35.28
CA GLU D 51 -29.84 -40.98 35.94
C GLU D 51 -30.62 -42.06 36.67
N ASP D 52 -31.87 -42.31 36.26
CA ASP D 52 -32.68 -43.35 36.86
C ASP D 52 -33.35 -44.17 35.76
N ASN D 53 -33.04 -45.46 35.72
CA ASN D 53 -33.66 -46.40 34.77
C ASN D 53 -33.46 -45.95 33.32
N GLU D 54 -32.29 -45.39 33.04
CA GLU D 54 -31.96 -44.93 31.70
C GLU D 54 -30.61 -45.54 31.30
N ARG D 55 -30.63 -46.35 30.25
CA ARG D 55 -29.43 -47.04 29.79
C ARG D 55 -28.65 -46.17 28.81
N ALA D 56 -27.34 -46.38 28.79
CA ALA D 56 -26.45 -45.60 27.95
C ALA D 56 -26.71 -45.91 26.48
N PRO D 57 -26.25 -45.05 25.57
CA PRO D 57 -26.44 -45.31 24.14
C PRO D 57 -25.84 -46.65 23.73
N GLY D 58 -26.64 -47.44 23.00
CA GLY D 58 -26.20 -48.71 22.49
C GLY D 58 -26.30 -49.87 23.47
N ILE D 59 -26.71 -49.62 24.71
CA ILE D 59 -26.80 -50.69 25.70
C ILE D 59 -28.00 -51.58 25.39
N SER D 60 -27.78 -52.89 25.44
CA SER D 60 -28.84 -53.84 25.20
C SER D 60 -29.95 -53.69 26.25
N PRO D 61 -31.19 -54.06 25.91
CA PRO D 61 -32.27 -54.02 26.90
C PRO D 61 -32.14 -55.07 27.99
N ARG D 62 -31.07 -55.87 28.02
CA ARG D 62 -30.88 -56.84 29.08
C ARG D 62 -30.62 -56.16 30.42
N PHE D 63 -29.98 -54.99 30.40
CA PHE D 63 -29.71 -54.24 31.62
C PHE D 63 -30.89 -53.38 32.00
N SER D 64 -31.11 -53.24 33.31
CA SER D 64 -32.21 -52.44 33.82
C SER D 64 -31.85 -51.94 35.21
N GLY D 65 -32.51 -50.86 35.62
CA GLY D 65 -32.28 -50.27 36.91
C GLY D 65 -33.58 -50.02 37.66
N TYR D 66 -33.45 -49.85 38.96
CA TYR D 66 -34.59 -49.55 39.82
C TYR D 66 -34.09 -48.89 41.09
N LYS D 67 -34.52 -47.65 41.32
CA LYS D 67 -34.08 -46.87 42.48
C LYS D 67 -35.24 -46.69 43.44
N SER D 68 -35.01 -47.01 44.71
CA SER D 68 -36.00 -46.87 45.76
C SER D 68 -35.56 -45.76 46.73
N TYR D 69 -36.31 -45.62 47.83
CA TYR D 69 -36.03 -44.58 48.81
C TYR D 69 -34.84 -44.91 49.69
N TRP D 70 -34.27 -46.11 49.57
CA TRP D 70 -33.12 -46.49 50.40
C TRP D 70 -32.03 -47.22 49.65
N SER D 71 -32.29 -47.81 48.48
CA SER D 71 -31.28 -48.55 47.76
C SER D 71 -31.63 -48.57 46.27
N ALA D 72 -30.59 -48.71 45.45
CA ALA D 72 -30.75 -48.85 44.01
C ALA D 72 -30.31 -50.25 43.59
N TYR D 73 -30.92 -50.76 42.52
CA TYR D 73 -30.68 -52.12 42.06
C TYR D 73 -30.41 -52.12 40.57
N LEU D 74 -29.40 -52.90 40.17
CA LEU D 74 -29.05 -53.09 38.77
C LEU D 74 -29.37 -54.53 38.39
N THR D 75 -30.35 -54.71 37.52
CA THR D 75 -30.79 -56.04 37.09
C THR D 75 -30.20 -56.35 35.72
N ILE D 76 -29.41 -57.41 35.64
CA ILE D 76 -28.73 -57.82 34.42
C ILE D 76 -29.40 -59.10 33.94
N SER D 77 -30.36 -58.97 33.04
CA SER D 77 -31.06 -60.11 32.50
C SER D 77 -30.22 -60.80 31.42
N ASP D 78 -30.52 -62.07 31.18
CA ASP D 78 -29.84 -62.88 30.18
C ASP D 78 -28.33 -62.84 30.38
N LEU D 79 -27.90 -63.38 31.51
CA LEU D 79 -26.49 -63.33 31.88
C LEU D 79 -25.63 -64.03 30.84
N ARG D 80 -24.51 -63.39 30.50
CA ARG D 80 -23.58 -63.84 29.48
C ARG D 80 -22.21 -64.09 30.10
N PRO D 81 -21.35 -64.85 29.43
CA PRO D 81 -19.97 -65.01 29.92
C PRO D 81 -19.23 -63.69 30.05
N GLU D 82 -19.53 -62.71 29.20
CA GLU D 82 -18.89 -61.41 29.30
C GLU D 82 -19.42 -60.58 30.45
N ASP D 83 -20.52 -61.00 31.08
CA ASP D 83 -21.05 -60.32 32.27
C ASP D 83 -20.31 -60.70 33.53
N GLU D 84 -19.25 -61.51 33.44
CA GLU D 84 -18.49 -61.94 34.61
C GLU D 84 -17.38 -60.93 34.90
N THR D 85 -17.81 -59.73 35.27
CA THR D 85 -16.90 -58.62 35.52
C THR D 85 -17.33 -57.91 36.80
N THR D 86 -16.50 -56.97 37.25
CA THR D 86 -16.80 -56.16 38.41
C THR D 86 -17.64 -54.95 37.99
N TYR D 87 -18.61 -54.60 38.82
CA TYR D 87 -19.51 -53.48 38.55
C TYR D 87 -19.41 -52.44 39.66
N TYR D 88 -19.69 -51.20 39.31
CA TYR D 88 -19.65 -50.08 40.26
C TYR D 88 -20.86 -49.19 40.04
N CYS D 89 -21.35 -48.62 41.14
CA CYS D 89 -22.42 -47.62 41.09
C CYS D 89 -21.88 -46.28 41.56
N CYS D 90 -22.57 -45.21 41.18
CA CYS D 90 -22.21 -43.87 41.62
C CYS D 90 -23.46 -43.08 41.95
N SER D 91 -23.35 -42.23 42.96
CA SER D 91 -24.42 -41.32 43.37
C SER D 91 -23.99 -39.90 43.01
N TYR D 92 -24.83 -39.20 42.25
CA TYR D 92 -24.44 -37.89 41.74
C TYR D 92 -25.69 -37.05 41.51
N THR D 93 -25.48 -35.73 41.44
CA THR D 93 -26.53 -34.79 41.05
C THR D 93 -26.13 -34.11 39.74
N HIS D 94 -26.66 -32.91 39.51
CA HIS D 94 -26.33 -32.21 38.27
C HIS D 94 -25.06 -31.39 38.41
N ASN D 95 -24.83 -30.77 39.56
CA ASN D 95 -23.66 -29.91 39.76
C ASN D 95 -22.54 -30.59 40.53
N SER D 96 -22.85 -31.56 41.39
CA SER D 96 -21.83 -32.26 42.15
C SER D 96 -21.17 -33.34 41.30
N GLY D 97 -20.03 -33.81 41.77
CA GLY D 97 -19.29 -34.85 41.09
C GLY D 97 -19.82 -36.24 41.39
N CYS D 98 -19.06 -37.23 40.95
CA CYS D 98 -19.44 -38.63 41.15
C CYS D 98 -18.81 -39.19 42.43
N VAL D 99 -19.57 -40.04 43.11
CA VAL D 99 -19.12 -40.70 44.33
C VAL D 99 -19.26 -42.20 44.09
N PHE D 100 -18.15 -42.86 43.74
CA PHE D 100 -18.19 -44.27 43.41
C PHE D 100 -18.51 -45.11 44.64
N GLY D 101 -18.89 -46.36 44.39
CA GLY D 101 -19.27 -47.29 45.44
C GLY D 101 -18.14 -48.21 45.85
N THR D 102 -18.53 -49.36 46.40
CA THR D 102 -17.55 -50.34 46.88
C THR D 102 -17.22 -51.41 45.85
N GLY D 103 -18.11 -51.65 44.90
CA GLY D 103 -17.86 -52.63 43.86
C GLY D 103 -18.67 -53.91 44.06
N THR D 104 -18.83 -54.65 42.97
CA THR D 104 -19.57 -55.91 43.00
C THR D 104 -19.02 -56.81 41.90
N LYS D 105 -18.55 -57.99 42.29
CA LYS D 105 -18.02 -58.97 41.34
C LYS D 105 -19.06 -60.05 41.12
N VAL D 106 -19.52 -60.20 39.88
CA VAL D 106 -20.57 -61.14 39.52
C VAL D 106 -19.93 -62.41 38.98
N SER D 107 -20.40 -63.56 39.48
CA SER D 107 -19.93 -64.86 39.04
C SER D 107 -21.06 -65.55 38.30
N VAL D 108 -20.87 -65.78 37.01
CA VAL D 108 -21.88 -66.44 36.18
C VAL D 108 -21.73 -67.94 36.34
N LEU D 109 -22.72 -68.58 36.95
CA LEU D 109 -22.70 -70.02 37.17
C LEU D 109 -23.35 -70.75 36.00
N GLY D 110 -23.21 -72.06 35.99
CA GLY D 110 -23.77 -72.88 34.93
C GLY D 110 -22.98 -72.90 33.64
N GLN D 111 -21.74 -72.42 33.65
CA GLN D 111 -20.92 -72.42 32.46
C GLN D 111 -20.19 -73.76 32.31
N SER D 112 -19.66 -73.98 31.11
CA SER D 112 -18.87 -75.17 30.85
C SER D 112 -17.47 -75.05 31.44
N LYS D 113 -16.84 -76.19 31.66
CA LYS D 113 -15.49 -76.22 32.20
C LYS D 113 -14.47 -76.12 31.08
N ALA D 114 -13.32 -75.53 31.40
CA ALA D 114 -12.22 -75.35 30.45
C ALA D 114 -11.00 -76.09 30.95
N ASN D 115 -10.46 -76.97 30.11
CA ASN D 115 -9.26 -77.72 30.48
C ASN D 115 -8.06 -76.80 30.52
N PRO D 116 -7.35 -76.72 31.65
CA PRO D 116 -6.24 -75.76 31.75
C PRO D 116 -5.06 -76.17 30.87
N SER D 117 -4.43 -75.17 30.27
CA SER D 117 -3.26 -75.35 29.43
C SER D 117 -2.04 -74.86 30.19
N VAL D 118 -1.10 -75.77 30.47
CA VAL D 118 0.08 -75.47 31.26
C VAL D 118 1.31 -75.66 30.39
N THR D 119 2.29 -74.76 30.53
CA THR D 119 3.54 -74.83 29.79
C THR D 119 4.66 -74.33 30.69
N LEU D 120 5.75 -75.10 30.77
CA LEU D 120 6.89 -74.79 31.61
C LEU D 120 8.12 -74.56 30.75
N PHE D 121 8.85 -73.49 31.03
CA PHE D 121 10.05 -73.14 30.29
C PHE D 121 11.26 -73.14 31.21
N PRO D 122 12.35 -73.80 30.84
CA PRO D 122 13.56 -73.73 31.66
C PRO D 122 14.34 -72.46 31.36
N PRO D 123 15.28 -72.09 32.24
CA PRO D 123 16.09 -70.89 31.98
C PRO D 123 16.98 -71.09 30.77
N SER D 124 17.13 -70.03 29.98
CA SER D 124 17.92 -70.09 28.76
C SER D 124 19.42 -70.15 29.10
N SER D 125 20.23 -70.38 28.07
CA SER D 125 21.67 -70.45 28.26
C SER D 125 22.25 -69.08 28.60
N GLU D 126 21.79 -68.04 27.91
CA GLU D 126 22.27 -66.69 28.19
C GLU D 126 21.95 -66.28 29.62
N GLU D 127 20.88 -66.83 30.20
CA GLU D 127 20.55 -66.53 31.58
C GLU D 127 21.42 -67.34 32.55
N LEU D 128 21.66 -68.62 32.24
CA LEU D 128 22.55 -69.43 33.06
C LEU D 128 23.96 -68.86 33.08
N GLN D 129 24.34 -68.15 32.01
CA GLN D 129 25.64 -67.47 32.00
C GLN D 129 25.67 -66.28 32.94
N ALA D 130 24.50 -65.76 33.33
CA ALA D 130 24.42 -64.62 34.24
C ALA D 130 24.11 -65.04 35.67
N ASN D 131 24.60 -66.22 36.08
CA ASN D 131 24.39 -66.80 37.41
C ASN D 131 22.95 -66.62 37.89
N LYS D 132 22.01 -66.89 36.99
CA LYS D 132 20.59 -66.81 37.30
C LYS D 132 19.86 -67.97 36.62
N ALA D 133 18.89 -68.55 37.34
CA ALA D 133 18.08 -69.64 36.82
C ALA D 133 16.65 -69.43 37.28
N THR D 134 15.72 -69.38 36.33
CA THR D 134 14.32 -69.14 36.63
C THR D 134 13.44 -70.04 35.78
N LEU D 135 12.46 -70.68 36.42
CA LEU D 135 11.49 -71.52 35.74
C LEU D 135 10.19 -70.74 35.58
N VAL D 136 9.64 -70.75 34.37
CA VAL D 136 8.43 -70.02 34.05
C VAL D 136 7.34 -71.03 33.73
N CYS D 137 6.32 -71.09 34.58
CA CYS D 137 5.19 -72.00 34.43
C CYS D 137 3.95 -71.19 34.07
N LEU D 138 3.56 -71.24 32.80
CA LEU D 138 2.46 -70.45 32.28
C LEU D 138 1.17 -71.26 32.27
N ILE D 139 0.08 -70.66 32.73
CA ILE D 139 -1.24 -71.28 32.76
C ILE D 139 -2.20 -70.39 32.00
N SER D 140 -3.04 -71.00 31.16
CA SER D 140 -3.98 -70.25 30.35
C SER D 140 -5.17 -71.11 29.99
N ASP D 141 -6.30 -70.46 29.73
CA ASP D 141 -7.54 -71.10 29.26
C ASP D 141 -8.02 -72.17 30.25
N PHE D 142 -8.51 -71.68 31.39
CA PHE D 142 -9.11 -72.53 32.40
C PHE D 142 -10.32 -71.83 32.99
N TYR D 143 -11.13 -72.59 33.72
CA TYR D 143 -12.35 -72.06 34.32
C TYR D 143 -12.76 -72.97 35.46
N PRO D 144 -13.16 -72.41 36.63
CA PRO D 144 -13.19 -70.99 36.93
C PRO D 144 -11.81 -70.41 37.24
N GLY D 145 -11.77 -69.14 37.61
CA GLY D 145 -10.50 -68.47 37.88
C GLY D 145 -9.98 -68.70 39.28
N ALA D 146 -9.41 -69.89 39.52
CA ALA D 146 -8.85 -70.21 40.82
C ALA D 146 -7.91 -71.41 40.65
N VAL D 147 -6.60 -71.16 40.75
CA VAL D 147 -5.60 -72.20 40.63
C VAL D 147 -4.65 -72.11 41.82
N THR D 148 -3.96 -73.23 42.07
CA THR D 148 -3.00 -73.29 43.17
C THR D 148 -1.68 -73.91 42.70
N GLU D 149 7.11 -67.10 43.45
CA GLU D 149 6.31 -65.97 42.99
C GLU D 149 5.23 -66.43 42.01
N THR D 150 3.97 -66.27 42.40
CA THR D 150 2.84 -66.66 41.59
C THR D 150 1.89 -65.47 41.45
N THR D 151 1.44 -65.22 40.23
CA THR D 151 0.56 -64.10 39.96
C THR D 151 -0.89 -64.46 40.27
N THR D 152 -1.74 -63.44 40.30
CA THR D 152 -3.17 -63.64 40.48
C THR D 152 -3.81 -64.03 39.14
N PRO D 153 -4.89 -64.82 39.17
CA PRO D 153 -5.54 -65.24 37.92
C PRO D 153 -6.17 -64.06 37.21
N SER D 154 -5.73 -63.81 35.99
CA SER D 154 -6.25 -62.74 35.16
C SER D 154 -7.18 -63.30 34.09
N LYS D 155 -8.16 -62.49 33.69
CA LYS D 155 -9.16 -62.93 32.73
C LYS D 155 -8.66 -62.75 31.29
N GLN D 156 -8.89 -63.76 30.47
CA GLN D 156 -8.49 -63.73 29.07
C GLN D 156 -9.56 -63.02 28.23
N SER D 157 -9.16 -62.62 27.02
CA SER D 157 -10.09 -61.94 26.12
C SER D 157 -11.23 -62.85 25.69
N ASN D 158 -11.00 -64.16 25.65
CA ASN D 158 -12.03 -65.13 25.30
C ASN D 158 -12.82 -65.61 26.50
N ASN D 159 -13.04 -64.74 27.49
CA ASN D 159 -13.78 -65.05 28.72
C ASN D 159 -13.14 -66.19 29.51
N LYS D 160 -11.88 -66.50 29.24
CA LYS D 160 -11.15 -67.51 29.97
C LYS D 160 -10.28 -66.83 31.03
N TYR D 161 -9.40 -67.62 31.66
CA TYR D 161 -8.51 -67.11 32.70
C TYR D 161 -7.09 -67.61 32.46
N ALA D 162 -6.12 -66.84 32.92
CA ALA D 162 -4.72 -67.18 32.74
C ALA D 162 -3.92 -66.68 33.94
N ALA D 163 -2.82 -67.37 34.22
CA ALA D 163 -1.94 -67.01 35.33
C ALA D 163 -0.53 -67.51 35.02
N SER D 164 0.42 -67.03 35.80
CA SER D 164 1.82 -67.40 35.62
C SER D 164 2.50 -67.53 36.98
N SER D 165 3.59 -68.29 37.00
CA SER D 165 4.36 -68.52 38.21
C SER D 165 5.84 -68.55 37.86
N TYR D 166 6.66 -67.98 38.74
CA TYR D 166 8.10 -67.90 38.54
C TYR D 166 8.82 -68.46 39.75
N LEU D 167 9.90 -69.20 39.49
CA LEU D 167 10.70 -69.83 40.54
C LEU D 167 12.16 -69.44 40.33
N SER D 168 12.66 -68.53 41.17
CA SER D 168 14.03 -68.07 41.07
C SER D 168 14.97 -69.08 41.72
N LEU D 169 16.02 -69.47 41.01
CA LEU D 169 16.99 -70.45 41.49
C LEU D 169 18.39 -70.01 41.11
N THR D 170 19.37 -70.65 41.74
CA THR D 170 20.78 -70.47 41.44
C THR D 170 21.27 -71.58 40.52
N PRO D 171 22.34 -71.35 39.76
CA PRO D 171 22.83 -72.41 38.86
C PRO D 171 23.25 -73.67 39.59
N GLU D 172 23.72 -73.56 40.84
CA GLU D 172 24.08 -74.75 41.60
C GLU D 172 22.86 -75.63 41.86
N GLN D 173 21.76 -75.02 42.29
CA GLN D 173 20.54 -75.78 42.54
C GLN D 173 19.93 -76.31 41.25
N TRP D 174 20.13 -75.60 40.14
CA TRP D 174 19.58 -76.04 38.86
C TRP D 174 20.38 -77.20 38.27
N LYS D 175 21.70 -77.24 38.52
CA LYS D 175 22.54 -78.29 37.96
C LYS D 175 22.66 -79.51 38.87
N SER D 176 22.47 -79.35 40.17
CA SER D 176 22.62 -80.45 41.13
C SER D 176 21.33 -81.23 41.33
N HIS D 177 20.33 -81.05 40.47
CA HIS D 177 19.07 -81.78 40.56
C HIS D 177 18.79 -82.46 39.23
N ARG D 178 18.07 -83.59 39.30
CA ARG D 178 17.77 -84.35 38.09
C ARG D 178 16.62 -83.72 37.31
N SER D 179 15.60 -83.23 38.00
CA SER D 179 14.45 -82.66 37.31
C SER D 179 13.64 -81.80 38.27
N TYR D 180 13.04 -80.74 37.74
CA TYR D 180 12.11 -79.89 38.45
C TYR D 180 10.71 -80.07 37.87
N SER D 181 9.71 -79.73 38.68
CA SER D 181 8.32 -79.96 38.30
C SER D 181 7.45 -78.79 38.74
N CYS D 182 6.51 -78.41 37.88
CA CYS D 182 5.48 -77.42 38.19
C CYS D 182 4.14 -78.15 38.28
N GLN D 183 3.45 -78.00 39.41
CA GLN D 183 2.18 -78.66 39.65
C GLN D 183 1.09 -77.62 39.82
N VAL D 184 0.04 -77.73 39.01
CA VAL D 184 -1.08 -76.80 39.01
C VAL D 184 -2.31 -77.57 39.44
N THR D 185 -2.80 -77.30 40.65
CA THR D 185 -3.99 -77.98 41.17
C THR D 185 -5.22 -77.07 41.09
N SER D 186 -7.29 -82.68 40.27
CA SER D 186 -7.21 -81.59 39.30
C SER D 186 -5.79 -81.05 39.21
N THR D 187 -4.81 -81.92 39.42
CA THR D 187 -3.40 -81.54 39.43
C THR D 187 -2.79 -81.85 38.06
N VAL D 188 -2.19 -80.84 37.44
CA VAL D 188 -1.48 -80.98 36.18
C VAL D 188 -0.01 -80.72 36.45
N GLU D 189 0.83 -81.70 36.17
CA GLU D 189 2.25 -81.66 36.50
C GLU D 189 3.07 -81.70 35.21
N LYS D 190 3.97 -80.72 35.07
CA LYS D 190 4.91 -80.67 33.96
C LYS D 190 6.33 -80.68 34.53
N THR D 191 7.19 -81.51 33.93
CA THR D 191 8.54 -81.72 34.44
C THR D 191 9.55 -81.38 33.35
N VAL D 192 10.57 -80.60 33.72
CA VAL D 192 11.65 -80.25 32.81
C VAL D 192 12.96 -80.85 33.30
N TYR E 1 14.32 48.38 -31.61
CA TYR E 1 14.50 47.46 -30.50
C TYR E 1 14.29 48.16 -29.17
N VAL E 2 13.81 49.40 -29.23
CA VAL E 2 13.66 50.25 -28.06
C VAL E 2 12.18 50.60 -27.89
N SER E 3 11.67 50.43 -26.68
CA SER E 3 10.31 50.84 -26.34
C SER E 3 10.38 52.05 -25.42
N PRO E 4 9.81 53.19 -25.80
CA PRO E 4 9.92 54.39 -24.98
C PRO E 4 9.19 54.23 -23.66
N LEU E 5 9.76 54.86 -22.62
CA LEU E 5 9.17 54.87 -21.27
C LEU E 5 9.42 56.25 -20.67
N SER E 6 8.50 57.18 -20.92
CA SER E 6 8.60 58.54 -20.40
C SER E 6 7.92 58.57 -19.04
N VAL E 7 8.71 58.50 -17.98
CA VAL E 7 8.20 58.50 -16.62
C VAL E 7 8.47 59.86 -15.97
N ALA E 8 7.75 60.13 -14.90
CA ALA E 8 7.90 61.38 -14.18
C ALA E 8 9.00 61.29 -13.14
N LEU E 9 9.65 62.42 -12.88
CA LEU E 9 10.74 62.46 -11.91
C LEU E 9 10.19 62.29 -10.50
N GLY E 10 10.86 61.45 -9.71
CA GLY E 10 10.45 61.24 -8.33
C GLY E 10 9.28 60.30 -8.14
N GLU E 11 8.98 59.46 -9.13
CA GLU E 11 7.90 58.49 -9.05
C GLU E 11 8.44 57.09 -9.30
N THR E 12 7.53 56.12 -9.30
CA THR E 12 7.88 54.71 -9.45
C THR E 12 7.69 54.30 -10.91
N ALA E 13 8.71 53.66 -11.48
CA ALA E 13 8.68 53.17 -12.85
C ALA E 13 8.61 51.65 -12.85
N ARG E 14 7.61 51.10 -13.53
CA ARG E 14 7.41 49.65 -13.63
C ARG E 14 7.66 49.22 -15.07
N ILE E 15 8.76 48.53 -15.30
CA ILE E 15 9.13 48.04 -16.62
C ILE E 15 8.65 46.60 -16.74
N SER E 16 7.63 46.37 -17.57
CA SER E 16 7.12 45.03 -17.79
C SER E 16 7.97 44.31 -18.82
N CYS E 17 8.37 43.08 -18.51
CA CYS E 17 9.20 42.30 -19.42
C CYS E 17 8.41 41.95 -20.67
N GLY E 18 9.02 42.16 -21.83
CA GLY E 18 8.34 41.90 -23.10
C GLY E 18 8.06 40.43 -23.37
N ARG E 19 8.78 39.54 -22.69
CA ARG E 19 8.62 38.10 -22.88
C ARG E 19 7.77 37.54 -21.74
N GLN E 20 6.74 36.77 -22.10
CA GLN E 20 5.87 36.14 -21.12
C GLN E 20 6.38 34.74 -20.82
N ALA E 21 6.59 34.46 -19.53
CA ALA E 21 7.13 33.17 -19.13
C ALA E 21 6.12 32.05 -19.37
N LEU E 22 6.62 30.91 -19.85
CA LEU E 22 5.77 29.75 -20.08
C LEU E 22 5.66 28.85 -18.85
N GLY E 23 6.52 29.05 -17.84
CA GLY E 23 6.47 28.27 -16.63
C GLY E 23 7.35 28.85 -15.53
N SER E 24 8.04 27.99 -14.80
CA SER E 24 9.00 28.44 -13.80
C SER E 24 10.09 29.26 -14.47
N ARG E 25 10.20 30.53 -14.08
CA ARG E 25 11.03 31.48 -14.80
C ARG E 25 12.21 31.95 -13.94
N ALA E 26 13.29 32.30 -14.63
CA ALA E 26 14.46 32.94 -14.03
C ALA E 26 14.72 34.22 -14.80
N VAL E 27 14.43 35.35 -14.18
CA VAL E 27 14.45 36.65 -14.83
C VAL E 27 15.65 37.45 -14.35
N GLN E 28 16.43 37.98 -15.30
CA GLN E 28 17.54 38.88 -15.01
C GLN E 28 17.26 40.24 -15.62
N TRP E 29 17.51 41.30 -14.85
CA TRP E 29 17.33 42.66 -15.30
C TRP E 29 18.69 43.34 -15.40
N TYR E 30 19.08 43.71 -16.60
CA TYR E 30 20.35 44.38 -16.85
C TYR E 30 20.10 45.86 -17.14
N GLN E 31 20.98 46.72 -16.61
CA GLN E 31 20.99 48.14 -16.94
C GLN E 31 22.20 48.43 -17.80
N HIS E 32 21.97 49.08 -18.95
CA HIS E 32 23.03 49.36 -19.92
C HIS E 32 22.98 50.84 -20.28
N LYS E 33 24.01 51.58 -19.89
CA LYS E 33 24.11 52.96 -20.31
C LYS E 33 24.99 53.08 -21.55
N PRO E 34 24.64 53.97 -22.48
CA PRO E 34 25.41 54.08 -23.72
C PRO E 34 26.86 54.44 -23.45
N GLY E 35 27.77 53.70 -24.09
CA GLY E 35 29.19 53.92 -23.93
C GLY E 35 29.78 53.46 -22.61
N GLN E 36 29.03 52.70 -21.82
CA GLN E 36 29.49 52.21 -20.53
C GLN E 36 29.33 50.69 -20.49
N ALA E 37 29.64 50.11 -19.33
CA ALA E 37 29.51 48.67 -19.15
C ALA E 37 28.13 48.33 -18.61
N PRO E 38 27.44 47.34 -19.18
CA PRO E 38 26.14 46.95 -18.65
C PRO E 38 26.25 46.46 -17.21
N ILE E 39 25.28 46.84 -16.39
CA ILE E 39 25.25 46.52 -14.97
C ILE E 39 24.15 45.51 -14.71
N LEU E 40 24.43 44.54 -13.85
CA LEU E 40 23.46 43.52 -13.46
C LEU E 40 22.65 44.06 -12.29
N LEU E 41 21.43 44.51 -12.57
CA LEU E 41 20.58 45.04 -11.51
C LEU E 41 19.95 43.94 -10.68
N ILE E 42 19.34 42.95 -11.33
CA ILE E 42 18.58 41.91 -10.66
C ILE E 42 18.93 40.58 -11.31
N TYR E 43 19.49 39.65 -10.54
CA TYR E 43 19.97 38.38 -11.08
C TYR E 43 19.10 37.19 -10.72
N ASN E 44 18.17 37.34 -9.78
CA ASN E 44 17.07 36.41 -9.60
C ASN E 44 15.84 37.23 -9.28
N ASN E 45 14.66 36.66 -9.55
CA ASN E 45 13.42 37.43 -9.49
C ASN E 45 13.28 38.29 -8.23
N GLN E 46 13.96 37.91 -7.13
CA GLN E 46 13.96 38.71 -5.91
C GLN E 46 15.35 38.91 -5.35
N ASP E 47 16.40 38.67 -6.14
CA ASP E 47 17.77 38.78 -5.66
C ASP E 47 18.43 40.05 -6.19
N ARG E 48 19.26 40.67 -5.35
CA ARG E 48 19.89 41.95 -5.65
C ARG E 48 21.37 41.84 -5.30
N PRO E 49 22.28 42.06 -6.24
CA PRO E 49 23.71 42.00 -5.93
C PRO E 49 24.13 43.12 -4.99
N SER E 50 25.32 42.96 -4.41
CA SER E 50 25.85 43.94 -3.49
C SER E 50 26.17 45.25 -4.23
N GLY E 51 25.92 46.37 -3.55
CA GLY E 51 26.13 47.68 -4.14
C GLY E 51 24.96 48.23 -4.92
N ILE E 52 24.03 47.38 -5.34
CA ILE E 52 22.86 47.86 -6.09
C ILE E 52 21.90 48.54 -5.12
N PRO E 53 21.38 49.72 -5.46
CA PRO E 53 20.44 50.39 -4.55
C PRO E 53 19.16 49.58 -4.36
N GLU E 54 18.51 49.79 -3.22
CA GLU E 54 17.28 49.09 -2.89
C GLU E 54 16.07 49.61 -3.66
N ARG E 55 16.23 50.68 -4.43
CA ARG E 55 15.13 51.19 -5.24
C ARG E 55 14.75 50.25 -6.37
N PHE E 56 15.64 49.32 -6.74
CA PHE E 56 15.37 48.35 -7.79
C PHE E 56 14.87 47.06 -7.17
N SER E 57 13.80 46.52 -7.74
CA SER E 57 13.20 45.29 -7.23
C SER E 57 12.44 44.61 -8.34
N GLY E 58 12.52 43.27 -8.38
CA GLY E 58 11.80 42.49 -9.35
C GLY E 58 10.65 41.72 -8.71
N THR E 59 9.77 41.20 -9.57
CA THR E 59 8.63 40.43 -9.09
C THR E 59 9.04 38.96 -8.94
N PRO E 60 9.00 38.41 -7.73
CA PRO E 60 9.40 37.01 -7.55
C PRO E 60 8.40 36.06 -8.18
N ASP E 61 8.90 34.88 -8.59
CA ASP E 61 8.07 33.86 -9.20
C ASP E 61 7.41 33.01 -8.11
N ILE E 62 6.48 33.66 -7.40
CA ILE E 62 5.68 32.98 -6.38
C ILE E 62 4.65 32.12 -7.09
N ASN E 63 3.64 32.75 -7.67
CA ASN E 63 2.67 32.08 -8.51
C ASN E 63 3.05 32.26 -9.98
N PHE E 64 2.27 31.66 -10.86
CA PHE E 64 2.60 31.71 -12.29
C PHE E 64 2.08 32.97 -12.95
N GLY E 65 0.99 33.56 -12.44
CA GLY E 65 0.41 34.72 -13.06
C GLY E 65 1.20 36.00 -12.91
N THR E 66 2.23 36.01 -12.07
CA THR E 66 3.02 37.21 -11.85
C THR E 66 3.85 37.53 -13.08
N THR E 67 3.63 38.70 -13.67
CA THR E 67 4.42 39.16 -14.80
C THR E 67 5.71 39.80 -14.32
N ALA E 68 6.82 39.44 -14.97
CA ALA E 68 8.12 39.98 -14.60
C ALA E 68 8.14 41.49 -14.77
N THR E 69 8.32 42.20 -13.66
CA THR E 69 8.25 43.67 -13.64
C THR E 69 9.42 44.20 -12.84
N LEU E 70 10.21 45.08 -13.45
CA LEU E 70 11.30 45.76 -12.77
C LEU E 70 10.78 47.07 -12.18
N THR E 71 10.82 47.18 -10.86
CA THR E 71 10.28 48.34 -10.16
C THR E 71 11.42 49.25 -9.73
N ILE E 72 11.35 50.52 -10.13
CA ILE E 72 12.35 51.52 -9.81
C ILE E 72 11.64 52.65 -9.07
N SER E 73 11.77 52.68 -7.75
CA SER E 73 11.14 53.70 -6.93
C SER E 73 12.02 54.92 -6.81
N GLY E 74 11.40 56.10 -6.87
CA GLY E 74 12.13 57.35 -6.80
C GLY E 74 13.17 57.50 -7.87
N VAL E 75 12.73 57.52 -9.14
CA VAL E 75 13.66 57.57 -10.26
C VAL E 75 14.38 58.92 -10.27
N GLU E 76 15.65 58.89 -10.66
CA GLU E 76 16.46 60.09 -10.80
C GLU E 76 16.88 60.24 -12.26
N VAL E 77 17.54 61.35 -12.55
CA VAL E 77 17.99 61.60 -13.91
C VAL E 77 19.10 60.61 -14.30
N GLY E 78 19.85 60.11 -13.33
CA GLY E 78 20.89 59.15 -13.60
C GLY E 78 20.41 57.74 -13.92
N ASP E 79 19.11 57.49 -13.88
CA ASP E 79 18.55 56.18 -14.16
C ASP E 79 18.16 56.00 -15.62
N GLU E 80 18.36 57.02 -16.45
CA GLU E 80 18.04 56.92 -17.88
C GLU E 80 19.05 56.00 -18.57
N ALA E 81 18.58 54.85 -19.02
CA ALA E 81 19.43 53.87 -19.70
C ALA E 81 18.52 52.86 -20.38
N ASP E 82 19.12 51.81 -20.93
CA ASP E 82 18.39 50.69 -21.51
C ASP E 82 18.31 49.56 -20.50
N TYR E 83 17.14 48.93 -20.40
CA TYR E 83 16.89 47.87 -19.44
C TYR E 83 16.53 46.60 -20.20
N TYR E 84 17.37 45.58 -20.06
CA TYR E 84 17.18 44.29 -20.73
C TYR E 84 16.57 43.29 -19.75
N CYS E 85 15.63 42.49 -20.25
CA CYS E 85 14.99 41.43 -19.47
C CYS E 85 15.41 40.09 -20.06
N HIS E 86 16.45 39.48 -19.47
CA HIS E 86 16.91 38.17 -19.91
C HIS E 86 16.00 37.12 -19.28
N MET E 87 15.23 36.43 -20.13
CA MET E 87 14.20 35.50 -19.66
C MET E 87 14.68 34.07 -19.81
N TRP E 88 14.37 33.25 -18.80
CA TRP E 88 14.62 31.82 -18.83
C TRP E 88 13.40 31.11 -18.27
N ASP E 89 13.12 29.91 -18.77
CA ASP E 89 12.05 29.09 -18.23
C ASP E 89 12.27 27.65 -18.69
N SER E 90 11.33 26.77 -18.31
CA SER E 90 11.47 25.36 -18.60
C SER E 90 11.05 25.01 -20.02
N ARG E 91 10.07 25.73 -20.57
CA ARG E 91 9.51 25.40 -21.88
C ARG E 91 10.15 26.17 -23.03
N SER E 92 10.97 27.19 -22.73
CA SER E 92 11.68 27.92 -23.77
C SER E 92 13.12 27.46 -23.96
N GLY E 93 13.73 26.86 -22.94
CA GLY E 93 15.08 26.37 -23.06
C GLY E 93 16.13 27.45 -22.92
N PHE E 94 17.21 27.35 -23.68
CA PHE E 94 18.30 28.31 -23.62
C PHE E 94 17.92 29.54 -24.44
N SER E 95 17.76 30.68 -23.77
CA SER E 95 17.40 31.94 -24.42
C SER E 95 18.68 32.73 -24.65
N TRP E 96 19.19 32.68 -25.89
CA TRP E 96 20.42 33.38 -26.21
C TRP E 96 20.20 34.88 -26.34
N SER E 97 19.03 35.30 -26.79
CA SER E 97 18.75 36.71 -27.01
C SER E 97 18.48 37.43 -25.70
N PHE E 98 18.94 38.67 -25.61
CA PHE E 98 18.68 39.52 -24.45
C PHE E 98 17.28 40.14 -24.46
N GLY E 99 16.49 39.91 -25.51
CA GLY E 99 15.17 40.48 -25.60
C GLY E 99 15.18 41.97 -25.91
N GLY E 100 14.01 42.53 -26.18
CA GLY E 100 13.92 43.95 -26.46
C GLY E 100 14.20 44.78 -25.21
N ALA E 101 14.99 45.84 -25.39
CA ALA E 101 15.37 46.71 -24.29
C ALA E 101 14.39 47.87 -24.17
N THR E 102 14.09 48.24 -22.93
CA THR E 102 13.21 49.38 -22.64
C THR E 102 14.08 50.56 -22.23
N ARG E 103 14.01 51.64 -23.01
CA ARG E 103 14.82 52.83 -22.76
C ARG E 103 14.04 53.79 -21.88
N LEU E 104 14.57 54.10 -20.70
CA LEU E 104 13.92 54.98 -19.75
C LEU E 104 14.28 56.43 -20.03
N THR E 105 13.27 57.29 -20.03
CA THR E 105 13.45 58.73 -20.26
C THR E 105 12.76 59.48 -19.12
N VAL E 106 13.55 59.91 -18.14
CA VAL E 106 13.00 60.63 -17.00
C VAL E 106 12.61 62.04 -17.43
N LEU E 107 11.40 62.45 -17.11
CA LEU E 107 10.88 63.75 -17.49
C LEU E 107 10.93 64.70 -16.29
N SER E 108 10.34 65.89 -16.46
CA SER E 108 10.25 66.91 -15.43
C SER E 108 11.62 67.38 -14.93
N GLN E 109 12.66 67.22 -15.75
CA GLN E 109 13.98 67.71 -15.37
C GLN E 109 14.06 69.22 -15.61
N PRO E 110 14.62 69.97 -14.66
CA PRO E 110 14.70 71.42 -14.83
C PRO E 110 15.49 71.83 -16.05
N LYS E 111 15.14 72.98 -16.61
CA LYS E 111 15.79 73.47 -17.82
C LYS E 111 17.20 73.99 -17.49
N ALA E 112 18.13 73.77 -18.42
CA ALA E 112 19.50 74.22 -18.26
C ALA E 112 19.88 75.12 -19.43
N ALA E 113 20.51 76.25 -19.12
CA ALA E 113 20.90 77.22 -20.15
C ALA E 113 22.13 76.71 -20.89
N PRO E 114 22.14 76.77 -22.22
CA PRO E 114 23.28 76.23 -22.97
C PRO E 114 24.51 77.11 -22.86
N SER E 115 25.67 76.47 -22.70
CA SER E 115 26.96 77.14 -22.67
C SER E 115 27.63 76.94 -24.02
N VAL E 116 27.83 78.04 -24.75
CA VAL E 116 28.35 78.00 -26.10
C VAL E 116 29.77 78.56 -26.11
N THR E 117 30.68 77.84 -26.76
CA THR E 117 32.06 78.26 -26.94
C THR E 117 32.41 78.21 -28.41
N LEU E 118 32.95 79.31 -28.94
CA LEU E 118 33.29 79.42 -30.35
C LEU E 118 34.80 79.59 -30.48
N PHE E 119 35.43 78.70 -31.26
CA PHE E 119 36.85 78.74 -31.49
C PHE E 119 37.15 79.02 -32.96
N PRO E 120 37.95 80.03 -33.27
CA PRO E 120 38.32 80.29 -34.66
C PRO E 120 39.33 79.27 -35.15
N PRO E 121 39.61 79.24 -36.45
CA PRO E 121 40.62 78.30 -36.97
C PRO E 121 41.99 78.58 -36.37
N SER E 122 42.86 77.57 -36.44
CA SER E 122 44.20 77.65 -35.88
C SER E 122 45.20 78.09 -36.95
N SER E 123 46.34 78.61 -36.47
CA SER E 123 47.40 79.03 -37.39
C SER E 123 48.03 77.83 -38.09
N GLU E 124 48.29 76.75 -37.34
CA GLU E 124 48.76 75.51 -37.96
C GLU E 124 47.73 74.94 -38.92
N GLU E 125 46.46 75.31 -38.76
CA GLU E 125 45.44 74.89 -39.72
C GLU E 125 45.39 75.82 -40.92
N LEU E 126 45.51 77.13 -40.70
CA LEU E 126 45.53 78.08 -41.81
C LEU E 126 46.70 77.83 -42.73
N GLN E 127 47.86 77.48 -42.17
CA GLN E 127 49.00 77.12 -43.00
C GLN E 127 48.82 75.78 -43.69
N ALA E 128 47.82 74.99 -43.28
CA ALA E 128 47.49 73.73 -43.95
C ALA E 128 46.39 73.91 -45.00
N ASN E 129 46.12 75.16 -45.40
CA ASN E 129 45.15 75.47 -46.46
C ASN E 129 43.73 75.03 -46.08
N LYS E 130 43.42 75.02 -44.79
CA LYS E 130 42.08 74.74 -44.31
C LYS E 130 41.77 75.63 -43.13
N ALA E 131 40.49 75.72 -42.78
CA ALA E 131 40.04 76.60 -41.70
C ALA E 131 38.66 76.13 -41.24
N THR E 132 38.58 75.58 -40.04
CA THR E 132 37.32 75.09 -39.48
C THR E 132 37.02 75.82 -38.18
N LEU E 133 35.82 76.40 -38.09
CA LEU E 133 35.36 77.02 -36.86
C LEU E 133 34.58 76.00 -36.04
N VAL E 134 34.84 75.99 -34.74
CA VAL E 134 34.25 75.01 -33.82
C VAL E 134 33.27 75.73 -32.90
N CYS E 135 32.04 75.22 -32.84
CA CYS E 135 31.00 75.75 -31.97
C CYS E 135 30.56 74.63 -31.03
N LEU E 136 30.96 74.72 -29.77
CA LEU E 136 30.71 73.68 -28.77
C LEU E 136 29.62 74.15 -27.83
N ILE E 137 28.49 73.44 -27.82
CA ILE E 137 27.40 73.69 -26.90
C ILE E 137 27.43 72.61 -25.83
N SER E 138 27.21 72.99 -24.58
CA SER E 138 27.28 72.04 -23.48
C SER E 138 26.37 72.49 -22.35
N ASP E 139 25.93 71.51 -21.55
CA ASP E 139 25.16 71.73 -20.32
C ASP E 139 23.83 72.42 -20.63
N PHE E 140 22.97 71.68 -21.32
CA PHE E 140 21.64 72.17 -21.63
C PHE E 140 20.66 71.00 -21.69
N TYR E 141 19.40 71.28 -21.40
CA TYR E 141 18.33 70.30 -21.40
C TYR E 141 17.06 70.96 -21.90
N PRO E 142 16.30 70.30 -22.79
CA PRO E 142 16.61 68.99 -23.37
C PRO E 142 17.53 69.07 -24.58
N GLY E 143 17.54 68.01 -25.39
CA GLY E 143 18.42 67.91 -26.54
C GLY E 143 17.99 68.69 -27.76
N ALA E 144 16.86 69.39 -27.71
CA ALA E 144 16.41 70.19 -28.84
C ALA E 144 17.35 71.38 -29.03
N VAL E 145 17.93 71.48 -30.22
CA VAL E 145 18.91 72.53 -30.52
C VAL E 145 18.84 72.86 -31.99
N THR E 146 19.21 74.09 -32.33
CA THR E 146 19.24 74.57 -33.72
C THR E 146 20.49 75.42 -33.89
N VAL E 147 21.49 74.88 -34.58
CA VAL E 147 22.77 75.56 -34.79
C VAL E 147 22.77 76.19 -36.17
N ALA E 148 23.08 77.48 -36.23
CA ALA E 148 23.18 78.21 -37.48
C ALA E 148 24.47 79.02 -37.49
N TRP E 149 24.95 79.34 -38.69
CA TRP E 149 26.15 80.13 -38.88
C TRP E 149 25.82 81.37 -39.70
N LYS E 150 26.45 82.49 -39.36
CA LYS E 150 26.20 83.76 -40.02
C LYS E 150 27.53 84.46 -40.24
N ALA E 151 27.93 84.59 -41.50
CA ALA E 151 29.10 85.38 -41.88
C ALA E 151 28.66 86.84 -41.96
N ASP E 152 28.83 87.55 -40.85
CA ASP E 152 28.33 88.93 -40.69
C ASP E 152 26.82 88.88 -40.89
N SER E 153 26.23 89.68 -41.78
CA SER E 153 24.80 89.61 -42.01
C SER E 153 24.41 88.41 -42.86
N SER E 154 25.31 87.94 -43.72
CA SER E 154 24.97 86.85 -44.63
C SER E 154 24.93 85.52 -43.87
N PRO E 155 23.94 84.69 -44.13
CA PRO E 155 23.92 83.35 -43.51
C PRO E 155 24.79 82.36 -44.27
N VAL E 156 25.09 81.26 -43.61
CA VAL E 156 25.90 80.18 -44.17
C VAL E 156 25.05 78.92 -44.16
N LYS E 157 24.89 78.30 -45.33
CA LYS E 157 24.05 77.12 -45.47
C LYS E 157 24.83 75.84 -45.72
N ALA E 158 25.97 75.90 -46.42
CA ALA E 158 26.76 74.73 -46.74
C ALA E 158 28.03 74.70 -45.91
N GLY E 159 28.56 73.49 -45.75
CA GLY E 159 29.80 73.31 -45.01
C GLY E 159 29.64 73.27 -43.50
N VAL E 160 28.49 72.79 -43.01
CA VAL E 160 28.21 72.74 -41.58
C VAL E 160 27.99 71.28 -41.19
N GLU E 161 28.78 70.80 -40.24
CA GLU E 161 28.66 69.44 -39.71
C GLU E 161 28.35 69.54 -38.22
N THR E 162 27.14 69.16 -37.84
CA THR E 162 26.68 69.24 -36.45
C THR E 162 26.44 67.84 -35.91
N THR E 163 26.92 67.58 -34.70
CA THR E 163 26.78 66.28 -34.08
C THR E 163 25.43 66.16 -33.37
N THR E 164 25.06 64.92 -33.07
CA THR E 164 23.89 64.68 -32.25
C THR E 164 24.21 64.96 -30.79
N PRO E 165 23.23 65.46 -30.02
CA PRO E 165 23.48 65.75 -28.59
C PRO E 165 23.52 64.48 -27.73
N SER E 166 24.41 63.56 -28.09
CA SER E 166 24.53 62.30 -27.36
C SER E 166 25.22 62.46 -26.02
N LYS E 167 26.05 63.50 -25.85
CA LYS E 167 26.82 63.68 -24.64
C LYS E 167 25.90 63.86 -23.44
N GLN E 168 26.05 63.00 -22.43
CA GLN E 168 25.30 63.09 -21.18
C GLN E 168 26.21 62.70 -20.02
N SER E 169 27.27 63.48 -19.82
CA SER E 169 28.18 63.23 -18.71
C SER E 169 27.49 63.51 -17.36
N ASN E 170 27.12 64.77 -17.13
CA ASN E 170 26.32 65.15 -15.98
C ASN E 170 24.82 65.12 -16.27
N ASN E 171 24.39 64.18 -17.12
CA ASN E 171 22.99 64.04 -17.54
C ASN E 171 22.47 65.28 -18.26
N LYS E 172 23.38 66.11 -18.78
CA LYS E 172 23.02 67.27 -19.58
C LYS E 172 23.55 67.07 -20.99
N TYR E 173 22.87 67.66 -21.96
CA TYR E 173 23.20 67.47 -23.37
C TYR E 173 24.37 68.35 -23.78
N ALA E 174 25.07 67.92 -24.83
CA ALA E 174 26.17 68.68 -25.40
C ALA E 174 26.38 68.21 -26.83
N ALA E 175 26.69 69.17 -27.71
CA ALA E 175 26.88 68.89 -29.12
C ALA E 175 27.99 69.76 -29.67
N SER E 176 28.40 69.46 -30.91
CA SER E 176 29.48 70.18 -31.57
C SER E 176 29.04 70.54 -32.99
N SER E 177 29.55 71.67 -33.48
CA SER E 177 29.26 72.13 -34.83
C SER E 177 30.56 72.62 -35.46
N TYR E 178 30.80 72.22 -36.70
CA TYR E 178 32.03 72.55 -37.42
C TYR E 178 31.69 73.22 -38.74
N LEU E 179 32.28 74.39 -38.98
CA LEU E 179 32.11 75.15 -40.22
C LEU E 179 33.44 75.12 -40.96
N SER E 180 33.50 74.37 -42.05
CA SER E 180 34.74 74.19 -42.81
C SER E 180 34.83 75.24 -43.90
N LEU E 181 35.93 76.00 -43.90
CA LEU E 181 36.16 77.04 -44.89
C LEU E 181 37.61 76.99 -45.34
N THR E 182 37.93 77.74 -46.38
CA THR E 182 39.31 77.92 -46.81
C THR E 182 39.88 79.18 -46.16
N PRO E 183 41.21 79.26 -46.03
CA PRO E 183 41.81 80.47 -45.42
C PRO E 183 41.39 81.76 -46.10
N GLU E 184 41.29 81.77 -47.43
CA GLU E 184 40.80 82.95 -48.13
C GLU E 184 39.37 83.27 -47.72
N GLN E 185 38.51 82.26 -47.60
CA GLN E 185 37.14 82.49 -47.16
C GLN E 185 37.10 82.96 -45.71
N TRP E 186 38.00 82.43 -44.87
CA TRP E 186 38.02 82.86 -43.47
C TRP E 186 38.43 84.33 -43.35
N LYS E 187 39.44 84.75 -44.10
CA LYS E 187 39.89 86.13 -44.06
C LYS E 187 39.02 87.07 -44.89
N SER E 188 38.12 86.53 -45.71
CA SER E 188 37.26 87.35 -46.56
C SER E 188 36.28 88.17 -45.74
N HIS E 189 35.33 87.51 -45.08
CA HIS E 189 34.33 88.21 -44.30
C HIS E 189 34.96 88.85 -43.07
N LYS E 190 34.20 89.76 -42.44
CA LYS E 190 34.68 90.47 -41.27
C LYS E 190 34.65 89.57 -40.03
N SER E 191 33.50 88.96 -39.75
CA SER E 191 33.36 88.12 -38.56
C SER E 191 32.37 87.00 -38.86
N TYR E 192 32.60 85.86 -38.22
CA TYR E 192 31.72 84.71 -38.31
C TYR E 192 31.11 84.44 -36.94
N SER E 193 29.82 84.11 -36.92
CA SER E 193 29.08 83.95 -35.67
C SER E 193 28.32 82.63 -35.67
N CYS E 194 28.36 81.95 -34.53
CA CYS E 194 27.58 80.73 -34.31
C CYS E 194 26.34 81.09 -33.50
N GLN E 195 25.16 80.84 -34.06
CA GLN E 195 23.89 81.16 -33.42
C GLN E 195 23.21 79.86 -33.02
N VAL E 196 23.08 79.63 -31.71
CA VAL E 196 22.48 78.42 -31.16
C VAL E 196 21.09 78.76 -30.65
N THR E 197 20.10 77.98 -31.07
CA THR E 197 18.71 78.16 -30.66
C THR E 197 18.29 76.96 -29.83
N HIS E 198 18.20 77.16 -28.52
CA HIS E 198 17.79 76.12 -27.57
C HIS E 198 16.51 76.57 -26.89
N GLU E 199 15.46 75.74 -27.02
CA GLU E 199 14.13 76.10 -26.51
C GLU E 199 13.65 77.42 -27.09
N GLY E 200 13.99 77.67 -28.35
CA GLY E 200 13.73 78.93 -28.99
C GLY E 200 14.68 80.05 -28.62
N SER E 201 15.37 79.93 -27.49
CA SER E 201 16.25 81.00 -27.02
C SER E 201 17.51 81.06 -27.89
N THR E 202 17.87 82.26 -28.32
CA THR E 202 18.99 82.47 -29.22
C THR E 202 20.19 83.01 -28.44
N VAL E 203 21.29 82.27 -28.49
CA VAL E 203 22.57 82.71 -27.96
C VAL E 203 23.58 82.70 -29.09
N GLU E 204 24.38 83.75 -29.18
CA GLU E 204 25.27 83.96 -30.32
C GLU E 204 26.68 84.25 -29.84
N LYS E 205 27.66 83.58 -30.42
CA LYS E 205 29.07 83.85 -30.21
C LYS E 205 29.71 84.25 -31.54
N THR E 206 30.71 85.12 -31.48
CA THR E 206 31.30 85.69 -32.67
C THR E 206 32.82 85.71 -32.57
N VAL E 207 33.49 85.40 -33.68
CA VAL E 207 34.93 85.49 -33.79
C VAL E 207 35.26 86.22 -35.09
N ALA E 208 36.53 86.62 -35.21
CA ALA E 208 37.00 87.38 -36.37
C ALA E 208 38.48 87.10 -36.58
N PRO E 209 38.96 87.20 -37.82
CA PRO E 209 40.40 87.00 -38.06
C PRO E 209 41.23 88.10 -37.41
N THR E 210 42.31 87.68 -36.76
CA THR E 210 43.22 88.62 -36.11
C THR E 210 44.63 88.04 -36.02
N VAL F 1 35.87 41.77 -9.93
CA VAL F 1 37.13 41.75 -10.65
C VAL F 1 37.14 42.85 -11.71
N GLN F 2 38.26 42.99 -12.41
CA GLN F 2 38.44 44.02 -13.43
C GLN F 2 38.70 43.35 -14.77
N LEU F 3 38.02 43.83 -15.81
CA LEU F 3 38.15 43.30 -17.16
C LEU F 3 38.46 44.42 -18.12
N GLN F 4 39.42 44.20 -19.01
CA GLN F 4 39.80 45.17 -20.03
C GLN F 4 39.84 44.49 -21.39
N GLU F 5 39.36 45.20 -22.41
CA GLU F 5 39.28 44.68 -23.75
C GLU F 5 40.33 45.32 -24.65
N SER F 6 40.80 44.54 -25.63
CA SER F 6 41.77 45.01 -26.61
C SER F 6 41.38 44.46 -27.97
N GLY F 7 41.45 45.31 -28.99
CA GLY F 7 41.06 44.92 -30.32
C GLY F 7 41.85 45.64 -31.41
N PRO F 8 41.64 45.25 -32.66
CA PRO F 8 42.38 45.87 -33.76
C PRO F 8 41.79 47.22 -34.18
N GLY F 9 40.54 47.51 -33.81
CA GLY F 9 39.81 48.72 -34.21
C GLY F 9 39.20 48.70 -35.60
N LEU F 10 39.89 48.09 -36.56
CA LEU F 10 39.38 48.03 -37.93
C LEU F 10 39.81 46.71 -38.56
N VAL F 11 38.85 46.03 -39.19
CA VAL F 11 39.11 44.77 -39.88
C VAL F 11 38.38 44.81 -41.22
N ARG F 12 39.10 44.50 -42.30
CA ARG F 12 38.47 44.43 -43.61
C ARG F 12 37.47 43.28 -43.66
N PRO F 13 36.43 43.40 -44.48
CA PRO F 13 35.49 42.27 -44.65
C PRO F 13 36.20 41.04 -45.19
N SER F 14 35.57 39.88 -44.97
CA SER F 14 36.11 38.59 -45.39
C SER F 14 37.46 38.31 -44.73
N GLU F 15 37.61 38.75 -43.48
CA GLU F 15 38.82 38.50 -42.71
C GLU F 15 38.41 37.91 -41.36
N THR F 16 39.31 38.00 -40.38
CA THR F 16 39.11 37.37 -39.08
C THR F 16 39.27 38.42 -37.98
N LEU F 17 38.16 38.79 -37.35
CA LEU F 17 38.21 39.67 -36.19
C LEU F 17 38.77 38.90 -34.98
N SER F 18 39.50 39.61 -34.14
CA SER F 18 40.10 39.00 -32.96
C SER F 18 40.21 40.03 -31.85
N VAL F 19 39.68 39.70 -30.67
CA VAL F 19 39.73 40.57 -29.50
C VAL F 19 40.25 39.78 -28.31
N THR F 20 40.82 40.49 -27.35
CA THR F 20 41.43 39.90 -26.18
C THR F 20 40.87 40.55 -24.92
N CYS F 21 40.70 39.75 -23.87
CA CYS F 21 40.11 40.20 -22.61
C CYS F 21 41.08 39.91 -21.48
N ILE F 22 41.73 40.94 -20.97
CA ILE F 22 42.65 40.81 -19.85
C ILE F 22 41.87 40.93 -18.54
N VAL F 23 42.03 39.93 -17.67
CA VAL F 23 41.30 39.87 -16.41
C VAL F 23 42.29 40.10 -15.27
N SER F 24 41.76 40.60 -14.15
CA SER F 24 42.58 40.87 -12.98
C SER F 24 41.67 40.90 -11.75
N GLY F 25 42.25 40.58 -10.60
CA GLY F 25 41.50 40.50 -9.37
C GLY F 25 40.90 39.14 -9.07
N GLY F 26 41.28 38.12 -9.82
CA GLY F 26 40.74 36.79 -9.59
C GLY F 26 41.30 35.83 -10.62
N SER F 27 41.29 34.56 -10.25
CA SER F 27 41.81 33.52 -11.12
C SER F 27 40.92 33.35 -12.35
N ILE F 28 41.52 32.83 -13.42
CA ILE F 28 40.81 32.64 -14.68
C ILE F 28 40.33 31.22 -14.87
N SER F 29 40.81 30.26 -14.07
CA SER F 29 40.46 28.86 -14.25
C SER F 29 39.19 28.45 -13.51
N ASN F 30 38.70 29.28 -12.59
CA ASN F 30 37.55 28.93 -11.76
C ASN F 30 36.34 29.81 -12.04
N TYR F 31 36.15 30.23 -13.29
CA TYR F 31 35.05 31.09 -13.64
C TYR F 31 34.60 30.83 -15.07
N TYR F 32 33.29 30.94 -15.30
CA TYR F 32 32.74 30.90 -16.64
C TYR F 32 32.91 32.27 -17.29
N TRP F 33 33.49 32.29 -18.48
CA TRP F 33 33.69 33.52 -19.24
C TRP F 33 32.75 33.56 -20.44
N THR F 34 32.46 34.77 -20.91
CA THR F 34 31.51 34.94 -22.00
C THR F 34 31.86 36.20 -22.79
N TRP F 35 31.47 36.20 -24.06
CA TRP F 35 31.63 37.34 -24.95
C TRP F 35 30.26 37.83 -25.42
N ILE F 36 30.06 39.14 -25.40
CA ILE F 36 28.82 39.77 -25.85
C ILE F 36 29.18 41.02 -26.63
N ARG F 37 28.35 41.35 -27.62
CA ARG F 37 28.58 42.50 -28.48
C ARG F 37 27.31 43.33 -28.61
N GLN F 38 27.48 44.53 -29.16
CA GLN F 38 26.35 45.42 -29.44
C GLN F 38 26.67 46.24 -30.69
N SER F 39 25.90 46.01 -31.75
CA SER F 39 26.09 46.73 -33.01
C SER F 39 25.32 48.04 -33.01
N PRO F 40 25.75 49.03 -33.78
CA PRO F 40 24.99 50.28 -33.89
C PRO F 40 23.60 50.02 -34.45
N GLY F 41 22.60 50.52 -33.74
CA GLY F 41 21.21 50.30 -34.11
C GLY F 41 20.65 48.95 -33.68
N LYS F 42 21.45 48.12 -33.02
CA LYS F 42 21.01 46.83 -32.52
C LYS F 42 21.28 46.72 -31.03
N GLY F 43 20.52 45.86 -30.37
CA GLY F 43 20.68 45.63 -28.95
C GLY F 43 21.85 44.70 -28.65
N LEU F 44 21.95 44.34 -27.38
CA LEU F 44 23.00 43.43 -26.94
C LEU F 44 22.77 42.04 -27.53
N GLU F 45 23.79 41.49 -28.17
CA GLU F 45 23.72 40.16 -28.77
C GLU F 45 24.73 39.25 -28.08
N TRP F 46 24.21 38.23 -27.39
CA TRP F 46 25.08 37.28 -26.70
C TRP F 46 25.83 36.43 -27.71
N ILE F 47 27.16 36.52 -27.70
CA ILE F 47 27.97 35.76 -28.65
C ILE F 47 28.12 34.33 -28.20
N GLY F 48 28.74 34.13 -27.04
CA GLY F 48 28.94 32.78 -26.53
C GLY F 48 29.59 32.81 -25.17
N TYR F 49 29.98 31.64 -24.69
CA TYR F 49 30.63 31.52 -23.40
C TYR F 49 31.53 30.30 -23.38
N ILE F 50 32.41 30.25 -22.39
CA ILE F 50 33.32 29.13 -22.18
C ILE F 50 33.28 28.75 -20.71
N SER F 51 33.26 27.44 -20.44
CA SER F 51 33.18 26.93 -19.08
C SER F 51 34.58 26.83 -18.46
N ASP F 52 34.64 26.34 -17.23
CA ASP F 52 35.92 26.09 -16.56
C ASP F 52 36.60 24.82 -17.07
N ARG F 53 35.89 23.98 -17.82
CA ARG F 53 36.46 22.81 -18.47
C ARG F 53 36.92 23.10 -19.89
N GLU F 54 36.93 24.38 -20.29
CA GLU F 54 37.34 24.80 -21.62
C GLU F 54 36.46 24.18 -22.72
N THR F 55 35.19 23.95 -22.40
CA THR F 55 34.20 23.48 -23.37
C THR F 55 33.27 24.65 -23.68
N THR F 56 33.38 25.18 -24.89
CA THR F 56 32.68 26.39 -25.27
C THR F 56 31.29 26.09 -25.83
N THR F 57 30.44 27.11 -25.79
CA THR F 57 29.10 27.04 -26.34
C THR F 57 28.76 28.41 -26.93
N TYR F 58 28.36 28.43 -28.19
CA TYR F 58 28.16 29.68 -28.92
C TYR F 58 26.70 29.86 -29.31
N ASN F 59 26.36 31.10 -29.65
CA ASN F 59 25.02 31.40 -30.13
C ASN F 59 24.83 30.79 -31.52
N PRO F 60 23.72 30.08 -31.76
CA PRO F 60 23.47 29.55 -33.10
C PRO F 60 23.20 30.61 -34.16
N SER F 61 23.15 31.89 -33.79
CA SER F 61 22.95 32.95 -34.78
C SER F 61 24.24 33.37 -35.45
N LEU F 62 25.39 33.12 -34.84
CA LEU F 62 26.68 33.47 -35.42
C LEU F 62 27.13 32.48 -36.49
N ASN F 63 26.37 31.43 -36.74
CA ASN F 63 26.67 30.43 -37.78
C ASN F 63 28.04 29.79 -37.54
N SER F 64 28.38 29.59 -36.27
CA SER F 64 29.64 28.92 -35.88
C SER F 64 30.87 29.64 -36.43
N ARG F 65 30.79 30.97 -36.54
CA ARG F 65 31.93 31.76 -36.98
C ARG F 65 32.77 32.28 -35.82
N ALA F 66 32.41 31.95 -34.58
CA ALA F 66 33.10 32.45 -33.40
C ALA F 66 33.83 31.32 -32.70
N VAL F 67 35.00 31.63 -32.14
CA VAL F 67 35.79 30.69 -31.37
C VAL F 67 36.32 31.41 -30.14
N ILE F 68 36.02 30.89 -28.95
CA ILE F 68 36.46 31.47 -27.69
C ILE F 68 37.50 30.54 -27.08
N SER F 69 38.61 31.12 -26.62
CA SER F 69 39.69 30.36 -26.02
C SER F 69 40.16 31.06 -24.76
N ARG F 70 40.82 30.29 -23.89
CA ARG F 70 41.32 30.80 -22.61
C ARG F 70 42.80 30.47 -22.48
N ASP F 71 43.57 31.45 -22.02
CA ASP F 71 45.01 31.30 -21.81
C ASP F 71 45.32 31.59 -20.35
N THR F 72 45.79 30.57 -19.62
CA THR F 72 46.07 30.73 -18.21
C THR F 72 47.43 31.33 -17.93
N SER F 73 48.34 31.35 -18.91
CA SER F 73 49.66 31.93 -18.70
C SER F 73 49.57 33.44 -18.51
N LYS F 74 48.78 34.12 -19.34
CA LYS F 74 48.59 35.56 -19.24
C LYS F 74 47.23 35.93 -18.66
N ASN F 75 46.41 34.93 -18.29
CA ASN F 75 45.08 35.15 -17.74
C ASN F 75 44.24 36.04 -18.65
N GLN F 76 44.10 35.58 -19.90
CA GLN F 76 43.40 36.34 -20.93
C GLN F 76 42.37 35.47 -21.62
N LEU F 77 41.24 36.08 -21.96
CA LEU F 77 40.22 35.46 -22.79
C LEU F 77 40.38 35.97 -24.22
N SER F 78 40.11 35.09 -25.18
CA SER F 78 40.31 35.41 -26.59
C SER F 78 39.09 35.02 -27.40
N LEU F 79 38.67 35.91 -28.29
CA LEU F 79 37.53 35.67 -29.18
C LEU F 79 37.98 35.93 -30.62
N GLN F 80 37.66 34.99 -31.51
CA GLN F 80 38.01 35.11 -32.92
C GLN F 80 36.75 34.91 -33.75
N LEU F 81 36.43 35.90 -34.59
CA LEU F 81 35.26 35.86 -35.46
C LEU F 81 35.75 35.89 -36.90
N ARG F 82 35.60 34.78 -37.61
CA ARG F 82 36.06 34.67 -38.98
C ARG F 82 34.97 35.09 -39.96
N SER F 83 35.41 35.53 -41.15
CA SER F 83 34.51 35.97 -42.22
C SER F 83 33.59 37.09 -41.74
N VAL F 84 34.21 38.21 -41.39
CA VAL F 84 33.47 39.36 -40.88
C VAL F 84 32.83 40.12 -42.04
N THR F 85 31.75 40.83 -41.74
CA THR F 85 31.03 41.66 -42.70
C THR F 85 30.72 43.00 -42.04
N THR F 86 30.01 43.85 -42.79
CA THR F 86 29.70 45.19 -42.28
C THR F 86 28.78 45.13 -41.07
N ALA F 87 28.01 44.05 -40.94
CA ALA F 87 27.10 43.92 -39.81
C ALA F 87 27.82 43.55 -38.53
N ASP F 88 29.03 42.99 -38.63
CA ASP F 88 29.76 42.57 -37.44
C ASP F 88 30.40 43.74 -36.70
N THR F 89 30.31 44.96 -37.24
CA THR F 89 30.81 46.13 -36.55
C THR F 89 30.02 46.33 -35.26
N ALA F 90 30.71 46.25 -34.12
CA ALA F 90 30.05 46.31 -32.83
C ALA F 90 31.09 46.58 -31.75
N ILE F 91 30.58 46.95 -30.57
CA ILE F 91 31.40 47.07 -29.37
C ILE F 91 31.36 45.73 -28.64
N TYR F 92 32.52 45.18 -28.33
CA TYR F 92 32.65 43.83 -27.80
C TYR F 92 32.98 43.88 -26.32
N PHE F 93 32.09 43.32 -25.50
CA PHE F 93 32.29 43.22 -24.07
C PHE F 93 32.62 41.77 -23.69
N CYS F 94 33.48 41.60 -22.70
CA CYS F 94 33.70 40.31 -22.07
C CYS F 94 33.22 40.38 -20.63
N ALA F 95 32.59 39.30 -20.17
CA ALA F 95 31.95 39.29 -18.86
C ALA F 95 32.18 37.94 -18.19
N THR F 96 31.89 37.90 -16.89
CA THR F 96 31.96 36.68 -16.10
C THR F 96 30.55 36.15 -15.89
N ALA F 97 30.31 34.91 -16.30
CA ALA F 97 28.99 34.30 -16.22
C ALA F 97 28.91 33.39 -15.01
N ARG F 98 27.78 33.45 -14.32
CA ARG F 98 27.48 32.58 -13.18
C ARG F 98 26.29 31.71 -13.55
N ARG F 99 26.39 30.42 -13.26
CA ARG F 99 25.32 29.48 -13.58
C ARG F 99 24.52 29.18 -12.32
N GLY F 100 23.23 29.48 -12.36
CA GLY F 100 22.31 29.14 -11.30
C GLY F 100 21.40 28.02 -11.72
N GLN F 101 21.05 27.15 -10.78
CA GLN F 101 20.16 26.03 -11.02
C GLN F 101 18.75 26.39 -10.58
N ARG F 102 17.79 26.26 -11.48
CA ARG F 102 16.39 26.62 -11.25
C ARG F 102 15.56 25.35 -11.25
N ILE F 103 15.11 24.93 -10.06
CA ILE F 103 14.39 23.68 -9.87
C ILE F 103 12.92 23.98 -9.60
N TYR F 104 12.04 23.30 -10.32
CA TYR F 104 10.60 23.43 -10.11
C TYR F 104 9.95 22.09 -9.80
N GLY F 105 10.74 21.09 -9.41
CA GLY F 105 10.21 19.78 -9.09
C GLY F 105 11.28 18.77 -8.77
N VAL F 106 11.09 17.52 -9.20
CA VAL F 106 12.03 16.45 -8.88
C VAL F 106 13.30 16.64 -9.70
N VAL F 107 14.45 16.57 -9.02
CA VAL F 107 15.73 16.66 -9.71
C VAL F 107 15.96 15.43 -10.58
N SER F 108 15.47 14.27 -10.14
CA SER F 108 15.64 13.05 -10.93
C SER F 108 14.79 13.06 -12.19
N PHE F 109 13.63 13.74 -12.15
CA PHE F 109 12.74 13.81 -13.29
C PHE F 109 13.15 14.87 -14.30
N GLY F 110 14.31 15.50 -14.12
CA GLY F 110 14.73 16.56 -15.02
C GLY F 110 13.88 17.80 -14.96
N GLU F 111 13.11 17.98 -13.88
CA GLU F 111 12.25 19.15 -13.75
C GLU F 111 13.04 20.33 -13.21
N PHE F 112 14.13 20.67 -13.89
CA PHE F 112 14.98 21.80 -13.52
C PHE F 112 15.78 22.20 -14.74
N PHE F 113 16.26 23.45 -14.74
CA PHE F 113 17.08 23.95 -15.82
C PHE F 113 18.15 24.89 -15.27
N TYR F 114 19.15 25.16 -16.09
CA TYR F 114 20.26 26.04 -15.73
C TYR F 114 20.12 27.37 -16.47
N TYR F 115 20.32 28.47 -15.74
CA TYR F 115 20.34 29.80 -16.33
C TYR F 115 21.67 30.46 -16.01
N TYR F 116 22.07 31.39 -16.88
CA TYR F 116 23.33 32.10 -16.75
C TYR F 116 23.08 33.59 -16.59
N TYR F 117 23.79 34.20 -15.64
CA TYR F 117 23.71 35.64 -15.41
C TYR F 117 25.11 36.20 -15.24
N MET F 118 25.38 37.31 -15.91
CA MET F 118 26.69 37.95 -15.87
C MET F 118 26.68 39.06 -14.83
N ASP F 119 27.63 38.98 -13.89
CA ASP F 119 27.72 39.95 -12.79
C ASP F 119 28.79 41.01 -13.02
N VAL F 120 29.95 40.63 -13.55
CA VAL F 120 31.05 41.56 -13.81
C VAL F 120 31.21 41.70 -15.32
N TRP F 121 31.34 42.94 -15.78
CA TRP F 121 31.46 43.25 -17.20
C TRP F 121 32.77 44.00 -17.45
N GLY F 122 32.99 44.31 -18.73
CA GLY F 122 34.08 45.18 -19.14
C GLY F 122 33.56 46.35 -19.93
N LYS F 123 34.36 47.42 -20.05
CA LYS F 123 33.86 48.61 -20.74
C LYS F 123 33.74 48.40 -22.24
N GLY F 124 34.43 47.40 -22.79
CA GLY F 124 34.26 47.05 -24.19
C GLY F 124 35.28 47.71 -25.10
N THR F 125 35.47 47.10 -26.26
CA THR F 125 36.34 47.63 -27.30
C THR F 125 35.52 47.83 -28.58
N ALA F 126 35.80 48.93 -29.28
CA ALA F 126 35.09 49.27 -30.50
C ALA F 126 35.89 48.76 -31.70
N VAL F 127 35.29 47.84 -32.46
CA VAL F 127 35.92 47.26 -33.65
C VAL F 127 35.00 47.51 -34.84
N THR F 128 35.50 48.24 -35.83
CA THR F 128 34.73 48.57 -37.02
C THR F 128 35.17 47.68 -38.18
N VAL F 129 34.25 47.43 -39.11
CA VAL F 129 34.52 46.63 -40.29
C VAL F 129 34.39 47.53 -41.50
N SER F 130 35.50 47.76 -42.21
CA SER F 130 35.50 48.60 -43.41
C SER F 130 36.68 48.22 -44.27
N SER F 131 36.56 48.51 -45.57
CA SER F 131 37.63 48.19 -46.51
C SER F 131 38.69 49.27 -46.59
N ALA F 132 38.41 50.46 -46.05
CA ALA F 132 39.38 51.54 -46.08
C ALA F 132 40.48 51.30 -45.04
N SER F 133 41.51 52.14 -45.10
CA SER F 133 42.64 52.06 -44.21
C SER F 133 42.55 53.12 -43.12
N THR F 134 43.32 52.91 -42.06
CA THR F 134 43.34 53.84 -40.94
C THR F 134 44.16 55.08 -41.28
N LYS F 135 43.63 56.24 -40.92
CA LYS F 135 44.27 57.51 -41.20
C LYS F 135 44.62 58.20 -39.88
N GLY F 136 45.85 58.69 -39.79
CA GLY F 136 46.31 59.39 -38.61
C GLY F 136 45.64 60.74 -38.45
N PRO F 137 45.31 61.10 -37.22
CA PRO F 137 44.61 62.36 -36.98
C PRO F 137 45.57 63.54 -36.91
N SER F 138 45.06 64.70 -37.33
CA SER F 138 45.78 65.97 -37.22
C SER F 138 45.22 66.74 -36.04
N VAL F 139 46.10 67.12 -35.12
CA VAL F 139 45.71 67.78 -33.87
C VAL F 139 46.17 69.23 -33.92
N PHE F 140 45.24 70.15 -33.69
CA PHE F 140 45.50 71.58 -33.70
C PHE F 140 45.14 72.20 -32.36
N PRO F 141 45.86 73.24 -31.93
CA PRO F 141 45.53 73.90 -30.67
C PRO F 141 44.48 74.99 -30.84
N LEU F 142 43.70 75.18 -29.78
CA LEU F 142 42.67 76.21 -29.72
C LEU F 142 43.01 77.12 -28.54
N ALA F 143 43.70 78.22 -28.84
CA ALA F 143 44.20 79.09 -27.79
C ALA F 143 43.06 79.86 -27.13
N PRO F 144 43.18 80.17 -25.82
CA PRO F 144 42.18 80.95 -25.09
C PRO F 144 42.18 82.42 -25.49
N SER F 145 36.76 85.85 -19.32
CA SER F 145 35.43 85.28 -19.18
C SER F 145 35.19 84.76 -17.76
N GLY F 146 34.91 85.67 -16.85
CA GLY F 146 34.68 85.31 -15.46
C GLY F 146 35.90 84.74 -14.76
N GLY F 147 37.08 85.30 -15.02
CA GLY F 147 38.30 84.82 -14.43
C GLY F 147 38.84 83.53 -15.01
N THR F 148 38.13 82.91 -15.96
CA THR F 148 38.55 81.67 -16.58
C THR F 148 38.55 81.84 -18.10
N ALA F 149 39.05 80.82 -18.79
CA ALA F 149 39.12 80.83 -20.24
C ALA F 149 39.10 79.40 -20.76
N ALA F 150 38.67 79.25 -22.01
CA ALA F 150 38.55 77.95 -22.65
C ALA F 150 39.80 77.68 -23.47
N LEU F 151 40.45 76.54 -23.19
CA LEU F 151 41.65 76.11 -23.91
C LEU F 151 41.42 74.68 -24.36
N GLY F 152 41.45 74.44 -25.68
CA GLY F 152 41.07 73.15 -26.22
C GLY F 152 42.05 72.65 -27.25
N CYS F 153 41.91 71.36 -27.57
CA CYS F 153 42.64 70.70 -28.64
C CYS F 153 41.65 70.10 -29.62
N LEU F 154 41.92 70.27 -30.91
CA LEU F 154 41.00 69.87 -31.98
C LEU F 154 41.63 68.73 -32.77
N VAL F 155 41.05 67.54 -32.64
CA VAL F 155 41.49 66.35 -33.36
C VAL F 155 40.61 66.17 -34.59
N LYS F 156 41.24 66.07 -35.76
CA LYS F 156 40.51 66.05 -37.02
C LYS F 156 41.07 64.98 -37.94
N ASP F 157 40.19 64.45 -38.80
CA ASP F 157 40.56 63.56 -39.90
C ASP F 157 41.24 62.29 -39.38
N TYR F 158 40.43 61.46 -38.72
CA TYR F 158 40.89 60.16 -38.26
C TYR F 158 39.81 59.12 -38.54
N PHE F 159 40.23 57.87 -38.64
CA PHE F 159 39.33 56.76 -38.92
C PHE F 159 40.01 55.44 -38.59
N PRO F 160 39.37 54.58 -37.78
CA PRO F 160 38.15 54.90 -37.05
C PRO F 160 38.39 55.03 -35.55
N GLU F 161 37.32 55.31 -34.79
CA GLU F 161 37.40 55.26 -33.33
C GLU F 161 37.76 53.84 -32.90
N PRO F 162 38.28 53.66 -31.67
CA PRO F 162 38.47 54.61 -30.55
C PRO F 162 39.66 55.56 -30.69
N VAL F 163 39.58 56.67 -29.96
CA VAL F 163 40.67 57.63 -29.85
C VAL F 163 40.61 58.26 -28.46
N THR F 164 41.74 58.29 -27.77
CA THR F 164 41.80 58.77 -26.40
C THR F 164 42.49 60.14 -26.35
N VAL F 165 41.95 61.03 -25.54
CA VAL F 165 42.49 62.38 -25.37
C VAL F 165 42.66 62.65 -23.89
N SER F 166 43.90 62.88 -23.46
CA SER F 166 44.21 63.19 -22.08
C SER F 166 44.86 64.56 -21.98
N TRP F 167 44.94 65.08 -20.77
CA TRP F 167 45.52 66.40 -20.51
C TRP F 167 46.56 66.26 -19.39
N ASN F 168 47.84 66.29 -19.78
CA ASN F 168 48.95 66.18 -18.83
C ASN F 168 48.81 64.92 -17.97
N SER F 169 48.48 63.80 -18.62
CA SER F 169 48.20 62.52 -17.96
C SER F 169 47.05 62.74 -16.98
N GLY F 170 47.22 62.46 -15.70
CA GLY F 170 46.17 62.66 -14.71
C GLY F 170 46.26 63.93 -13.91
N ALA F 171 47.08 64.90 -14.33
CA ALA F 171 47.24 66.13 -13.57
C ALA F 171 46.06 67.08 -13.78
N LEU F 172 45.47 67.10 -14.97
CA LEU F 172 44.37 68.00 -15.31
C LEU F 172 43.09 67.19 -15.39
N THR F 173 42.18 67.41 -14.45
CA THR F 173 40.90 66.72 -14.41
C THR F 173 39.71 67.67 -14.39
N SER F 174 39.82 68.80 -13.70
CA SER F 174 38.72 69.75 -13.61
C SER F 174 38.61 70.54 -14.91
N GLY F 175 37.39 70.60 -15.46
CA GLY F 175 37.14 71.31 -16.69
C GLY F 175 37.39 70.52 -17.96
N VAL F 176 37.98 69.33 -17.85
CA VAL F 176 38.28 68.51 -19.03
C VAL F 176 36.97 67.99 -19.60
N HIS F 177 36.60 68.45 -20.78
CA HIS F 177 35.37 68.03 -21.45
C HIS F 177 35.71 67.62 -22.87
N THR F 178 35.48 66.35 -23.20
CA THR F 178 35.73 65.80 -24.53
C THR F 178 34.39 65.60 -25.22
N PHE F 179 34.06 66.48 -26.15
CA PHE F 179 32.80 66.43 -26.85
C PHE F 179 32.74 65.21 -27.77
N PRO F 180 31.54 64.73 -28.10
CA PRO F 180 31.42 63.58 -28.99
C PRO F 180 31.99 63.87 -30.38
N ALA F 181 32.34 62.81 -31.07
CA ALA F 181 32.95 62.92 -32.39
C ALA F 181 31.88 63.17 -33.45
N VAL F 182 32.25 63.90 -34.49
CA VAL F 182 31.38 64.20 -35.62
C VAL F 182 31.75 63.28 -36.77
N LEU F 183 30.75 62.89 -37.56
CA LEU F 183 30.96 62.09 -38.76
C LEU F 183 30.71 62.98 -39.96
N GLN F 184 31.79 63.37 -40.64
CA GLN F 184 31.70 64.25 -41.79
C GLN F 184 31.22 63.46 -43.01
N SER F 185 30.95 64.19 -44.10
CA SER F 185 30.50 63.57 -45.34
C SER F 185 31.59 62.75 -46.01
N SER F 186 32.86 62.97 -45.65
CA SER F 186 33.98 62.25 -46.21
C SER F 186 34.26 60.93 -45.52
N GLY F 187 33.49 60.59 -44.49
CA GLY F 187 33.76 59.39 -43.71
C GLY F 187 34.86 59.56 -42.69
N LEU F 188 35.24 60.78 -42.36
CA LEU F 188 36.28 61.07 -41.40
C LEU F 188 35.68 61.68 -40.15
N TYR F 189 36.25 61.36 -39.00
CA TYR F 189 35.75 61.81 -37.72
C TYR F 189 36.61 62.94 -37.16
N SER F 190 36.00 63.70 -36.24
CA SER F 190 36.68 64.83 -35.61
C SER F 190 35.99 65.13 -34.28
N LEU F 191 36.79 65.58 -33.32
CA LEU F 191 36.27 65.90 -32.00
C LEU F 191 37.08 67.04 -31.40
N SER F 192 36.59 67.56 -30.28
CA SER F 192 37.24 68.65 -29.56
C SER F 192 37.25 68.35 -28.07
N SER F 193 38.36 68.69 -27.42
CA SER F 193 38.52 68.50 -25.99
C SER F 193 38.98 69.82 -25.37
N VAL F 194 38.11 70.46 -24.58
CA VAL F 194 38.39 71.76 -24.03
C VAL F 194 38.54 71.65 -22.51
N VAL F 195 39.23 72.63 -21.94
CA VAL F 195 39.43 72.71 -20.49
C VAL F 195 39.19 74.16 -20.07
N THR F 196 38.49 74.34 -18.94
CA THR F 196 38.25 75.67 -18.38
C THR F 196 39.36 75.96 -17.38
N VAL F 197 40.30 76.82 -17.78
CA VAL F 197 41.47 77.14 -16.97
C VAL F 197 41.36 78.56 -16.45
N PRO F 198 41.69 78.81 -15.18
CA PRO F 198 41.72 80.20 -14.69
C PRO F 198 42.66 81.06 -15.50
N SER F 199 42.29 82.35 -15.63
CA SER F 199 43.08 83.26 -16.46
C SER F 199 44.47 83.49 -15.89
N SER F 200 44.59 83.54 -14.56
CA SER F 200 45.89 83.73 -13.94
C SER F 200 46.82 82.54 -14.15
N SER F 201 46.26 81.35 -14.39
CA SER F 201 47.08 80.18 -14.63
C SER F 201 47.76 80.19 -15.99
N LEU F 202 47.27 81.01 -16.92
CA LEU F 202 47.88 81.11 -18.23
C LEU F 202 49.22 81.83 -18.14
N GLY F 203 50.14 81.42 -19.01
CA GLY F 203 51.48 81.98 -19.03
C GLY F 203 52.44 81.38 -18.03
N THR F 204 51.95 80.80 -16.94
CA THR F 204 52.80 80.17 -15.94
C THR F 204 52.62 78.66 -15.85
N GLN F 205 51.47 78.14 -16.22
CA GLN F 205 51.19 76.71 -16.17
C GLN F 205 51.09 76.16 -17.58
N THR F 206 51.72 75.00 -17.81
CA THR F 206 51.71 74.36 -19.11
C THR F 206 50.56 73.35 -19.19
N TYR F 207 49.94 73.27 -20.36
CA TYR F 207 48.82 72.36 -20.60
C TYR F 207 49.04 71.67 -21.94
N ILE F 208 49.42 70.39 -21.89
CA ILE F 208 49.67 69.60 -23.09
C ILE F 208 48.60 68.52 -23.19
N CYS F 209 48.01 68.39 -24.38
CA CYS F 209 46.98 67.38 -24.64
C CYS F 209 47.61 66.21 -25.38
N ASN F 210 47.35 65.00 -24.90
CA ASN F 210 47.89 63.78 -25.46
C ASN F 210 46.79 63.05 -26.23
N VAL F 211 46.99 62.88 -27.54
CA VAL F 211 46.01 62.24 -28.40
C VAL F 211 46.59 60.93 -28.89
N ASN F 212 45.82 59.84 -28.73
CA ASN F 212 46.25 58.51 -29.10
C ASN F 212 45.18 57.87 -29.97
N HIS F 213 45.56 57.43 -31.17
CA HIS F 213 44.67 56.73 -32.09
C HIS F 213 45.27 55.34 -32.33
N LYS F 214 44.66 54.33 -31.71
CA LYS F 214 45.17 52.97 -31.73
C LYS F 214 45.11 52.30 -33.10
N PRO F 215 44.01 52.43 -33.87
CA PRO F 215 43.99 51.76 -35.19
C PRO F 215 45.11 52.23 -36.12
N SER F 216 45.47 53.51 -36.09
CA SER F 216 46.56 54.01 -36.91
C SER F 216 47.89 54.05 -36.16
N ASN F 217 47.90 53.70 -34.88
CA ASN F 217 49.12 53.65 -34.07
C ASN F 217 49.82 55.02 -34.05
N THR F 218 49.08 56.05 -33.67
CA THR F 218 49.59 57.41 -33.61
C THR F 218 49.45 57.95 -32.21
N LYS F 219 50.48 58.67 -31.75
CA LYS F 219 50.49 59.30 -30.44
C LYS F 219 51.16 60.66 -30.56
N VAL F 220 50.41 61.72 -30.26
CA VAL F 220 50.88 63.09 -30.45
C VAL F 220 50.57 63.89 -29.19
N ASP F 221 51.55 64.68 -28.74
CA ASP F 221 51.40 65.58 -27.61
C ASP F 221 51.51 67.01 -28.13
N LYS F 222 50.43 67.79 -27.97
CA LYS F 222 50.36 69.16 -28.45
C LYS F 222 50.23 70.11 -27.28
N LYS F 223 51.03 71.18 -27.29
CA LYS F 223 50.97 72.22 -26.28
C LYS F 223 50.24 73.43 -26.85
N VAL F 224 49.23 73.91 -26.13
CA VAL F 224 48.42 75.04 -26.56
C VAL F 224 48.95 76.29 -25.88
N GLU F 225 49.29 77.29 -26.68
CA GLU F 225 49.80 78.56 -26.18
C GLU F 225 48.88 79.69 -26.64
N PRO F 226 48.48 80.59 -25.73
CA PRO F 226 47.60 81.71 -26.09
C PRO F 226 48.32 82.75 -26.95
#